data_6EV1
#
_entry.id   6EV1
#
_cell.length_a   94.084
_cell.length_b   112.832
_cell.length_c   140.816
_cell.angle_alpha   90.00
_cell.angle_beta   98.61
_cell.angle_gamma   90.00
#
_symmetry.space_group_name_H-M   'P 1 21 1'
#
loop_
_entity.id
_entity.type
_entity.pdbx_description
1 polymer 'Heavy chain'
2 polymer 'Light chain'
3 water water
#
loop_
_entity_poly.entity_id
_entity_poly.type
_entity_poly.pdbx_seq_one_letter_code
_entity_poly.pdbx_strand_id
1 'polypeptide(L)'
;EVQLQQSGAELAKPGASVKMSCKASGYTFTSYWMHWVKQRPGQGLEWIGYINPSTGYTEYNQKFKDKATLTADKSSSTAY
MQLSSLTSEDSAVYYCAPLWPLGTDYWGQGTTLTVSSASTKGPSVFPLAPSSKSTSGGTAALGCLVKDYFPEPVTVSWNS
GALTSGVHTFPAVLQSSGLYSLSSVVTVPSSSLGTQTYICNVNHKPSNTKVDKKVEPKSC
;
A,C,E,G,I,K
2 'polypeptide(L)'
;DIVLTQSPAIMSASPGEKVTMTCSASSSVSYMHWYQQKSGTSPKRWIYDTSKLASGVPARFSGSGSGTSYSLTISSMEAE
DAATYYCQQWSSNPPTFGAGTKLELKRTVAAPSVFIFPPSDEQLKSGTASVVCLLNNFYPREAKVQWKVDNALQSGNSQE
SVTEQDSKDSTYSLSSTLTLSKADYEKHKVYACEVTHQGLRSPVTKSFNRGEC
;
B,D,F,H,J,L
#
# COMPACT_ATOMS: atom_id res chain seq x y z
N GLU A 1 25.62 -15.09 9.41
CA GLU A 1 26.50 -16.24 9.27
C GLU A 1 26.83 -16.84 10.63
N VAL A 2 27.12 -15.97 11.59
CA VAL A 2 27.39 -16.40 12.96
C VAL A 2 26.08 -16.74 13.64
N GLN A 3 25.96 -17.96 14.14
CA GLN A 3 24.79 -18.37 14.89
C GLN A 3 25.23 -19.10 16.15
N LEU A 4 24.57 -18.81 17.26
CA LEU A 4 24.87 -19.43 18.56
C LEU A 4 23.60 -20.16 18.97
N GLN A 5 23.55 -21.47 18.68
CA GLN A 5 22.37 -22.28 18.95
C GLN A 5 22.52 -22.89 20.34
N GLN A 6 21.80 -22.32 21.30
CA GLN A 6 21.80 -22.84 22.66
C GLN A 6 20.77 -23.95 22.82
N SER A 7 20.93 -24.71 23.91
CA SER A 7 20.06 -25.84 24.19
C SER A 7 18.63 -25.39 24.43
N GLY A 8 17.72 -26.36 24.35
CA GLY A 8 16.33 -26.08 24.63
C GLY A 8 16.10 -25.84 26.12
N ALA A 9 14.96 -25.20 26.40
CA ALA A 9 14.59 -24.91 27.78
C ALA A 9 14.49 -26.19 28.60
N GLU A 10 14.85 -26.10 29.88
CA GLU A 10 14.87 -27.26 30.74
C GLU A 10 14.14 -27.00 32.04
N LEU A 11 13.58 -28.08 32.59
CA LEU A 11 12.97 -28.11 33.90
C LEU A 11 13.77 -29.06 34.78
N ALA A 12 14.19 -28.59 35.95
CA ALA A 12 15.03 -29.38 36.82
C ALA A 12 14.51 -29.33 38.25
N LYS A 13 14.80 -30.38 39.00
CA LYS A 13 14.36 -30.50 40.38
C LYS A 13 15.35 -29.77 41.28
N PRO A 14 14.93 -29.33 42.46
CA PRO A 14 15.88 -28.64 43.36
C PRO A 14 16.94 -29.59 43.86
N GLY A 15 18.16 -29.07 43.97
CA GLY A 15 19.30 -29.89 44.31
C GLY A 15 19.83 -30.75 43.19
N ALA A 16 19.17 -30.76 42.04
CA ALA A 16 19.63 -31.55 40.91
C ALA A 16 20.68 -30.75 40.13
N SER A 17 21.13 -31.31 39.02
CA SER A 17 22.09 -30.63 38.16
C SER A 17 21.54 -30.57 36.75
N VAL A 18 22.02 -29.58 35.99
CA VAL A 18 21.60 -29.39 34.62
C VAL A 18 22.82 -28.97 33.80
N LYS A 19 22.88 -29.43 32.56
CA LYS A 19 23.96 -29.12 31.63
C LYS A 19 23.35 -28.53 30.37
N MET A 20 23.76 -27.32 30.03
CA MET A 20 23.27 -26.65 28.84
C MET A 20 24.42 -26.39 27.88
N SER A 21 24.12 -26.41 26.60
CA SER A 21 25.12 -26.33 25.55
C SER A 21 24.96 -25.03 24.76
N CYS A 22 25.97 -24.75 23.96
CA CYS A 22 25.98 -23.55 23.13
C CYS A 22 26.83 -23.85 21.91
N LYS A 23 26.18 -24.13 20.78
CA LYS A 23 26.87 -24.53 19.57
C LYS A 23 27.24 -23.30 18.74
N ALA A 24 28.50 -23.23 18.33
CA ALA A 24 29.04 -22.10 17.60
C ALA A 24 29.19 -22.44 16.12
N SER A 25 28.75 -21.53 15.26
CA SER A 25 28.91 -21.67 13.83
C SER A 25 29.23 -20.31 13.23
N GLY A 26 29.96 -20.31 12.11
CA GLY A 26 30.26 -19.09 11.39
C GLY A 26 31.49 -18.34 11.84
N TYR A 27 32.11 -18.74 12.95
CA TYR A 27 33.33 -18.10 13.43
C TYR A 27 34.22 -19.15 14.05
N THR A 28 35.50 -18.81 14.22
CA THR A 28 36.47 -19.74 14.79
C THR A 28 36.22 -19.87 16.30
N PHE A 29 35.75 -21.04 16.73
CA PHE A 29 35.33 -21.25 18.11
C PHE A 29 36.47 -20.93 19.08
N THR A 30 37.70 -21.33 18.75
CA THR A 30 38.81 -21.17 19.69
C THR A 30 39.30 -19.74 19.80
N SER A 31 39.03 -18.90 18.81
CA SER A 31 39.61 -17.55 18.79
C SER A 31 38.91 -16.60 19.74
N TYR A 32 37.71 -16.91 20.19
CA TYR A 32 36.95 -16.03 21.05
C TYR A 32 36.54 -16.77 22.32
N TRP A 33 36.70 -16.08 23.45
CA TRP A 33 36.21 -16.61 24.71
C TRP A 33 34.70 -16.76 24.66
N MET A 34 34.18 -17.67 25.45
CA MET A 34 32.75 -17.89 25.54
C MET A 34 32.30 -17.53 26.94
N HIS A 35 31.57 -16.43 27.06
CA HIS A 35 31.07 -15.97 28.34
C HIS A 35 29.64 -16.44 28.54
N TRP A 36 29.23 -16.47 29.80
CA TRP A 36 27.88 -16.89 30.16
C TRP A 36 27.30 -15.83 31.07
N VAL A 37 26.08 -15.38 30.75
CA VAL A 37 25.42 -14.35 31.55
C VAL A 37 24.03 -14.82 31.89
N LYS A 38 23.52 -14.33 33.03
CA LYS A 38 22.27 -14.74 33.61
C LYS A 38 21.30 -13.57 33.64
N GLN A 39 20.07 -13.79 33.19
CA GLN A 39 19.05 -12.74 33.17
C GLN A 39 17.86 -13.20 34.00
N ARG A 40 17.72 -12.65 35.21
CA ARG A 40 16.46 -12.81 35.92
C ARG A 40 15.59 -11.58 35.71
N PRO A 41 14.27 -11.76 35.55
CA PRO A 41 13.40 -10.59 35.37
C PRO A 41 13.43 -9.71 36.62
N GLY A 42 13.70 -8.43 36.41
CA GLY A 42 13.76 -7.49 37.52
C GLY A 42 15.17 -7.21 38.00
N GLN A 43 16.04 -8.22 38.02
CA GLN A 43 17.39 -8.03 38.53
C GLN A 43 18.31 -7.40 37.49
N GLY A 44 18.23 -7.88 36.24
CA GLY A 44 19.16 -7.50 35.21
C GLY A 44 20.07 -8.66 34.81
N LEU A 45 21.27 -8.31 34.35
CA LEU A 45 22.22 -9.28 33.83
C LEU A 45 23.35 -9.51 34.82
N GLU A 46 23.69 -10.78 35.00
CA GLU A 46 24.80 -11.18 35.85
C GLU A 46 25.79 -11.99 35.03
N TRP A 47 27.07 -11.69 35.21
CA TRP A 47 28.14 -12.37 34.49
C TRP A 47 28.56 -13.62 35.27
N ILE A 48 28.53 -14.77 34.62
CA ILE A 48 28.86 -16.04 35.28
C ILE A 48 30.35 -16.35 35.15
N GLY A 49 30.89 -16.31 33.95
CA GLY A 49 32.27 -16.68 33.74
C GLY A 49 32.56 -16.81 32.26
N TYR A 50 33.81 -17.17 31.97
CA TYR A 50 34.25 -17.41 30.61
C TYR A 50 35.11 -18.67 30.55
N ILE A 51 35.22 -19.22 29.35
CA ILE A 51 36.16 -20.28 29.05
C ILE A 51 36.93 -19.91 27.79
N ASN A 52 38.21 -20.26 27.74
CA ASN A 52 39.00 -20.10 26.53
C ASN A 52 38.98 -21.45 25.83
N PRO A 53 38.19 -21.62 24.77
CA PRO A 53 38.04 -22.96 24.16
C PRO A 53 39.31 -23.56 23.63
N SER A 54 40.34 -22.75 23.35
CA SER A 54 41.61 -23.31 22.90
C SER A 54 42.36 -23.96 24.06
N THR A 55 42.46 -23.26 25.19
CA THR A 55 43.23 -23.73 26.32
C THR A 55 42.39 -24.38 27.42
N GLY A 56 41.09 -24.18 27.42
CA GLY A 56 40.26 -24.66 28.51
C GLY A 56 40.33 -23.85 29.78
N TYR A 57 41.05 -22.73 29.78
CA TYR A 57 41.16 -21.90 30.97
C TYR A 57 39.80 -21.27 31.28
N THR A 58 39.46 -21.22 32.56
CA THR A 58 38.20 -20.63 33.01
C THR A 58 38.45 -19.68 34.15
N GLU A 59 37.65 -18.62 34.20
CA GLU A 59 37.49 -17.80 35.38
C GLU A 59 35.99 -17.62 35.63
N TYR A 60 35.65 -17.43 36.90
CA TYR A 60 34.27 -17.38 37.33
C TYR A 60 34.05 -16.14 38.19
N ASN A 61 32.84 -15.60 38.11
CA ASN A 61 32.43 -14.64 39.12
C ASN A 61 32.39 -15.38 40.45
N GLN A 62 32.94 -14.74 41.49
CA GLN A 62 32.99 -15.39 42.79
C GLN A 62 31.60 -15.78 43.27
N LYS A 63 30.58 -15.03 42.87
CA LYS A 63 29.20 -15.38 43.19
C LYS A 63 28.84 -16.78 42.69
N PHE A 64 29.35 -17.15 41.51
CA PHE A 64 28.99 -18.41 40.85
C PHE A 64 30.08 -19.46 40.91
N LYS A 65 31.16 -19.21 41.66
CA LYS A 65 32.32 -20.11 41.68
C LYS A 65 31.92 -21.57 41.84
N ASP A 66 31.09 -21.85 42.85
CA ASP A 66 30.69 -23.22 43.15
C ASP A 66 29.48 -23.69 42.36
N LYS A 67 28.71 -22.76 41.80
CA LYS A 67 27.50 -23.12 41.07
C LYS A 67 27.81 -23.63 39.66
N ALA A 68 28.59 -22.88 38.91
CA ALA A 68 28.76 -23.12 37.48
C ALA A 68 30.07 -23.85 37.21
N THR A 69 30.06 -24.62 36.12
CA THR A 69 31.26 -25.31 35.66
C THR A 69 31.26 -25.23 34.14
N LEU A 70 32.27 -24.56 33.59
CA LEU A 70 32.34 -24.31 32.15
C LEU A 70 33.34 -25.26 31.50
N THR A 71 32.92 -25.85 30.38
CA THR A 71 33.72 -26.77 29.60
C THR A 71 33.49 -26.47 28.13
N ALA A 72 34.38 -26.97 27.28
CA ALA A 72 34.23 -26.76 25.85
C ALA A 72 34.79 -27.97 25.10
N ASP A 73 34.16 -28.28 23.97
CA ASP A 73 34.58 -29.39 23.11
C ASP A 73 34.93 -28.81 21.74
N LYS A 74 36.23 -28.71 21.46
CA LYS A 74 36.70 -28.16 20.19
C LYS A 74 36.18 -28.95 18.99
N SER A 75 36.00 -30.26 19.16
CA SER A 75 35.60 -31.11 18.04
C SER A 75 34.23 -30.69 17.49
N SER A 76 33.29 -30.38 18.37
CA SER A 76 31.94 -30.02 17.98
C SER A 76 31.68 -28.51 18.02
N SER A 77 32.69 -27.71 18.36
CA SER A 77 32.58 -26.26 18.45
C SER A 77 31.44 -25.86 19.39
N THR A 78 31.38 -26.51 20.55
CA THR A 78 30.26 -26.38 21.47
C THR A 78 30.79 -26.08 22.87
N ALA A 79 30.20 -25.08 23.52
CA ALA A 79 30.52 -24.72 24.89
C ALA A 79 29.45 -25.22 25.84
N TYR A 80 29.85 -25.49 27.08
CA TYR A 80 28.93 -26.06 28.06
C TYR A 80 28.99 -25.28 29.35
N MET A 81 27.84 -25.23 30.03
CA MET A 81 27.73 -24.77 31.41
C MET A 81 26.88 -25.76 32.16
N GLN A 82 27.34 -26.14 33.36
CA GLN A 82 26.59 -27.06 34.20
C GLN A 82 26.28 -26.37 35.51
N LEU A 83 25.00 -26.25 35.82
CA LEU A 83 24.57 -25.76 37.13
C LEU A 83 24.32 -26.96 38.04
N SER A 84 24.71 -26.82 39.29
CA SER A 84 24.61 -27.87 40.29
C SER A 84 23.94 -27.29 41.54
N SER A 85 23.48 -28.17 42.42
CA SER A 85 22.85 -27.78 43.68
C SER A 85 21.79 -26.71 43.44
N LEU A 86 20.84 -27.03 42.57
CA LEU A 86 19.89 -26.05 42.06
C LEU A 86 18.96 -25.55 43.14
N THR A 87 18.74 -24.24 43.14
CA THR A 87 17.73 -23.59 43.96
C THR A 87 16.77 -22.85 43.04
N SER A 88 15.72 -22.24 43.62
CA SER A 88 14.81 -21.46 42.80
C SER A 88 15.47 -20.20 42.28
N GLU A 89 16.52 -19.72 42.95
CA GLU A 89 17.28 -18.57 42.45
C GLU A 89 17.96 -18.87 41.13
N ASP A 90 18.26 -20.14 40.86
CA ASP A 90 18.92 -20.49 39.60
C ASP A 90 17.95 -20.53 38.44
N SER A 91 16.65 -20.36 38.70
CA SER A 91 15.68 -20.24 37.62
C SER A 91 15.87 -18.90 36.94
N ALA A 92 16.25 -18.92 35.67
CA ALA A 92 16.60 -17.70 34.95
C ALA A 92 16.81 -18.07 33.48
N VAL A 93 17.13 -17.06 32.69
CA VAL A 93 17.58 -17.24 31.32
C VAL A 93 19.10 -17.10 31.29
N TYR A 94 19.79 -18.08 30.72
CA TYR A 94 21.24 -18.10 30.68
C TYR A 94 21.70 -17.88 29.24
N TYR A 95 22.44 -16.81 29.01
CA TYR A 95 22.95 -16.50 27.69
C TYR A 95 24.40 -16.93 27.54
N CYS A 96 24.76 -17.18 26.29
CA CYS A 96 26.08 -17.64 25.89
C CYS A 96 26.56 -16.68 24.82
N ALA A 97 27.75 -16.14 25.00
CA ALA A 97 28.13 -15.06 24.10
C ALA A 97 29.64 -14.86 24.03
N PRO A 98 30.21 -14.84 22.84
CA PRO A 98 31.65 -14.50 22.71
C PRO A 98 31.90 -13.00 22.79
N LEU A 99 31.97 -12.48 24.02
CA LEU A 99 32.16 -11.03 24.18
C LEU A 99 33.60 -10.61 24.01
N TRP A 100 34.55 -11.54 23.93
CA TRP A 100 35.94 -11.16 23.85
C TRP A 100 36.71 -12.16 23.04
N PRO A 101 37.58 -11.71 22.11
CA PRO A 101 37.77 -10.35 21.58
C PRO A 101 36.53 -9.80 20.87
N LEU A 102 36.63 -8.57 20.38
CA LEU A 102 35.52 -7.92 19.70
C LEU A 102 35.36 -8.46 18.28
N GLY A 103 34.16 -8.27 17.73
CA GLY A 103 33.90 -8.65 16.35
C GLY A 103 32.84 -9.70 16.15
N THR A 104 32.28 -10.28 17.21
CA THR A 104 31.14 -11.18 17.14
C THR A 104 30.04 -10.62 18.03
N ASP A 105 29.27 -9.67 17.48
CA ASP A 105 28.32 -8.90 18.28
C ASP A 105 27.13 -9.74 18.71
N TYR A 106 27.01 -10.98 18.27
CA TYR A 106 25.84 -11.80 18.55
C TYR A 106 25.98 -12.63 19.83
N TRP A 107 24.84 -12.90 20.43
CA TRP A 107 24.67 -13.74 21.61
C TRP A 107 23.87 -14.97 21.23
N GLY A 108 23.82 -15.94 22.13
CA GLY A 108 22.91 -17.05 21.94
C GLY A 108 21.48 -16.64 22.25
N GLN A 109 20.52 -17.42 21.77
CA GLN A 109 19.12 -17.03 21.95
C GLN A 109 18.68 -17.18 23.39
N GLY A 110 19.39 -17.96 24.20
CA GLY A 110 19.07 -18.11 25.59
C GLY A 110 18.37 -19.41 25.92
N THR A 111 18.84 -20.07 26.98
CA THR A 111 18.17 -21.24 27.54
C THR A 111 17.46 -20.82 28.82
N THR A 112 16.17 -21.13 28.90
CA THR A 112 15.37 -20.83 30.09
C THR A 112 15.41 -22.03 31.03
N LEU A 113 15.84 -21.80 32.27
CA LEU A 113 15.92 -22.82 33.29
C LEU A 113 14.83 -22.60 34.32
N THR A 114 14.07 -23.65 34.62
CA THR A 114 13.06 -23.63 35.67
C THR A 114 13.44 -24.67 36.72
N VAL A 115 13.54 -24.24 37.97
CA VAL A 115 13.86 -25.13 39.08
C VAL A 115 12.59 -25.31 39.91
N SER A 116 11.98 -26.47 39.81
CA SER A 116 10.80 -26.80 40.59
C SER A 116 10.75 -28.29 40.85
N SER A 117 10.35 -28.66 42.07
CA SER A 117 10.05 -30.05 42.38
C SER A 117 8.77 -30.52 41.73
N ALA A 118 7.95 -29.60 41.20
CA ALA A 118 6.63 -29.97 40.71
C ALA A 118 6.71 -30.69 39.38
N SER A 119 5.69 -31.49 39.10
CA SER A 119 5.53 -32.17 37.84
C SER A 119 4.97 -31.20 36.80
N THR A 120 5.15 -31.55 35.53
CA THR A 120 4.53 -30.74 34.49
C THR A 120 3.01 -30.92 34.54
N LYS A 121 2.30 -29.95 33.95
CA LYS A 121 0.85 -30.01 33.94
C LYS A 121 0.35 -29.34 32.68
N GLY A 122 -0.58 -30.00 32.00
CA GLY A 122 -1.10 -29.49 30.75
C GLY A 122 -2.17 -28.44 30.99
N PRO A 123 -2.36 -27.56 30.01
CA PRO A 123 -3.33 -26.48 30.16
C PRO A 123 -4.75 -26.95 29.90
N SER A 124 -5.69 -26.33 30.60
CA SER A 124 -7.09 -26.38 30.23
C SER A 124 -7.41 -25.15 29.39
N VAL A 125 -8.22 -25.33 28.36
CA VAL A 125 -8.51 -24.28 27.39
C VAL A 125 -10.00 -24.07 27.32
N PHE A 126 -10.45 -22.90 27.75
CA PHE A 126 -11.84 -22.51 27.72
C PHE A 126 -12.06 -21.39 26.71
N PRO A 127 -13.25 -21.29 26.13
CA PRO A 127 -13.51 -20.20 25.17
C PRO A 127 -13.97 -18.94 25.88
N LEU A 128 -13.69 -17.82 25.24
CA LEU A 128 -14.25 -16.53 25.61
C LEU A 128 -15.18 -16.16 24.46
N ALA A 129 -16.45 -16.47 24.60
CA ALA A 129 -17.37 -16.39 23.48
C ALA A 129 -17.81 -14.96 23.24
N PRO A 130 -17.90 -14.53 21.99
CA PRO A 130 -18.33 -13.15 21.69
C PRO A 130 -19.81 -12.95 21.94
N SER A 131 -20.30 -11.76 21.60
CA SER A 131 -21.69 -11.36 21.84
C SER A 131 -22.03 -11.40 23.32
N GLY A 138 -19.39 -2.69 14.41
CA GLY A 138 -19.30 -3.96 13.70
C GLY A 138 -18.00 -4.71 13.98
N THR A 139 -17.67 -4.85 15.25
CA THR A 139 -16.43 -5.51 15.65
C THR A 139 -16.66 -6.21 16.98
N ALA A 140 -16.43 -7.51 17.00
CA ALA A 140 -16.67 -8.33 18.19
C ALA A 140 -15.36 -8.96 18.63
N ALA A 141 -15.16 -9.05 19.94
CA ALA A 141 -13.98 -9.68 20.51
C ALA A 141 -14.30 -11.10 20.95
N LEU A 142 -13.33 -11.99 20.76
CA LEU A 142 -13.45 -13.38 21.19
C LEU A 142 -12.05 -13.87 21.50
N GLY A 143 -11.98 -14.99 22.22
CA GLY A 143 -10.66 -15.42 22.63
C GLY A 143 -10.68 -16.79 23.28
N CYS A 144 -9.51 -17.15 23.82
CA CYS A 144 -9.28 -18.40 24.50
C CYS A 144 -8.64 -18.13 25.85
N LEU A 145 -9.11 -18.83 26.87
CA LEU A 145 -8.53 -18.78 28.20
C LEU A 145 -7.71 -20.05 28.41
N VAL A 146 -6.41 -19.89 28.61
CA VAL A 146 -5.46 -20.99 28.76
C VAL A 146 -5.02 -21.04 30.22
N LYS A 147 -5.61 -21.95 30.98
CA LYS A 147 -5.55 -21.93 32.43
C LYS A 147 -4.80 -23.14 32.99
N ASP A 148 -4.07 -22.91 34.08
CA ASP A 148 -3.54 -23.96 34.94
C ASP A 148 -2.51 -24.85 34.23
N TYR A 149 -1.42 -24.24 33.80
CA TYR A 149 -0.31 -25.01 33.26
C TYR A 149 0.98 -24.67 33.98
N PHE A 150 1.94 -25.58 33.87
CA PHE A 150 3.27 -25.45 34.45
C PHE A 150 4.18 -26.48 33.80
N PRO A 151 5.42 -26.12 33.44
CA PRO A 151 5.99 -24.77 33.53
C PRO A 151 5.66 -23.95 32.28
N GLU A 152 6.24 -22.76 32.20
CA GLU A 152 6.18 -21.97 30.98
C GLU A 152 7.01 -22.65 29.89
N PRO A 153 6.76 -22.31 28.60
CA PRO A 153 5.75 -21.41 28.04
C PRO A 153 4.57 -22.13 27.36
N VAL A 154 3.59 -21.35 26.94
CA VAL A 154 2.47 -21.82 26.15
C VAL A 154 2.45 -21.06 24.82
N THR A 155 2.06 -21.76 23.75
CA THR A 155 2.01 -21.20 22.41
C THR A 155 0.57 -21.21 21.90
N VAL A 156 0.08 -20.05 21.48
CA VAL A 156 -1.27 -19.90 20.96
C VAL A 156 -1.23 -19.36 19.54
N SER A 157 -1.87 -20.08 18.62
CA SER A 157 -2.11 -19.60 17.26
C SER A 157 -3.61 -19.70 16.98
N TRP A 158 -4.04 -19.08 15.89
CA TRP A 158 -5.45 -19.06 15.54
C TRP A 158 -5.66 -19.58 14.12
N ASN A 159 -6.82 -20.21 13.92
CA ASN A 159 -7.19 -20.88 12.68
C ASN A 159 -5.97 -21.44 11.96
N SER A 160 -5.17 -22.21 12.69
CA SER A 160 -3.98 -22.88 12.18
C SER A 160 -2.88 -21.91 11.74
N GLY A 161 -3.09 -20.61 11.93
CA GLY A 161 -2.09 -19.68 11.41
C GLY A 161 -2.60 -18.58 10.50
N ALA A 162 -3.71 -18.81 9.80
CA ALA A 162 -4.24 -17.81 8.87
C ALA A 162 -4.89 -16.62 9.58
N LEU A 163 -4.90 -16.55 10.91
CA LEU A 163 -5.49 -15.43 11.63
C LEU A 163 -4.40 -14.78 12.47
N THR A 164 -3.65 -13.85 11.87
CA THR A 164 -2.58 -13.15 12.57
C THR A 164 -2.93 -11.73 12.99
N SER A 165 -3.83 -11.06 12.28
CA SER A 165 -4.09 -9.64 12.51
C SER A 165 -5.16 -9.48 13.58
N GLY A 166 -4.85 -8.71 14.61
CA GLY A 166 -5.76 -8.46 15.69
C GLY A 166 -5.60 -9.41 16.86
N VAL A 167 -4.56 -10.24 16.84
CA VAL A 167 -4.36 -11.25 17.86
C VAL A 167 -3.52 -10.64 18.98
N HIS A 168 -3.96 -10.82 20.20
CA HIS A 168 -3.21 -10.43 21.39
C HIS A 168 -3.12 -11.65 22.29
N THR A 169 -1.94 -12.24 22.37
CA THR A 169 -1.65 -13.27 23.36
C THR A 169 -0.95 -12.57 24.51
N PHE A 170 -1.55 -12.63 25.68
CA PHE A 170 -1.05 -11.88 26.81
C PHE A 170 0.08 -12.64 27.49
N PRO A 171 0.93 -11.93 28.23
CA PRO A 171 1.95 -12.63 29.02
C PRO A 171 1.28 -13.54 30.04
N ALA A 172 1.97 -14.61 30.40
CA ALA A 172 1.45 -15.49 31.42
C ALA A 172 1.40 -14.75 32.75
N VAL A 173 0.41 -15.09 33.57
CA VAL A 173 0.25 -14.50 34.88
C VAL A 173 0.15 -15.63 35.89
N LEU A 174 0.87 -15.48 37.00
CA LEU A 174 1.03 -16.56 37.96
C LEU A 174 -0.15 -16.55 38.92
N GLN A 175 -0.86 -17.67 38.99
CA GLN A 175 -2.02 -17.74 39.87
C GLN A 175 -1.57 -18.11 41.28
N SER A 176 -2.50 -17.97 42.23
CA SER A 176 -2.23 -18.41 43.59
C SER A 176 -2.12 -19.92 43.67
N SER A 177 -2.68 -20.65 42.71
CA SER A 177 -2.53 -22.09 42.62
C SER A 177 -1.10 -22.51 42.33
N GLY A 178 -0.23 -21.57 41.95
CA GLY A 178 1.12 -21.89 41.55
C GLY A 178 1.28 -22.20 40.08
N LEU A 179 0.20 -22.13 39.32
CA LEU A 179 0.17 -22.49 37.91
C LEU A 179 -0.06 -21.23 37.08
N TYR A 180 0.50 -21.22 35.88
CA TYR A 180 0.39 -20.06 35.01
C TYR A 180 -0.95 -20.04 34.31
N SER A 181 -1.30 -18.86 33.80
CA SER A 181 -2.53 -18.68 33.05
C SER A 181 -2.33 -17.52 32.08
N LEU A 182 -2.92 -17.64 30.90
CA LEU A 182 -2.90 -16.53 29.94
C LEU A 182 -4.19 -16.57 29.12
N SER A 183 -4.45 -15.45 28.45
CA SER A 183 -5.55 -15.31 27.52
C SER A 183 -4.99 -14.92 26.17
N SER A 184 -5.63 -15.44 25.11
CA SER A 184 -5.34 -15.01 23.75
C SER A 184 -6.63 -14.46 23.15
N VAL A 185 -6.56 -13.25 22.62
CA VAL A 185 -7.75 -12.57 22.12
C VAL A 185 -7.53 -12.15 20.67
N VAL A 186 -8.64 -12.09 19.94
CA VAL A 186 -8.70 -11.67 18.55
C VAL A 186 -9.91 -10.75 18.35
N THR A 187 -9.73 -9.74 17.50
CA THR A 187 -10.78 -8.80 17.16
C THR A 187 -11.16 -8.98 15.69
N VAL A 188 -12.45 -9.13 15.43
CA VAL A 188 -12.94 -9.51 14.11
C VAL A 188 -14.28 -8.84 13.81
N PRO A 189 -14.63 -8.66 12.54
CA PRO A 189 -15.97 -8.13 12.22
C PRO A 189 -17.07 -9.07 12.70
N SER A 190 -18.10 -8.49 13.30
CA SER A 190 -19.20 -9.29 13.83
C SER A 190 -20.08 -9.89 12.74
N SER A 191 -20.11 -9.29 11.55
CA SER A 191 -20.88 -9.87 10.44
C SER A 191 -20.42 -11.27 10.09
N SER A 192 -19.10 -11.51 10.16
CA SER A 192 -18.51 -12.78 9.76
C SER A 192 -18.56 -13.83 10.85
N LEU A 193 -19.38 -13.64 11.89
CA LEU A 193 -19.29 -14.52 13.04
C LEU A 193 -19.91 -15.86 12.72
N GLY A 194 -21.13 -15.84 12.15
CA GLY A 194 -21.79 -17.05 11.73
C GLY A 194 -21.13 -17.71 10.53
N THR A 195 -20.37 -16.94 9.75
CA THR A 195 -19.72 -17.45 8.55
C THR A 195 -18.35 -18.02 8.88
N GLN A 196 -17.49 -17.22 9.50
CA GLN A 196 -16.13 -17.66 9.81
C GLN A 196 -16.13 -18.47 11.10
N THR A 197 -15.34 -19.53 11.13
CA THR A 197 -15.13 -20.34 12.33
C THR A 197 -13.77 -20.04 12.93
N TYR A 198 -13.74 -19.74 14.22
CA TYR A 198 -12.52 -19.33 14.90
C TYR A 198 -12.10 -20.41 15.90
N ILE A 199 -10.89 -20.93 15.71
CA ILE A 199 -10.32 -21.99 16.53
C ILE A 199 -8.91 -21.57 16.95
N CYS A 200 -8.63 -21.66 18.24
CA CYS A 200 -7.31 -21.33 18.77
C CYS A 200 -6.53 -22.61 19.06
N ASN A 201 -5.25 -22.59 18.69
CA ASN A 201 -4.40 -23.78 18.73
C ASN A 201 -3.42 -23.60 19.88
N VAL A 202 -3.73 -24.19 21.02
CA VAL A 202 -2.89 -24.09 22.19
C VAL A 202 -1.90 -25.25 22.18
N ASN A 203 -0.64 -24.94 22.44
CA ASN A 203 0.46 -25.91 22.38
C ASN A 203 1.32 -25.73 23.62
N HIS A 204 1.38 -26.75 24.47
CA HIS A 204 2.21 -26.73 25.67
C HIS A 204 3.28 -27.80 25.51
N LYS A 205 4.51 -27.36 25.20
CA LYS A 205 5.55 -28.30 24.82
C LYS A 205 6.00 -29.18 25.99
N PRO A 206 6.31 -28.64 27.18
CA PRO A 206 6.83 -29.52 28.26
C PRO A 206 5.87 -30.63 28.69
N SER A 207 4.58 -30.52 28.39
CA SER A 207 3.64 -31.59 28.67
C SER A 207 3.24 -32.33 27.40
N ASN A 208 3.86 -32.00 26.26
CA ASN A 208 3.56 -32.61 24.96
C ASN A 208 2.06 -32.61 24.70
N THR A 209 1.44 -31.46 24.96
CA THR A 209 0.00 -31.29 24.86
C THR A 209 -0.34 -30.29 23.76
N LYS A 210 -1.09 -30.75 22.75
CA LYS A 210 -1.73 -29.88 21.77
C LYS A 210 -3.23 -30.00 21.91
N VAL A 211 -3.90 -28.85 21.98
CA VAL A 211 -5.36 -28.82 22.02
C VAL A 211 -5.84 -27.69 21.11
N ASP A 212 -6.90 -27.97 20.37
CA ASP A 212 -7.56 -27.00 19.51
C ASP A 212 -8.98 -26.81 20.00
N LYS A 213 -9.36 -25.57 20.27
CA LYS A 213 -10.66 -25.27 20.86
C LYS A 213 -11.42 -24.33 19.92
N LYS A 214 -12.62 -24.75 19.52
CA LYS A 214 -13.48 -23.94 18.67
C LYS A 214 -14.23 -22.94 19.52
N VAL A 215 -14.27 -21.69 19.06
CA VAL A 215 -14.95 -20.61 19.77
C VAL A 215 -16.14 -20.20 18.92
N GLU A 216 -17.32 -20.23 19.54
CA GLU A 216 -18.57 -19.96 18.85
C GLU A 216 -19.47 -19.15 19.77
N PRO A 217 -20.38 -18.34 19.21
CA PRO A 217 -21.21 -17.42 20.00
C PRO A 217 -22.26 -18.12 20.86
N ASP B 1 32.82 -5.79 40.96
CA ASP B 1 31.94 -5.43 42.07
C ASP B 1 31.55 -3.97 41.98
N ILE B 2 31.59 -3.45 40.76
CA ILE B 2 31.17 -2.08 40.47
C ILE B 2 29.69 -2.16 40.12
N VAL B 3 28.86 -1.42 40.85
CA VAL B 3 27.41 -1.46 40.63
C VAL B 3 27.04 -0.32 39.70
N LEU B 4 26.45 -0.66 38.55
CA LEU B 4 26.02 0.31 37.57
C LEU B 4 24.54 0.57 37.77
N THR B 5 24.19 1.83 38.03
CA THR B 5 22.82 2.25 38.24
C THR B 5 22.40 3.10 37.04
N GLN B 6 21.46 2.59 36.26
CA GLN B 6 20.99 3.28 35.06
C GLN B 6 19.78 4.13 35.41
N SER B 7 19.82 5.38 34.98
CA SER B 7 18.68 6.27 35.12
C SER B 7 18.32 6.85 33.76
N PRO B 8 17.01 6.96 33.44
CA PRO B 8 15.91 6.43 34.25
C PRO B 8 15.70 4.93 34.02
N ALA B 9 14.89 4.30 34.88
CA ALA B 9 14.56 2.89 34.67
C ALA B 9 13.56 2.72 33.54
N ILE B 10 12.65 3.68 33.36
CA ILE B 10 11.66 3.66 32.31
C ILE B 10 11.60 5.06 31.70
N MET B 11 11.50 5.13 30.39
CA MET B 11 11.37 6.41 29.71
C MET B 11 10.69 6.20 28.37
N SER B 12 10.05 7.27 27.89
CA SER B 12 9.38 7.29 26.61
C SER B 12 9.84 8.52 25.85
N ALA B 13 9.75 8.45 24.53
CA ALA B 13 10.26 9.51 23.68
C ALA B 13 9.48 9.55 22.39
N SER B 14 9.15 10.76 21.95
CA SER B 14 8.48 10.93 20.67
C SER B 14 9.49 10.78 19.54
N PRO B 15 9.07 10.22 18.40
CA PRO B 15 9.99 10.10 17.26
C PRO B 15 10.43 11.46 16.76
N GLY B 16 11.73 11.69 16.80
CA GLY B 16 12.28 13.01 16.53
C GLY B 16 13.05 13.55 17.72
N GLU B 17 12.51 13.31 18.92
CA GLU B 17 13.16 13.78 20.15
C GLU B 17 14.57 13.22 20.28
N LYS B 18 15.37 13.93 21.06
CA LYS B 18 16.66 13.44 21.52
C LYS B 18 16.44 12.62 22.79
N VAL B 19 17.10 11.47 22.88
CA VAL B 19 16.97 10.58 24.01
C VAL B 19 18.31 10.46 24.70
N THR B 20 18.32 10.54 26.02
CA THR B 20 19.54 10.37 26.80
C THR B 20 19.24 9.57 28.05
N MET B 21 20.07 8.57 28.32
CA MET B 21 20.01 7.76 29.52
C MET B 21 21.42 7.63 30.08
N THR B 22 21.51 7.57 31.41
CA THR B 22 22.80 7.56 32.08
C THR B 22 23.06 6.20 32.73
N CYS B 23 24.30 6.04 33.17
CA CYS B 23 24.76 4.81 33.82
C CYS B 23 25.82 5.24 34.84
N SER B 24 25.48 5.15 36.12
CA SER B 24 26.34 5.69 37.18
C SER B 24 27.04 4.54 37.89
N ALA B 25 28.36 4.57 37.86
CA ALA B 25 29.17 3.50 38.43
C ALA B 25 29.55 3.84 39.86
N SER B 26 29.43 2.84 40.74
CA SER B 26 29.76 3.03 42.16
C SER B 26 31.22 3.43 42.34
N SER B 27 32.09 3.02 41.43
CA SER B 27 33.50 3.40 41.44
C SER B 27 33.90 3.85 40.05
N SER B 28 35.13 4.33 39.92
CA SER B 28 35.60 4.80 38.63
C SER B 28 35.65 3.64 37.63
N VAL B 29 35.43 3.97 36.36
CA VAL B 29 35.44 2.97 35.30
C VAL B 29 36.10 3.59 34.07
N SER B 30 36.95 2.81 33.41
CA SER B 30 37.68 3.33 32.25
C SER B 30 36.78 3.45 31.03
N TYR B 31 36.08 2.37 30.69
CA TYR B 31 35.21 2.35 29.52
C TYR B 31 33.87 1.75 29.89
N MET B 32 32.84 2.14 29.15
CA MET B 32 31.51 1.59 29.33
C MET B 32 31.01 1.06 28.01
N HIS B 33 30.32 -0.09 28.07
CA HIS B 33 29.74 -0.72 26.91
C HIS B 33 28.24 -0.71 27.03
N TRP B 34 27.54 -0.75 25.90
CA TRP B 34 26.09 -0.70 25.89
C TRP B 34 25.55 -1.81 25.01
N TYR B 35 24.56 -2.52 25.54
CA TYR B 35 23.87 -3.57 24.82
C TYR B 35 22.41 -3.17 24.66
N GLN B 36 21.81 -3.64 23.57
CA GLN B 36 20.41 -3.37 23.26
C GLN B 36 19.67 -4.70 23.26
N GLN B 37 18.54 -4.74 23.95
CA GLN B 37 17.70 -5.93 23.98
C GLN B 37 16.26 -5.57 23.62
N LYS B 38 15.78 -6.11 22.51
CA LYS B 38 14.37 -6.00 22.17
C LYS B 38 13.61 -7.23 22.68
N SER B 39 12.31 -7.04 22.90
CA SER B 39 11.48 -8.05 23.54
C SER B 39 11.58 -9.41 22.85
N GLY B 40 11.75 -10.45 23.65
CA GLY B 40 11.84 -11.82 23.14
C GLY B 40 13.02 -12.08 22.24
N THR B 41 14.13 -11.37 22.43
CA THR B 41 15.38 -11.66 21.73
C THR B 41 16.54 -11.53 22.70
N SER B 42 17.69 -12.00 22.26
CA SER B 42 18.89 -11.91 23.08
C SER B 42 19.53 -10.52 22.92
N PRO B 43 20.35 -10.11 23.88
CA PRO B 43 21.03 -8.82 23.76
C PRO B 43 21.95 -8.78 22.55
N LYS B 44 22.29 -7.56 22.16
CA LYS B 44 23.16 -7.32 21.02
C LYS B 44 24.12 -6.19 21.37
N ARG B 45 25.38 -6.33 20.95
CA ARG B 45 26.34 -5.27 21.21
C ARG B 45 25.95 -4.02 20.43
N TRP B 46 26.07 -2.87 21.09
CA TRP B 46 25.57 -1.63 20.54
C TRP B 46 26.66 -0.57 20.52
N ILE B 47 27.28 -0.36 21.68
CA ILE B 47 28.39 0.57 21.82
C ILE B 47 29.47 -0.09 22.66
N TYR B 48 30.72 0.01 22.20
CA TYR B 48 31.86 -0.44 22.95
C TYR B 48 32.85 0.71 23.08
N ASP B 49 33.72 0.60 24.07
CA ASP B 49 34.71 1.64 24.38
C ASP B 49 34.07 3.02 24.42
N THR B 50 33.00 3.15 25.20
CA THR B 50 32.32 4.40 25.49
C THR B 50 31.63 5.06 24.29
N SER B 51 32.38 5.33 23.22
CA SER B 51 31.88 6.17 22.13
C SER B 51 31.72 5.44 20.81
N LYS B 52 32.32 4.26 20.66
CA LYS B 52 32.45 3.59 19.38
C LYS B 52 31.22 2.71 19.11
N LEU B 53 30.59 2.94 17.96
CA LEU B 53 29.40 2.19 17.59
C LEU B 53 29.75 0.84 16.99
N ALA B 54 28.89 -0.14 17.24
CA ALA B 54 29.07 -1.48 16.68
C ALA B 54 28.63 -1.50 15.22
N SER B 55 28.94 -2.60 14.55
CA SER B 55 28.59 -2.74 13.14
C SER B 55 27.08 -2.90 12.99
N GLY B 56 26.48 -2.04 12.17
CA GLY B 56 25.05 -2.03 11.95
C GLY B 56 24.31 -0.93 12.70
N VAL B 57 24.94 -0.31 13.68
CA VAL B 57 24.23 0.65 14.54
C VAL B 57 24.11 1.98 13.81
N PRO B 58 22.90 2.52 13.68
CA PRO B 58 22.72 3.81 12.99
C PRO B 58 23.47 4.94 13.67
N ALA B 59 23.84 5.94 12.88
CA ALA B 59 24.69 7.02 13.35
C ALA B 59 24.00 7.94 14.34
N ARG B 60 22.66 7.89 14.43
CA ARG B 60 21.96 8.70 15.42
C ARG B 60 22.36 8.35 16.86
N PHE B 61 22.89 7.16 17.08
CA PHE B 61 23.37 6.77 18.41
C PHE B 61 24.76 7.33 18.66
N SER B 62 25.04 7.63 19.93
CA SER B 62 26.36 8.10 20.32
C SER B 62 26.52 7.91 21.83
N GLY B 63 27.76 7.72 22.25
CA GLY B 63 28.06 7.45 23.64
C GLY B 63 29.17 8.32 24.16
N SER B 64 29.00 8.78 25.39
CA SER B 64 29.96 9.66 26.05
C SER B 64 30.05 9.29 27.52
N GLY B 65 30.99 9.90 28.21
CA GLY B 65 31.12 9.75 29.64
C GLY B 65 32.55 9.52 30.07
N SER B 66 32.76 9.68 31.37
CA SER B 66 34.04 9.43 32.01
C SER B 66 33.80 9.25 33.50
N GLY B 67 34.80 8.68 34.18
CA GLY B 67 34.74 8.56 35.63
C GLY B 67 33.59 7.73 36.14
N THR B 68 32.56 8.38 36.66
CA THR B 68 31.42 7.70 37.25
C THR B 68 30.10 7.92 36.52
N SER B 69 30.11 8.64 35.40
CA SER B 69 28.87 8.93 34.68
C SER B 69 29.10 8.76 33.18
N TYR B 70 28.36 7.84 32.58
CA TYR B 70 28.38 7.59 31.15
C TYR B 70 26.97 7.77 30.61
N SER B 71 26.87 7.94 29.30
CA SER B 71 25.61 8.34 28.71
C SER B 71 25.42 7.65 27.37
N LEU B 72 24.16 7.34 27.07
CA LEU B 72 23.75 6.89 25.76
C LEU B 72 22.76 7.90 25.20
N THR B 73 22.96 8.30 23.95
CA THR B 73 22.17 9.35 23.35
C THR B 73 21.69 8.94 21.95
N ILE B 74 20.46 9.33 21.65
CA ILE B 74 19.90 9.22 20.30
C ILE B 74 19.50 10.64 19.91
N SER B 75 20.07 11.15 18.82
CA SER B 75 19.79 12.52 18.42
C SER B 75 18.36 12.66 17.92
N SER B 76 17.95 11.76 17.02
CA SER B 76 16.61 11.76 16.45
C SER B 76 16.00 10.39 16.75
N MET B 77 15.27 10.30 17.86
CA MET B 77 14.57 9.08 18.22
C MET B 77 13.76 8.55 17.05
N GLU B 78 13.77 7.23 16.88
CA GLU B 78 13.00 6.56 15.85
C GLU B 78 12.20 5.43 16.50
N ALA B 79 11.22 4.92 15.75
CA ALA B 79 10.37 3.85 16.29
C ALA B 79 11.18 2.61 16.62
N GLU B 80 12.03 2.18 15.69
CA GLU B 80 12.83 0.97 15.87
C GLU B 80 13.83 1.06 17.02
N ASP B 81 14.01 2.23 17.63
CA ASP B 81 14.97 2.37 18.73
C ASP B 81 14.38 1.98 20.08
N ALA B 82 13.07 1.72 20.13
CA ALA B 82 12.42 1.23 21.34
C ALA B 82 12.97 -0.13 21.74
N ALA B 83 13.58 -0.20 22.92
CA ALA B 83 14.24 -1.40 23.43
C ALA B 83 14.73 -1.17 24.85
N THR B 84 15.36 -2.17 25.44
CA THR B 84 16.02 -2.03 26.73
C THR B 84 17.52 -1.94 26.50
N TYR B 85 18.17 -1.03 27.22
CA TYR B 85 19.59 -0.74 27.02
C TYR B 85 20.34 -0.97 28.31
N TYR B 86 21.35 -1.84 28.25
CA TYR B 86 22.16 -2.20 29.40
C TYR B 86 23.56 -1.64 29.23
N CYS B 87 24.11 -1.10 30.31
CA CYS B 87 25.51 -0.68 30.33
C CYS B 87 26.35 -1.72 31.05
N GLN B 88 27.61 -1.82 30.64
CA GLN B 88 28.52 -2.83 31.16
C GLN B 88 29.92 -2.26 31.25
N GLN B 89 30.71 -2.83 32.15
CA GLN B 89 32.12 -2.47 32.29
C GLN B 89 32.95 -3.74 32.46
N TRP B 90 34.18 -3.70 31.93
CA TRP B 90 35.21 -4.67 32.24
C TRP B 90 36.29 -4.15 33.17
N SER B 91 36.43 -2.83 33.29
CA SER B 91 37.56 -2.20 33.97
C SER B 91 37.99 -2.96 35.21
N SER B 92 37.05 -3.25 36.09
CA SER B 92 37.28 -4.05 37.28
C SER B 92 36.57 -5.38 37.14
N ASN B 93 37.32 -6.48 37.24
CA ASN B 93 36.56 -7.71 37.25
C ASN B 93 36.08 -7.99 38.68
N PRO B 94 34.89 -8.61 38.83
CA PRO B 94 34.03 -9.16 37.77
C PRO B 94 33.30 -8.12 36.92
N PRO B 95 33.09 -8.46 35.65
CA PRO B 95 32.21 -7.65 34.80
C PRO B 95 30.84 -7.53 35.44
N THR B 96 30.25 -6.35 35.32
CA THR B 96 28.93 -6.08 35.84
C THR B 96 28.10 -5.39 34.78
N PHE B 97 26.79 -5.58 34.86
CA PHE B 97 25.86 -4.96 33.93
C PHE B 97 25.00 -3.96 34.69
N GLY B 98 24.30 -3.12 33.94
CA GLY B 98 23.34 -2.23 34.55
C GLY B 98 22.00 -2.89 34.71
N ALA B 99 21.11 -2.22 35.43
CA ALA B 99 19.77 -2.76 35.63
C ALA B 99 18.88 -2.57 34.42
N GLY B 100 19.29 -1.75 33.47
CA GLY B 100 18.57 -1.48 32.25
C GLY B 100 17.83 -0.16 32.30
N THR B 101 17.72 0.48 31.14
CA THR B 101 16.80 1.58 30.92
C THR B 101 15.89 1.19 29.76
N LYS B 102 14.58 1.19 30.01
CA LYS B 102 13.61 0.81 28.99
C LYS B 102 13.14 2.05 28.25
N LEU B 103 13.28 2.02 26.93
CA LEU B 103 12.90 3.13 26.06
C LEU B 103 11.64 2.74 25.31
N GLU B 104 10.53 3.39 25.64
CA GLU B 104 9.25 3.16 24.99
C GLU B 104 8.94 4.34 24.07
N LEU B 105 7.92 4.18 23.25
CA LEU B 105 7.53 5.20 22.30
C LEU B 105 6.39 6.04 22.86
N LYS B 106 6.47 7.34 22.63
CA LYS B 106 5.39 8.26 22.97
C LYS B 106 4.38 8.32 21.84
N ARG B 107 3.19 8.78 22.20
CA ARG B 107 2.03 8.73 21.31
C ARG B 107 0.91 9.54 21.96
N THR B 108 -0.03 9.98 21.14
CA THR B 108 -1.20 10.66 21.70
C THR B 108 -2.07 9.65 22.45
N VAL B 109 -2.88 10.16 23.37
CA VAL B 109 -3.77 9.30 24.14
C VAL B 109 -4.71 8.53 23.19
N ALA B 110 -5.07 7.32 23.62
CA ALA B 110 -6.02 6.49 22.87
C ALA B 110 -6.91 5.78 23.88
N ALA B 111 -8.21 5.82 23.64
CA ALA B 111 -9.14 5.21 24.59
C ALA B 111 -9.33 3.73 24.30
N PRO B 112 -9.53 2.93 25.35
CA PRO B 112 -9.68 1.48 25.16
C PRO B 112 -11.10 1.10 24.76
N SER B 113 -11.18 0.07 23.92
CA SER B 113 -12.41 -0.66 23.69
C SER B 113 -12.50 -1.76 24.74
N VAL B 114 -13.62 -1.78 25.48
CA VAL B 114 -13.78 -2.68 26.62
C VAL B 114 -14.74 -3.81 26.26
N PHE B 115 -14.36 -5.03 26.64
CA PHE B 115 -15.18 -6.22 26.45
C PHE B 115 -15.25 -6.97 27.77
N ILE B 116 -16.38 -7.61 28.02
CA ILE B 116 -16.55 -8.48 29.19
C ILE B 116 -17.00 -9.86 28.73
N PHE B 117 -16.42 -10.89 29.33
CA PHE B 117 -16.70 -12.27 28.97
C PHE B 117 -17.21 -13.03 30.19
N PRO B 118 -18.35 -13.69 30.11
CA PRO B 118 -18.79 -14.55 31.21
C PRO B 118 -18.02 -15.86 31.17
N PRO B 119 -17.92 -16.58 32.29
CA PRO B 119 -17.20 -17.86 32.27
C PRO B 119 -17.95 -18.91 31.48
N SER B 120 -17.20 -19.75 30.80
CA SER B 120 -17.81 -20.80 29.98
C SER B 120 -18.42 -21.87 30.88
N ASP B 121 -19.40 -22.59 30.33
CA ASP B 121 -20.05 -23.65 31.07
C ASP B 121 -19.11 -24.81 31.34
N GLU B 122 -18.14 -25.02 30.44
CA GLU B 122 -17.14 -26.05 30.67
C GLU B 122 -16.31 -25.75 31.91
N GLN B 123 -16.02 -24.46 32.13
CA GLN B 123 -15.25 -24.06 33.30
C GLN B 123 -16.06 -24.24 34.58
N LEU B 124 -17.34 -23.84 34.57
CA LEU B 124 -18.18 -24.02 35.76
C LEU B 124 -18.28 -25.50 36.12
N LYS B 125 -18.21 -26.37 35.13
CA LYS B 125 -18.16 -27.81 35.39
C LYS B 125 -16.98 -28.15 36.29
N SER B 126 -15.86 -27.45 36.10
CA SER B 126 -14.68 -27.66 36.94
C SER B 126 -14.82 -27.06 38.33
N GLY B 127 -15.80 -26.20 38.56
CA GLY B 127 -16.03 -25.65 39.89
C GLY B 127 -15.37 -24.31 40.16
N THR B 128 -14.89 -23.62 39.12
CA THR B 128 -14.26 -22.32 39.26
C THR B 128 -14.81 -21.43 38.16
N ALA B 129 -14.75 -20.11 38.41
CA ALA B 129 -15.27 -19.14 37.45
C ALA B 129 -14.23 -18.06 37.21
N SER B 130 -13.88 -17.85 35.95
CA SER B 130 -13.01 -16.77 35.53
C SER B 130 -13.84 -15.80 34.70
N VAL B 131 -13.94 -14.56 35.15
CA VAL B 131 -14.58 -13.50 34.40
C VAL B 131 -13.47 -12.61 33.86
N VAL B 132 -13.43 -12.45 32.55
CA VAL B 132 -12.35 -11.74 31.87
C VAL B 132 -12.88 -10.41 31.36
N CYS B 133 -12.09 -9.36 31.57
CA CYS B 133 -12.39 -8.04 31.04
C CYS B 133 -11.23 -7.62 30.16
N LEU B 134 -11.54 -7.28 28.91
CA LEU B 134 -10.53 -6.98 27.90
C LEU B 134 -10.57 -5.51 27.53
N LEU B 135 -9.42 -4.85 27.66
CA LEU B 135 -9.21 -3.47 27.21
C LEU B 135 -8.28 -3.50 26.01
N ASN B 136 -8.74 -3.00 24.87
CA ASN B 136 -8.01 -3.14 23.61
C ASN B 136 -7.54 -1.81 23.07
N ASN B 137 -6.25 -1.74 22.71
CA ASN B 137 -5.65 -0.67 21.90
C ASN B 137 -5.88 0.70 22.52
N PHE B 138 -5.19 0.91 23.64
CA PHE B 138 -5.25 2.18 24.36
C PHE B 138 -3.84 2.67 24.64
N TYR B 139 -3.77 3.94 25.04
CA TYR B 139 -2.54 4.59 25.44
C TYR B 139 -2.96 5.74 26.33
N PRO B 140 -2.27 5.99 27.46
CA PRO B 140 -1.08 5.30 27.95
C PRO B 140 -1.37 3.99 28.67
N ARG B 141 -0.31 3.28 29.09
CA ARG B 141 -0.49 1.98 29.74
C ARG B 141 -1.27 2.11 31.03
N GLU B 142 -1.15 3.23 31.73
CA GLU B 142 -1.79 3.42 33.04
C GLU B 142 -3.30 3.42 32.86
N ALA B 143 -3.95 2.37 33.34
CA ALA B 143 -5.40 2.24 33.29
C ALA B 143 -5.86 1.52 34.55
N LYS B 144 -7.00 1.96 35.08
CA LYS B 144 -7.55 1.43 36.32
C LYS B 144 -8.78 0.59 35.98
N VAL B 145 -8.71 -0.71 36.27
CA VAL B 145 -9.83 -1.61 36.07
C VAL B 145 -10.32 -2.06 37.43
N GLN B 146 -11.62 -1.87 37.68
CA GLN B 146 -12.23 -2.28 38.94
C GLN B 146 -13.40 -3.21 38.68
N TRP B 147 -13.46 -4.29 39.46
CA TRP B 147 -14.58 -5.20 39.42
C TRP B 147 -15.57 -4.82 40.51
N LYS B 148 -16.85 -4.93 40.17
CA LYS B 148 -17.94 -4.65 41.10
C LYS B 148 -19.00 -5.70 40.89
N VAL B 149 -19.25 -6.48 41.93
CA VAL B 149 -20.26 -7.53 41.91
C VAL B 149 -21.41 -7.08 42.80
N ASP B 150 -22.59 -6.89 42.19
CA ASP B 150 -23.75 -6.35 42.90
C ASP B 150 -23.41 -5.08 43.68
N ASN B 151 -22.71 -4.15 43.01
CA ASN B 151 -22.25 -2.89 43.58
C ASN B 151 -21.18 -3.08 44.65
N ALA B 152 -20.69 -4.29 44.85
CA ALA B 152 -19.61 -4.55 45.81
C ALA B 152 -18.28 -4.54 45.09
N LEU B 153 -17.43 -3.57 45.44
CA LEU B 153 -16.11 -3.41 44.82
C LEU B 153 -15.22 -4.58 45.21
N GLN B 154 -14.87 -5.42 44.24
CA GLN B 154 -14.00 -6.55 44.53
C GLN B 154 -12.58 -6.08 44.83
N SER B 155 -11.84 -6.93 45.54
CA SER B 155 -10.50 -6.58 45.98
C SER B 155 -9.74 -7.86 46.29
N GLY B 156 -8.53 -7.99 45.74
CA GLY B 156 -7.64 -9.09 46.02
C GLY B 156 -7.93 -10.38 45.28
N ASN B 157 -8.93 -10.42 44.40
CA ASN B 157 -9.28 -11.64 43.68
C ASN B 157 -9.17 -11.46 42.16
N SER B 158 -8.31 -10.58 41.69
CA SER B 158 -8.19 -10.32 40.26
C SER B 158 -6.74 -10.03 39.89
N GLN B 159 -6.37 -10.41 38.66
CA GLN B 159 -5.03 -10.22 38.13
C GLN B 159 -5.10 -9.60 36.74
N GLU B 160 -4.17 -8.70 36.46
CA GLU B 160 -4.06 -8.02 35.17
C GLU B 160 -2.84 -8.55 34.42
N SER B 161 -2.93 -8.51 33.09
CA SER B 161 -1.79 -8.79 32.23
C SER B 161 -1.83 -7.81 31.07
N VAL B 162 -0.66 -7.27 30.73
CA VAL B 162 -0.55 -6.21 29.73
C VAL B 162 0.39 -6.65 28.62
N THR B 163 0.00 -6.36 27.38
CA THR B 163 0.85 -6.68 26.25
C THR B 163 2.00 -5.67 26.13
N GLU B 164 2.99 -6.05 25.32
CA GLU B 164 4.03 -5.13 24.92
C GLU B 164 3.45 -4.09 23.97
N GLN B 165 4.14 -2.96 23.88
CA GLN B 165 3.68 -1.86 23.04
C GLN B 165 3.61 -2.33 21.59
N ASP B 166 2.48 -2.07 20.93
CA ASP B 166 2.29 -2.54 19.57
C ASP B 166 3.28 -1.84 18.64
N SER B 167 4.03 -2.63 17.87
CA SER B 167 5.03 -2.05 16.97
C SER B 167 4.39 -1.13 15.93
N LYS B 168 3.15 -1.42 15.52
CA LYS B 168 2.48 -0.60 14.53
C LYS B 168 1.92 0.70 15.14
N ASP B 169 0.84 0.62 15.92
CA ASP B 169 0.16 1.81 16.42
C ASP B 169 0.53 2.17 17.86
N SER B 170 1.54 1.52 18.45
CA SER B 170 2.09 1.88 19.76
C SER B 170 1.05 1.83 20.88
N THR B 171 0.03 0.99 20.75
CA THR B 171 -1.01 0.90 21.76
C THR B 171 -0.79 -0.33 22.64
N TYR B 172 -1.50 -0.37 23.75
CA TYR B 172 -1.45 -1.50 24.66
C TYR B 172 -2.78 -2.23 24.71
N SER B 173 -2.73 -3.44 25.24
CA SER B 173 -3.93 -4.19 25.57
C SER B 173 -3.75 -4.81 26.94
N LEU B 174 -4.86 -5.04 27.62
CA LEU B 174 -4.85 -5.53 28.99
C LEU B 174 -6.00 -6.52 29.16
N SER B 175 -5.73 -7.60 29.89
CA SER B 175 -6.77 -8.53 30.30
C SER B 175 -6.76 -8.61 31.81
N SER B 176 -7.87 -8.21 32.43
CA SER B 176 -8.10 -8.44 33.85
C SER B 176 -8.98 -9.67 34.01
N THR B 177 -8.57 -10.58 34.89
CA THR B 177 -9.27 -11.84 35.10
C THR B 177 -9.76 -11.89 36.54
N LEU B 178 -11.07 -11.97 36.70
CA LEU B 178 -11.69 -12.07 38.02
C LEU B 178 -12.00 -13.55 38.26
N THR B 179 -11.34 -14.13 39.26
CA THR B 179 -11.46 -15.55 39.55
C THR B 179 -12.30 -15.76 40.81
N LEU B 180 -13.35 -16.56 40.67
CA LEU B 180 -14.23 -16.91 41.78
C LEU B 180 -14.41 -18.43 41.80
N SER B 181 -14.89 -18.92 42.94
CA SER B 181 -15.38 -20.29 42.98
C SER B 181 -16.79 -20.33 42.39
N LYS B 182 -17.15 -21.50 41.87
CA LYS B 182 -18.47 -21.64 41.26
C LYS B 182 -19.58 -21.31 42.25
N ALA B 183 -19.38 -21.69 43.52
CA ALA B 183 -20.34 -21.34 44.57
C ALA B 183 -20.49 -19.82 44.71
N ASP B 184 -19.37 -19.11 44.84
CA ASP B 184 -19.42 -17.66 45.03
C ASP B 184 -19.96 -16.97 43.78
N TYR B 185 -19.60 -17.48 42.60
CA TYR B 185 -20.08 -16.92 41.34
C TYR B 185 -21.60 -16.87 41.29
N GLU B 186 -22.25 -17.96 41.69
CA GLU B 186 -23.69 -18.09 41.59
C GLU B 186 -24.44 -17.44 42.75
N LYS B 187 -23.73 -17.01 43.80
CA LYS B 187 -24.39 -16.25 44.87
C LYS B 187 -24.90 -14.90 44.35
N HIS B 188 -24.12 -14.24 43.51
CA HIS B 188 -24.44 -12.92 42.99
C HIS B 188 -24.93 -12.99 41.54
N LYS B 189 -25.51 -11.88 41.08
CA LYS B 189 -26.19 -11.84 39.79
C LYS B 189 -25.50 -10.95 38.76
N VAL B 190 -25.18 -9.70 39.09
CA VAL B 190 -24.65 -8.76 38.11
C VAL B 190 -23.15 -8.61 38.29
N TYR B 191 -22.41 -8.76 37.20
CA TYR B 191 -20.96 -8.69 37.15
C TYR B 191 -20.56 -7.53 36.25
N ALA B 192 -19.72 -6.64 36.77
CA ALA B 192 -19.45 -5.39 36.10
C ALA B 192 -17.95 -5.12 36.07
N CYS B 193 -17.50 -4.53 34.97
CA CYS B 193 -16.10 -4.18 34.75
C CYS B 193 -16.04 -2.69 34.47
N GLU B 194 -15.44 -1.94 35.40
CA GLU B 194 -15.44 -0.49 35.37
C GLU B 194 -14.03 0.01 35.07
N VAL B 195 -13.86 0.54 33.86
CA VAL B 195 -12.56 0.97 33.38
C VAL B 195 -12.46 2.48 33.50
N THR B 196 -11.35 2.95 34.07
CA THR B 196 -11.01 4.37 34.10
C THR B 196 -9.70 4.58 33.35
N HIS B 197 -9.67 5.63 32.53
CA HIS B 197 -8.54 5.88 31.63
C HIS B 197 -8.67 7.28 31.06
N GLN B 198 -7.51 7.88 30.75
CA GLN B 198 -7.48 9.26 30.27
C GLN B 198 -8.14 9.41 28.91
N GLY B 199 -8.17 8.35 28.10
CA GLY B 199 -8.84 8.44 26.82
C GLY B 199 -10.35 8.46 26.92
N LEU B 200 -10.91 8.20 28.10
CA LEU B 200 -12.34 8.25 28.32
C LEU B 200 -12.66 9.48 29.13
N ARG B 201 -13.68 10.23 28.69
CA ARG B 201 -14.17 11.34 29.49
C ARG B 201 -14.75 10.82 30.80
N SER B 202 -15.48 9.71 30.74
CA SER B 202 -16.13 9.07 31.87
C SER B 202 -15.87 7.58 31.85
N PRO B 203 -15.90 6.93 33.02
CA PRO B 203 -15.57 5.50 33.08
C PRO B 203 -16.54 4.67 32.27
N VAL B 204 -16.00 3.70 31.54
CA VAL B 204 -16.80 2.79 30.73
C VAL B 204 -17.07 1.53 31.55
N THR B 205 -18.33 1.12 31.58
CA THR B 205 -18.75 -0.04 32.33
C THR B 205 -19.35 -1.06 31.37
N LYS B 206 -18.79 -2.26 31.36
CA LYS B 206 -19.40 -3.40 30.68
C LYS B 206 -19.88 -4.37 31.75
N SER B 207 -21.04 -4.97 31.53
CA SER B 207 -21.62 -5.81 32.56
C SER B 207 -22.47 -6.90 31.91
N PHE B 208 -22.85 -7.87 32.75
CA PHE B 208 -23.79 -8.90 32.36
C PHE B 208 -24.47 -9.43 33.62
N ASN B 209 -25.62 -10.07 33.42
CA ASN B 209 -26.34 -10.72 34.50
C ASN B 209 -26.16 -12.22 34.42
N ARG B 210 -26.01 -12.85 35.58
CA ARG B 210 -25.87 -14.30 35.68
C ARG B 210 -27.14 -15.03 35.25
N GLU C 1 -7.78 38.79 -2.48
CA GLU C 1 -7.32 38.26 -3.76
C GLU C 1 -7.64 36.77 -3.86
N VAL C 2 -6.76 36.03 -4.53
CA VAL C 2 -6.85 34.57 -4.55
C VAL C 2 -6.79 34.04 -3.12
N GLN C 3 -7.81 33.27 -2.73
CA GLN C 3 -7.92 32.71 -1.40
C GLN C 3 -8.29 31.23 -1.47
N LEU C 4 -7.62 30.41 -0.65
CA LEU C 4 -7.89 28.98 -0.54
C LEU C 4 -8.24 28.66 0.91
N GLN C 5 -9.54 28.65 1.21
CA GLN C 5 -10.02 28.44 2.58
C GLN C 5 -10.30 26.96 2.80
N GLN C 6 -9.42 26.28 3.52
CA GLN C 6 -9.59 24.88 3.86
C GLN C 6 -10.41 24.71 5.14
N SER C 7 -10.89 23.48 5.34
CA SER C 7 -11.72 23.16 6.49
C SER C 7 -10.93 23.27 7.80
N GLY C 8 -11.67 23.32 8.89
CA GLY C 8 -11.06 23.32 10.20
C GLY C 8 -10.48 21.95 10.55
N ALA C 9 -9.59 21.95 11.53
CA ALA C 9 -8.95 20.72 11.98
C ALA C 9 -10.01 19.72 12.46
N GLU C 10 -9.72 18.43 12.26
CA GLU C 10 -10.64 17.37 12.63
C GLU C 10 -9.94 16.33 13.49
N LEU C 11 -10.74 15.70 14.35
CA LEU C 11 -10.34 14.53 15.13
C LEU C 11 -11.24 13.38 14.70
N ALA C 12 -10.61 12.26 14.35
CA ALA C 12 -11.33 11.11 13.85
C ALA C 12 -10.86 9.86 14.58
N LYS C 13 -11.75 8.90 14.68
CA LYS C 13 -11.42 7.66 15.34
C LYS C 13 -10.76 6.70 14.36
N PRO C 14 -9.98 5.74 14.85
CA PRO C 14 -9.31 4.82 13.92
C PRO C 14 -10.30 3.93 13.20
N GLY C 15 -9.99 3.65 11.93
CA GLY C 15 -10.89 2.91 11.07
C GLY C 15 -12.05 3.71 10.51
N ALA C 16 -12.20 4.96 10.93
CA ALA C 16 -13.27 5.83 10.48
C ALA C 16 -12.90 6.55 9.18
N SER C 17 -13.77 7.46 8.76
CA SER C 17 -13.58 8.30 7.59
C SER C 17 -13.71 9.77 7.96
N VAL C 18 -13.07 10.63 7.17
CA VAL C 18 -13.15 12.08 7.35
C VAL C 18 -13.18 12.72 5.97
N LYS C 19 -13.93 13.82 5.85
CA LYS C 19 -14.03 14.56 4.60
C LYS C 19 -13.69 16.02 4.87
N MET C 20 -12.70 16.54 4.14
CA MET C 20 -12.25 17.91 4.28
C MET C 20 -12.42 18.66 2.95
N SER C 21 -12.67 19.96 3.06
CA SER C 21 -12.99 20.80 1.92
C SER C 21 -11.89 21.84 1.70
N CYS C 22 -11.98 22.48 0.53
CA CYS C 22 -11.04 23.53 0.14
C CYS C 22 -11.79 24.47 -0.81
N LYS C 23 -12.29 25.58 -0.28
CA LYS C 23 -13.07 26.50 -1.09
C LYS C 23 -12.16 27.55 -1.70
N ALA C 24 -12.24 27.71 -3.02
CA ALA C 24 -11.36 28.58 -3.78
C ALA C 24 -12.06 29.87 -4.17
N SER C 25 -11.35 30.98 -4.02
CA SER C 25 -11.86 32.30 -4.39
C SER C 25 -10.75 33.10 -5.05
N GLY C 26 -11.15 34.03 -5.93
CA GLY C 26 -10.22 34.93 -6.57
C GLY C 26 -9.67 34.48 -7.91
N TYR C 27 -9.94 33.24 -8.31
CA TYR C 27 -9.46 32.73 -9.60
C TYR C 27 -10.50 31.79 -10.18
N THR C 28 -10.37 31.51 -11.47
CA THR C 28 -11.33 30.63 -12.13
C THR C 28 -11.09 29.20 -11.65
N PHE C 29 -12.03 28.69 -10.86
CA PHE C 29 -11.86 27.39 -10.21
C PHE C 29 -11.58 26.28 -11.22
N THR C 30 -12.30 26.29 -12.34
CA THR C 30 -12.20 25.20 -13.30
C THR C 30 -10.90 25.23 -14.10
N SER C 31 -10.22 26.38 -14.16
CA SER C 31 -9.06 26.53 -15.03
C SER C 31 -7.80 25.88 -14.48
N TYR C 32 -7.77 25.56 -13.18
CA TYR C 32 -6.57 25.01 -12.56
C TYR C 32 -6.90 23.70 -11.87
N TRP C 33 -6.01 22.73 -12.04
CA TRP C 33 -6.11 21.47 -11.30
C TRP C 33 -6.00 21.75 -9.82
N MET C 34 -6.58 20.86 -9.01
CA MET C 34 -6.54 21.00 -7.56
C MET C 34 -5.77 19.81 -6.99
N HIS C 35 -4.59 20.07 -6.47
CA HIS C 35 -3.73 19.06 -5.88
C HIS C 35 -3.90 19.04 -4.36
N TRP C 36 -3.51 17.92 -3.77
CA TRP C 36 -3.58 17.74 -2.33
C TRP C 36 -2.22 17.23 -1.85
N VAL C 37 -1.70 17.85 -0.80
CA VAL C 37 -0.39 17.52 -0.27
C VAL C 37 -0.51 17.21 1.21
N LYS C 38 0.36 16.31 1.68
CA LYS C 38 0.34 15.81 3.05
C LYS C 38 1.66 16.19 3.71
N GLN C 39 1.57 16.78 4.91
CA GLN C 39 2.76 17.19 5.65
C GLN C 39 2.77 16.51 7.01
N ARG C 40 3.63 15.51 7.15
CA ARG C 40 3.91 15.05 8.50
C ARG C 40 5.19 15.69 9.01
N PRO C 41 5.25 16.14 10.27
CA PRO C 41 6.49 16.72 10.79
C PRO C 41 7.61 15.70 10.80
N GLY C 42 8.75 16.07 10.21
CA GLY C 42 9.88 15.17 10.16
C GLY C 42 9.95 14.40 8.87
N GLN C 43 8.79 14.01 8.35
CA GLN C 43 8.72 13.18 7.14
C GLN C 43 8.91 14.03 5.89
N GLY C 44 8.24 15.18 5.83
CA GLY C 44 8.21 16.02 4.64
C GLY C 44 6.86 16.04 3.94
N LEU C 45 6.87 16.34 2.65
CA LEU C 45 5.65 16.52 1.87
C LEU C 45 5.43 15.34 0.93
N GLU C 46 4.20 14.86 0.88
CA GLU C 46 3.81 13.79 -0.02
C GLU C 46 2.65 14.27 -0.90
N TRP C 47 2.73 13.95 -2.19
CA TRP C 47 1.72 14.35 -3.15
C TRP C 47 0.65 13.28 -3.18
N ILE C 48 -0.60 13.68 -2.97
CA ILE C 48 -1.71 12.73 -2.93
C ILE C 48 -2.31 12.52 -4.32
N GLY C 49 -2.65 13.61 -5.00
CA GLY C 49 -3.27 13.52 -6.29
C GLY C 49 -3.82 14.88 -6.70
N TYR C 50 -4.43 14.90 -7.88
CA TYR C 50 -5.10 16.09 -8.37
C TYR C 50 -6.45 15.70 -8.96
N ILE C 51 -7.32 16.69 -9.06
CA ILE C 51 -8.58 16.56 -9.76
C ILE C 51 -8.70 17.73 -10.73
N ASN C 52 -9.26 17.46 -11.91
CA ASN C 52 -9.54 18.55 -12.83
C ASN C 52 -11.01 18.91 -12.67
N PRO C 53 -11.35 20.01 -11.99
CA PRO C 53 -12.76 20.32 -11.73
C PRO C 53 -13.58 20.51 -13.00
N SER C 54 -12.93 20.74 -14.15
CA SER C 54 -13.68 20.84 -15.41
C SER C 54 -14.20 19.48 -15.83
N THR C 55 -13.34 18.45 -15.81
CA THR C 55 -13.73 17.12 -16.24
C THR C 55 -14.02 16.16 -15.09
N GLY C 56 -13.57 16.48 -13.87
CA GLY C 56 -13.64 15.52 -12.78
C GLY C 56 -12.61 14.43 -12.85
N TYR C 57 -11.70 14.47 -13.82
CA TYR C 57 -10.66 13.46 -13.94
C TYR C 57 -9.68 13.57 -12.78
N THR C 58 -9.23 12.42 -12.30
CA THR C 58 -8.30 12.36 -11.18
C THR C 58 -7.15 11.42 -11.52
N GLU C 59 -5.97 11.76 -10.99
CA GLU C 59 -4.88 10.82 -10.87
C GLU C 59 -4.39 10.84 -9.43
N TYR C 60 -3.87 9.70 -8.99
CA TYR C 60 -3.48 9.53 -7.61
C TYR C 60 -2.09 8.95 -7.53
N ASN C 61 -1.38 9.33 -6.47
CA ASN C 61 -0.20 8.58 -6.09
C ASN C 61 -0.69 7.21 -5.65
N GLN C 62 -0.06 6.16 -6.17
CA GLN C 62 -0.53 4.80 -5.89
C GLN C 62 -0.48 4.50 -4.40
N LYS C 63 0.43 5.15 -3.67
CA LYS C 63 0.49 5.02 -2.22
C LYS C 63 -0.85 5.35 -1.58
N PHE C 64 -1.58 6.32 -2.15
CA PHE C 64 -2.83 6.81 -1.58
C PHE C 64 -4.04 6.33 -2.36
N LYS C 65 -3.84 5.45 -3.35
CA LYS C 65 -4.91 5.00 -4.23
C LYS C 65 -6.14 4.57 -3.42
N ASP C 66 -5.93 3.74 -2.41
CA ASP C 66 -7.01 3.22 -1.58
C ASP C 66 -7.40 4.15 -0.44
N LYS C 67 -6.52 5.07 -0.05
CA LYS C 67 -6.80 5.96 1.07
C LYS C 67 -7.67 7.16 0.68
N ALA C 68 -7.26 7.88 -0.36
CA ALA C 68 -7.83 9.19 -0.65
C ALA C 68 -8.86 9.11 -1.76
N THR C 69 -9.83 10.01 -1.69
CA THR C 69 -10.87 10.13 -2.72
C THR C 69 -11.14 11.60 -2.94
N LEU C 70 -10.85 12.08 -4.15
CA LEU C 70 -10.94 13.50 -4.50
C LEU C 70 -12.21 13.80 -5.28
N THR C 71 -12.88 14.88 -4.89
CA THR C 71 -14.07 15.36 -5.59
C THR C 71 -14.02 16.88 -5.64
N ALA C 72 -14.84 17.44 -6.52
CA ALA C 72 -14.94 18.88 -6.66
C ALA C 72 -16.36 19.23 -7.08
N ASP C 73 -16.71 20.50 -6.92
CA ASP C 73 -18.05 20.96 -7.27
C ASP C 73 -17.94 22.38 -7.80
N LYS C 74 -18.26 22.57 -9.08
CA LYS C 74 -18.10 23.87 -9.72
C LYS C 74 -19.06 24.90 -9.13
N SER C 75 -20.29 24.50 -8.83
CA SER C 75 -21.29 25.44 -8.33
C SER C 75 -20.85 26.08 -7.02
N SER C 76 -20.24 25.30 -6.14
CA SER C 76 -19.73 25.84 -4.87
C SER C 76 -18.27 26.26 -4.96
N SER C 77 -17.57 25.94 -6.06
CA SER C 77 -16.18 26.33 -6.27
C SER C 77 -15.27 25.83 -5.14
N THR C 78 -15.48 24.60 -4.69
CA THR C 78 -14.68 24.02 -3.63
C THR C 78 -14.32 22.59 -3.98
N ALA C 79 -13.13 22.16 -3.54
CA ALA C 79 -12.65 20.81 -3.74
C ALA C 79 -12.66 20.07 -2.42
N TYR C 80 -12.91 18.76 -2.50
CA TYR C 80 -13.05 17.90 -1.34
C TYR C 80 -12.06 16.76 -1.42
N MET C 81 -11.60 16.29 -0.26
CA MET C 81 -10.86 15.05 -0.16
C MET C 81 -11.41 14.22 0.98
N GLN C 82 -11.56 12.92 0.76
CA GLN C 82 -12.03 11.99 1.77
C GLN C 82 -10.95 10.96 2.04
N LEU C 83 -10.49 10.90 3.29
CA LEU C 83 -9.62 9.82 3.74
C LEU C 83 -10.48 8.76 4.38
N SER C 84 -10.10 7.50 4.19
CA SER C 84 -10.88 6.36 4.66
C SER C 84 -9.99 5.43 5.47
N SER C 85 -10.63 4.58 6.29
CA SER C 85 -9.97 3.55 7.08
C SER C 85 -8.73 4.12 7.78
N LEU C 86 -8.96 5.15 8.57
CA LEU C 86 -7.87 5.97 9.11
C LEU C 86 -6.99 5.17 10.07
N THR C 87 -5.69 5.36 9.92
CA THR C 87 -4.68 4.84 10.84
C THR C 87 -3.90 6.02 11.43
N SER C 88 -2.97 5.70 12.33
CA SER C 88 -2.14 6.75 12.91
C SER C 88 -1.19 7.35 11.88
N GLU C 89 -0.88 6.61 10.80
CA GLU C 89 -0.08 7.18 9.72
C GLU C 89 -0.76 8.37 9.07
N ASP C 90 -2.09 8.43 9.15
CA ASP C 90 -2.84 9.48 8.48
C ASP C 90 -2.93 10.77 9.27
N SER C 91 -2.43 10.81 10.50
CA SER C 91 -2.40 12.07 11.24
C SER C 91 -1.33 12.99 10.65
N ALA C 92 -1.76 14.13 10.12
CA ALA C 92 -0.87 15.03 9.40
C ALA C 92 -1.62 16.32 9.10
N VAL C 93 -0.92 17.25 8.44
CA VAL C 93 -1.52 18.44 7.87
C VAL C 93 -1.69 18.21 6.38
N TYR C 94 -2.90 18.43 5.88
CA TYR C 94 -3.22 18.21 4.47
C TYR C 94 -3.46 19.55 3.80
N TYR C 95 -2.64 19.85 2.80
CA TYR C 95 -2.72 21.11 2.06
C TYR C 95 -3.44 20.93 0.73
N CYS C 96 -3.99 22.04 0.27
CA CYS C 96 -4.77 22.12 -0.96
C CYS C 96 -4.19 23.23 -1.83
N ALA C 97 -3.90 22.91 -3.09
CA ALA C 97 -3.15 23.87 -3.89
C ALA C 97 -3.32 23.64 -5.39
N PRO C 98 -3.69 24.67 -6.14
CA PRO C 98 -3.74 24.56 -7.62
C PRO C 98 -2.34 24.70 -8.22
N LEU C 99 -1.60 23.59 -8.22
CA LEU C 99 -0.20 23.65 -8.62
C LEU C 99 -0.01 23.63 -10.13
N TRP C 100 -1.05 23.31 -10.90
CA TRP C 100 -0.91 23.19 -12.34
C TRP C 100 -2.25 23.52 -12.98
N PRO C 101 -2.27 24.28 -14.09
CA PRO C 101 -1.18 25.03 -14.73
C PRO C 101 -0.55 26.09 -13.82
N LEU C 102 0.50 26.73 -14.30
CA LEU C 102 1.18 27.73 -13.50
C LEU C 102 0.39 29.04 -13.47
N GLY C 103 0.66 29.86 -12.45
CA GLY C 103 0.04 31.17 -12.34
C GLY C 103 -0.83 31.38 -11.12
N THR C 104 -1.07 30.37 -10.29
CA THR C 104 -1.76 30.49 -9.00
C THR C 104 -0.85 29.91 -7.93
N ASP C 105 0.12 30.70 -7.48
CA ASP C 105 1.20 30.20 -6.63
C ASP C 105 0.75 29.90 -5.20
N TYR C 106 -0.50 30.19 -4.84
CA TYR C 106 -0.91 30.07 -3.45
C TYR C 106 -1.51 28.72 -3.11
N TRP C 107 -1.36 28.35 -1.84
CA TRP C 107 -1.86 27.12 -1.23
C TRP C 107 -2.93 27.46 -0.21
N GLY C 108 -3.66 26.42 0.23
CA GLY C 108 -4.54 26.57 1.36
C GLY C 108 -3.78 26.54 2.68
N GLN C 109 -4.42 27.01 3.75
CA GLN C 109 -3.73 27.09 5.03
C GLN C 109 -3.50 25.72 5.66
N GLY C 110 -4.24 24.70 5.23
CA GLY C 110 -4.04 23.37 5.76
C GLY C 110 -5.06 22.91 6.77
N THR C 111 -5.53 21.68 6.62
CA THR C 111 -6.37 21.02 7.60
C THR C 111 -5.51 20.02 8.36
N THR C 112 -5.49 20.13 9.69
CA THR C 112 -4.75 19.20 10.52
C THR C 112 -5.70 18.09 10.99
N LEU C 113 -5.37 16.85 10.66
CA LEU C 113 -6.18 15.69 10.99
C LEU C 113 -5.49 14.87 12.07
N THR C 114 -6.23 14.55 13.13
CA THR C 114 -5.75 13.70 14.22
C THR C 114 -6.60 12.45 14.28
N VAL C 115 -5.95 11.29 14.29
CA VAL C 115 -6.66 10.01 14.38
C VAL C 115 -6.43 9.45 15.77
N SER C 116 -7.48 9.49 16.60
CA SER C 116 -7.42 8.90 17.92
C SER C 116 -8.80 8.43 18.33
N SER C 117 -8.85 7.27 18.99
CA SER C 117 -10.05 6.76 19.63
C SER C 117 -10.42 7.57 20.86
N ALA C 118 -9.52 8.42 21.34
CA ALA C 118 -9.71 9.12 22.61
C ALA C 118 -10.74 10.24 22.47
N SER C 119 -11.33 10.58 23.61
CA SER C 119 -12.27 11.69 23.73
C SER C 119 -11.52 13.00 23.82
N THR C 120 -12.23 14.10 23.55
CA THR C 120 -11.63 15.40 23.75
C THR C 120 -11.46 15.66 25.25
N LYS C 121 -10.54 16.58 25.55
CA LYS C 121 -10.29 16.95 26.94
C LYS C 121 -9.85 18.40 27.00
N GLY C 122 -10.47 19.16 27.89
CA GLY C 122 -10.17 20.57 28.03
C GLY C 122 -8.94 20.76 28.88
N PRO C 123 -8.25 21.88 28.68
CA PRO C 123 -7.02 22.12 29.42
C PRO C 123 -7.29 22.62 30.83
N SER C 124 -6.36 22.29 31.73
CA SER C 124 -6.27 22.96 33.00
C SER C 124 -5.25 24.08 32.88
N VAL C 125 -5.55 25.22 33.49
CA VAL C 125 -4.73 26.42 33.36
C VAL C 125 -4.31 26.86 34.75
N PHE C 126 -3.03 26.78 35.02
CA PHE C 126 -2.45 27.21 36.28
C PHE C 126 -1.57 28.43 36.05
N PRO C 127 -1.43 29.30 37.05
CA PRO C 127 -0.60 30.49 36.87
C PRO C 127 0.87 30.19 37.13
N LEU C 128 1.71 30.99 36.49
CA LEU C 128 3.14 31.05 36.77
C LEU C 128 3.38 32.42 37.37
N ALA C 129 3.41 32.48 38.69
CA ALA C 129 3.40 33.76 39.38
C ALA C 129 4.79 34.38 39.36
N PRO C 130 4.90 35.69 39.16
CA PRO C 130 6.21 36.33 39.14
C PRO C 130 6.84 36.36 40.52
N SER C 131 8.16 36.55 40.54
CA SER C 131 8.93 36.51 41.78
C SER C 131 9.05 37.89 42.40
N SER C 132 10.11 38.10 43.18
CA SER C 132 10.39 39.40 43.79
C SER C 132 11.89 39.56 44.02
N THR C 139 11.91 44.48 34.79
CA THR C 139 11.35 43.47 33.90
C THR C 139 11.00 42.19 34.67
N ALA C 140 9.72 41.83 34.67
CA ALA C 140 9.24 40.67 35.40
C ALA C 140 8.59 39.70 34.44
N ALA C 141 8.85 38.41 34.63
CA ALA C 141 8.22 37.38 33.82
C ALA C 141 7.09 36.74 34.60
N LEU C 142 5.99 36.47 33.91
CA LEU C 142 4.84 35.77 34.46
C LEU C 142 4.18 35.04 33.32
N GLY C 143 3.34 34.07 33.64
CA GLY C 143 2.78 33.28 32.57
C GLY C 143 1.69 32.34 33.04
N CYS C 144 1.26 31.48 32.12
CA CYS C 144 0.22 30.50 32.36
C CYS C 144 0.69 29.13 31.91
N LEU C 145 0.39 28.13 32.73
CA LEU C 145 0.63 26.75 32.40
C LEU C 145 -0.68 26.12 31.94
N VAL C 146 -0.69 25.63 30.71
CA VAL C 146 -1.88 25.09 30.07
C VAL C 146 -1.67 23.58 29.96
N LYS C 147 -2.28 22.81 30.87
CA LYS C 147 -1.93 21.42 31.06
C LYS C 147 -3.09 20.48 30.71
N ASP C 148 -2.72 19.32 30.15
CA ASP C 148 -3.60 18.17 30.03
C ASP C 148 -4.79 18.44 29.11
N TYR C 149 -4.50 18.74 27.84
CA TYR C 149 -5.56 18.88 26.86
C TYR C 149 -5.33 17.95 25.69
N PHE C 150 -6.40 17.70 24.95
CA PHE C 150 -6.36 16.86 23.76
C PHE C 150 -7.63 17.13 22.97
N PRO C 151 -7.55 17.30 21.64
CA PRO C 151 -6.34 17.44 20.84
C PRO C 151 -5.87 18.89 20.74
N GLU C 152 -4.85 19.13 19.94
CA GLU C 152 -4.47 20.49 19.57
C GLU C 152 -5.50 21.09 18.61
N PRO C 153 -5.52 22.43 18.47
CA PRO C 153 -4.66 23.39 19.17
C PRO C 153 -5.34 24.16 20.29
N VAL C 154 -4.52 24.93 20.99
CA VAL C 154 -4.96 25.85 22.03
C VAL C 154 -4.54 27.25 21.63
N THR C 155 -5.39 28.23 21.96
CA THR C 155 -5.11 29.63 21.67
C THR C 155 -4.98 30.35 22.99
N VAL C 156 -3.85 31.01 23.19
CA VAL C 156 -3.57 31.77 24.41
C VAL C 156 -3.32 33.21 24.00
N SER C 157 -4.09 34.13 24.57
CA SER C 157 -3.88 35.56 24.39
C SER C 157 -3.77 36.22 25.76
N TRP C 158 -3.26 37.45 25.76
CA TRP C 158 -3.04 38.19 26.99
C TRP C 158 -3.69 39.56 26.93
N ASN C 159 -4.13 40.04 28.09
CA ASN C 159 -4.69 41.38 28.20
C ASN C 159 -3.56 42.39 28.40
N SER C 160 -2.55 42.32 27.52
CA SER C 160 -1.40 43.20 27.57
C SER C 160 -1.28 44.08 26.34
N GLY C 161 -1.35 43.50 25.15
CA GLY C 161 -1.19 44.26 23.92
C GLY C 161 0.20 44.09 23.36
N ALA C 162 0.38 44.59 22.14
CA ALA C 162 1.71 44.57 21.55
C ALA C 162 2.60 45.70 22.06
N LEU C 163 2.09 46.57 22.95
CA LEU C 163 2.93 47.64 23.49
C LEU C 163 3.75 47.14 24.67
N THR C 164 3.13 46.35 25.55
CA THR C 164 3.82 45.71 26.66
C THR C 164 4.05 44.24 26.35
N SER C 165 4.38 43.97 25.09
CA SER C 165 4.39 42.61 24.57
C SER C 165 5.72 41.92 24.85
N GLY C 166 5.64 40.77 25.49
CA GLY C 166 6.78 39.93 25.76
C GLY C 166 6.25 38.51 25.76
N VAL C 167 5.38 38.22 24.80
CA VAL C 167 4.63 36.97 24.81
C VAL C 167 5.44 35.89 24.13
N HIS C 168 5.57 34.77 24.82
CA HIS C 168 6.17 33.57 24.27
C HIS C 168 5.22 32.43 24.60
N THR C 169 4.50 31.96 23.58
CA THR C 169 3.71 30.76 23.70
C THR C 169 4.54 29.62 23.11
N PHE C 170 4.84 28.64 23.93
CA PHE C 170 5.74 27.59 23.53
C PHE C 170 4.98 26.53 22.75
N PRO C 171 5.69 25.76 21.93
CA PRO C 171 5.02 24.64 21.25
C PRO C 171 4.47 23.69 22.29
N ALA C 172 3.38 23.03 21.96
CA ALA C 172 2.88 22.01 22.85
C ALA C 172 3.89 20.88 22.89
N VAL C 173 4.00 20.24 24.04
CA VAL C 173 4.92 19.12 24.19
C VAL C 173 4.12 17.94 24.66
N LEU C 174 4.37 16.79 24.04
CA LEU C 174 3.52 15.62 24.24
C LEU C 174 3.99 14.91 25.49
N GLN C 175 3.09 14.73 26.45
CA GLN C 175 3.44 14.11 27.70
C GLN C 175 3.34 12.59 27.58
N SER C 176 3.86 11.90 28.59
CA SER C 176 3.72 10.45 28.65
C SER C 176 2.28 10.04 28.91
N SER C 177 1.46 10.95 29.45
CA SER C 177 0.03 10.72 29.61
C SER C 177 -0.71 10.67 28.29
N GLY C 178 -0.08 11.06 27.18
CA GLY C 178 -0.76 11.15 25.90
C GLY C 178 -1.44 12.46 25.66
N LEU C 179 -1.31 13.42 26.58
CA LEU C 179 -1.98 14.70 26.52
C LEU C 179 -0.97 15.82 26.32
N TYR C 180 -1.39 16.85 25.61
CA TYR C 180 -0.50 17.96 25.34
C TYR C 180 -0.42 18.88 26.55
N SER C 181 0.67 19.65 26.59
CA SER C 181 0.89 20.65 27.62
C SER C 181 1.78 21.72 27.02
N LEU C 182 1.49 22.98 27.37
CA LEU C 182 2.34 24.07 26.94
C LEU C 182 2.29 25.18 27.97
N SER C 183 3.26 26.08 27.88
CA SER C 183 3.31 27.27 28.71
C SER C 183 3.30 28.48 27.81
N SER C 184 2.63 29.54 28.26
CA SER C 184 2.70 30.84 27.62
C SER C 184 3.23 31.82 28.66
N VAL C 185 4.26 32.57 28.28
CA VAL C 185 4.93 33.48 29.20
C VAL C 185 4.89 34.85 28.59
N VAL C 186 4.86 35.86 29.46
CA VAL C 186 4.84 37.25 29.03
C VAL C 186 5.87 38.01 29.84
N THR C 187 6.52 38.97 29.19
CA THR C 187 7.52 39.82 29.81
C THR C 187 6.95 41.22 29.91
N VAL C 188 7.07 41.83 31.09
CA VAL C 188 6.35 43.08 31.36
C VAL C 188 7.24 43.98 32.19
N PRO C 189 7.01 45.30 32.12
CA PRO C 189 7.71 46.22 33.01
C PRO C 189 7.40 45.90 34.46
N SER C 190 8.44 45.93 35.30
CA SER C 190 8.21 45.62 36.72
C SER C 190 7.41 46.71 37.40
N SER C 191 7.47 47.94 36.86
CA SER C 191 6.67 49.04 37.37
C SER C 191 5.17 48.72 37.30
N SER C 192 4.74 48.00 36.27
CA SER C 192 3.33 47.75 36.03
C SER C 192 2.77 46.58 36.84
N LEU C 193 3.47 46.07 37.84
CA LEU C 193 3.02 44.85 38.50
C LEU C 193 1.83 45.12 39.42
N GLY C 194 1.95 46.10 40.31
CA GLY C 194 0.86 46.43 41.22
C GLY C 194 -0.34 47.07 40.56
N THR C 195 -0.16 47.71 39.42
CA THR C 195 -1.26 48.45 38.79
C THR C 195 -2.06 47.53 37.88
N GLN C 196 -1.40 46.89 36.94
CA GLN C 196 -2.08 46.04 35.98
C GLN C 196 -2.37 44.67 36.54
N THR C 197 -3.54 44.14 36.19
CA THR C 197 -3.89 42.75 36.45
C THR C 197 -3.73 42.01 35.14
N TYR C 198 -2.97 40.92 35.16
CA TYR C 198 -2.63 40.17 33.96
C TYR C 198 -3.42 38.89 33.95
N ILE C 199 -4.21 38.70 32.89
CA ILE C 199 -5.10 37.56 32.76
C ILE C 199 -4.84 36.92 31.41
N CYS C 200 -4.63 35.61 31.41
CA CYS C 200 -4.39 34.87 30.18
C CYS C 200 -5.67 34.18 29.75
N ASN C 201 -5.96 34.27 28.46
CA ASN C 201 -7.24 33.82 27.92
C ASN C 201 -6.92 32.58 27.11
N VAL C 202 -7.11 31.42 27.71
CA VAL C 202 -6.86 30.16 27.03
C VAL C 202 -8.14 29.72 26.36
N ASN C 203 -8.04 29.31 25.10
CA ASN C 203 -9.21 28.94 24.31
C ASN C 203 -8.91 27.63 23.61
N HIS C 204 -9.66 26.58 23.97
CA HIS C 204 -9.52 25.25 23.40
C HIS C 204 -10.81 24.93 22.65
N LYS C 205 -10.73 24.93 21.32
CA LYS C 205 -11.93 24.82 20.50
C LYS C 205 -12.62 23.46 20.62
N PRO C 206 -11.93 22.32 20.48
CA PRO C 206 -12.64 21.02 20.45
C PRO C 206 -13.45 20.70 21.69
N SER C 207 -13.17 21.31 22.84
CA SER C 207 -13.94 21.08 24.05
C SER C 207 -14.88 22.24 24.38
N ASN C 208 -15.03 23.20 23.46
CA ASN C 208 -15.84 24.39 23.69
C ASN C 208 -15.43 25.04 25.01
N THR C 209 -14.12 25.20 25.17
CA THR C 209 -13.53 25.71 26.39
C THR C 209 -12.95 27.09 26.14
N LYS C 210 -13.53 28.09 26.79
CA LYS C 210 -12.95 29.42 26.90
C LYS C 210 -12.71 29.63 28.39
N VAL C 211 -11.50 29.97 28.76
CA VAL C 211 -11.16 30.20 30.17
C VAL C 211 -10.28 31.42 30.29
N ASP C 212 -10.53 32.20 31.34
CA ASP C 212 -9.75 33.39 31.66
C ASP C 212 -9.08 33.13 33.00
N LYS C 213 -7.75 33.24 33.04
CA LYS C 213 -6.99 32.93 34.24
C LYS C 213 -6.18 34.13 34.68
N LYS C 214 -6.39 34.53 35.93
CA LYS C 214 -5.71 35.67 36.53
C LYS C 214 -4.33 35.29 37.05
N VAL C 215 -3.33 36.08 36.70
CA VAL C 215 -1.95 35.87 37.15
C VAL C 215 -1.55 37.07 37.99
N GLU C 216 -1.18 36.82 39.24
CA GLU C 216 -0.86 37.88 40.20
C GLU C 216 0.27 37.43 41.11
N PRO C 217 1.01 38.37 41.69
CA PRO C 217 2.09 37.98 42.61
C PRO C 217 1.48 37.39 43.88
N LYS C 218 2.26 36.54 44.55
CA LYS C 218 1.72 35.78 45.67
C LYS C 218 1.75 36.61 46.96
N SER C 219 1.20 36.03 48.03
CA SER C 219 1.07 36.76 49.30
C SER C 219 0.89 35.73 50.43
N CYS C 220 2.01 35.32 51.00
CA CYS C 220 1.99 34.33 52.09
C CYS C 220 1.75 35.01 53.44
N ASP D 1 9.06 7.05 -8.15
CA ASP D 1 9.27 7.35 -6.74
C ASP D 1 10.71 7.79 -6.52
N ILE D 2 10.97 9.04 -6.89
CA ILE D 2 12.30 9.65 -6.78
C ILE D 2 12.45 10.26 -5.40
N VAL D 3 13.54 9.90 -4.71
CA VAL D 3 13.79 10.43 -3.37
C VAL D 3 14.68 11.65 -3.50
N LEU D 4 14.17 12.79 -3.05
CA LEU D 4 14.91 14.05 -3.07
C LEU D 4 15.54 14.26 -1.70
N THR D 5 16.85 14.39 -1.66
CA THR D 5 17.60 14.55 -0.43
C THR D 5 18.09 15.99 -0.37
N GLN D 6 17.55 16.77 0.56
CA GLN D 6 17.95 18.16 0.72
C GLN D 6 19.03 18.24 1.79
N SER D 7 20.14 18.87 1.45
CA SER D 7 21.22 19.15 2.39
C SER D 7 21.55 20.64 2.34
N PRO D 8 21.83 21.25 3.50
CA PRO D 8 21.70 20.65 4.83
C PRO D 8 20.24 20.69 5.29
N ALA D 9 19.91 20.00 6.38
CA ALA D 9 18.55 20.09 6.89
C ALA D 9 18.32 21.42 7.59
N ILE D 10 19.34 21.95 8.27
CA ILE D 10 19.25 23.22 8.97
C ILE D 10 20.53 24.01 8.68
N MET D 11 20.40 25.32 8.49
CA MET D 11 21.55 26.17 8.27
C MET D 11 21.19 27.59 8.71
N SER D 12 22.23 28.37 9.02
CA SER D 12 22.05 29.74 9.44
C SER D 12 22.95 30.65 8.62
N ALA D 13 22.54 31.91 8.50
CA ALA D 13 23.26 32.86 7.68
C ALA D 13 23.01 34.27 8.17
N SER D 14 24.07 35.06 8.24
CA SER D 14 23.95 36.47 8.57
C SER D 14 23.48 37.25 7.35
N PRO D 15 22.70 38.32 7.54
CA PRO D 15 22.22 39.09 6.39
C PRO D 15 23.37 39.72 5.62
N GLY D 16 23.46 39.36 4.34
CA GLY D 16 24.61 39.71 3.53
C GLY D 16 25.31 38.49 2.99
N GLU D 17 25.41 37.46 3.82
CA GLU D 17 26.08 36.23 3.42
C GLU D 17 25.43 35.64 2.17
N LYS D 18 26.22 34.88 1.42
CA LYS D 18 25.68 34.06 0.34
C LYS D 18 25.31 32.69 0.89
N VAL D 19 24.10 32.23 0.59
CA VAL D 19 23.60 30.95 1.06
C VAL D 19 23.24 30.08 -0.13
N THR D 20 23.63 28.81 -0.05
CA THR D 20 23.37 27.82 -1.09
C THR D 20 22.92 26.53 -0.42
N MET D 21 21.86 25.94 -0.96
CA MET D 21 21.34 24.66 -0.50
C MET D 21 21.12 23.76 -1.69
N THR D 22 21.30 22.46 -1.49
CA THR D 22 21.21 21.49 -2.58
C THR D 22 19.98 20.61 -2.43
N CYS D 23 19.71 19.88 -3.50
CA CYS D 23 18.59 18.95 -3.56
C CYS D 23 19.04 17.81 -4.48
N SER D 24 19.26 16.63 -3.88
CA SER D 24 19.88 15.50 -4.57
C SER D 24 18.81 14.47 -4.92
N ALA D 25 18.67 14.19 -6.21
CA ALA D 25 17.65 13.29 -6.72
C ALA D 25 18.20 11.89 -6.88
N SER D 26 17.42 10.89 -6.44
CA SER D 26 17.85 9.50 -6.56
C SER D 26 18.04 9.09 -8.02
N SER D 27 17.29 9.68 -8.93
CA SER D 27 17.45 9.46 -10.36
C SER D 27 17.39 10.82 -11.05
N SER D 28 17.63 10.81 -12.36
CA SER D 28 17.61 12.05 -13.13
C SER D 28 16.22 12.67 -13.10
N VAL D 29 16.17 13.99 -13.18
CA VAL D 29 14.91 14.73 -13.26
C VAL D 29 15.13 15.89 -14.22
N SER D 30 14.12 16.18 -15.04
CA SER D 30 14.25 17.21 -16.05
C SER D 30 14.27 18.60 -15.43
N TYR D 31 13.29 18.89 -14.59
CA TYR D 31 13.13 20.19 -13.96
C TYR D 31 12.94 20.03 -12.46
N MET D 32 13.29 21.09 -11.74
CA MET D 32 13.12 21.12 -10.31
C MET D 32 12.38 22.39 -9.90
N HIS D 33 11.48 22.26 -8.93
CA HIS D 33 10.70 23.37 -8.42
C HIS D 33 11.03 23.59 -6.95
N TRP D 34 10.84 24.82 -6.48
CA TRP D 34 11.13 25.20 -5.11
C TRP D 34 9.96 25.94 -4.50
N TYR D 35 9.59 25.57 -3.28
CA TYR D 35 8.56 26.24 -2.52
C TYR D 35 9.18 26.78 -1.24
N GLN D 36 8.59 27.86 -0.72
CA GLN D 36 9.03 28.49 0.52
C GLN D 36 7.90 28.40 1.54
N GLN D 37 8.24 27.95 2.75
CA GLN D 37 7.28 27.89 3.85
C GLN D 37 7.85 28.57 5.08
N LYS D 38 7.17 29.61 5.53
CA LYS D 38 7.45 30.30 6.78
C LYS D 38 6.67 29.69 7.94
N SER D 39 7.17 29.91 9.15
CA SER D 39 6.63 29.26 10.36
C SER D 39 5.13 29.44 10.49
N GLY D 40 4.43 28.33 10.72
CA GLY D 40 3.00 28.35 10.94
C GLY D 40 2.20 28.93 9.79
N THR D 41 2.69 28.81 8.56
CA THR D 41 1.95 29.23 7.39
C THR D 41 2.12 28.21 6.29
N SER D 42 1.33 28.35 5.24
CA SER D 42 1.34 27.41 4.13
C SER D 42 2.49 27.69 3.16
N PRO D 43 2.89 26.69 2.39
CA PRO D 43 3.95 26.89 1.40
C PRO D 43 3.52 27.89 0.32
N LYS D 44 4.52 28.41 -0.37
CA LYS D 44 4.31 29.35 -1.47
C LYS D 44 5.29 28.99 -2.57
N ARG D 45 4.82 29.03 -3.81
CA ARG D 45 5.69 28.71 -4.92
C ARG D 45 6.77 29.78 -5.04
N TRP D 46 8.00 29.33 -5.32
CA TRP D 46 9.15 30.22 -5.23
C TRP D 46 9.97 30.22 -6.50
N ILE D 47 10.35 29.03 -6.97
CA ILE D 47 11.11 28.85 -8.20
C ILE D 47 10.46 27.70 -8.97
N TYR D 48 10.23 27.91 -10.26
CA TYR D 48 9.72 26.85 -11.12
C TYR D 48 10.63 26.69 -12.33
N ASP D 49 10.55 25.51 -12.95
CA ASP D 49 11.40 25.14 -14.08
C ASP D 49 12.87 25.48 -13.79
N THR D 50 13.34 25.02 -12.63
CA THR D 50 14.74 25.12 -12.23
C THR D 50 15.22 26.55 -11.98
N SER D 51 15.10 27.44 -12.97
CA SER D 51 15.74 28.74 -12.91
C SER D 51 14.79 29.92 -12.83
N LYS D 52 13.51 29.73 -13.14
CA LYS D 52 12.58 30.83 -13.29
C LYS D 52 11.96 31.18 -11.94
N LEU D 53 12.05 32.46 -11.56
CA LEU D 53 11.49 32.91 -10.30
C LEU D 53 9.99 33.16 -10.45
N ALA D 54 9.26 32.89 -9.38
CA ALA D 54 7.83 33.12 -9.35
C ALA D 54 7.54 34.60 -9.15
N SER D 55 6.27 34.97 -9.30
CA SER D 55 5.90 36.38 -9.16
C SER D 55 6.04 36.82 -7.71
N GLY D 56 6.81 37.90 -7.50
CA GLY D 56 7.08 38.42 -6.19
C GLY D 56 8.46 38.09 -5.64
N VAL D 57 9.14 37.12 -6.23
CA VAL D 57 10.41 36.63 -5.68
C VAL D 57 11.54 37.57 -6.08
N PRO D 58 12.31 38.09 -5.12
CA PRO D 58 13.44 38.98 -5.44
C PRO D 58 14.50 38.28 -6.26
N ALA D 59 15.24 39.09 -7.05
CA ALA D 59 16.22 38.55 -7.98
C ALA D 59 17.43 37.94 -7.26
N ARG D 60 17.64 38.29 -5.99
CA ARG D 60 18.70 37.66 -5.20
C ARG D 60 18.51 36.16 -5.07
N PHE D 61 17.28 35.67 -5.23
CA PHE D 61 17.03 34.25 -5.30
C PHE D 61 17.34 33.75 -6.71
N SER D 62 17.81 32.51 -6.78
CA SER D 62 18.13 31.93 -8.09
C SER D 62 18.23 30.43 -7.95
N GLY D 63 17.98 29.74 -9.05
CA GLY D 63 17.98 28.30 -9.07
C GLY D 63 18.82 27.78 -10.21
N SER D 64 19.58 26.72 -9.93
CA SER D 64 20.45 26.10 -10.91
C SER D 64 20.39 24.60 -10.71
N GLY D 65 20.99 23.86 -11.64
CA GLY D 65 21.11 22.43 -11.51
C GLY D 65 20.68 21.70 -12.77
N SER D 66 21.05 20.44 -12.81
CA SER D 66 20.62 19.54 -13.89
C SER D 66 20.78 18.11 -13.41
N GLY D 67 20.11 17.20 -14.12
CA GLY D 67 20.25 15.78 -13.84
C GLY D 67 19.79 15.39 -12.45
N THR D 68 20.75 15.14 -11.56
CA THR D 68 20.46 14.69 -10.20
C THR D 68 20.89 15.68 -9.13
N SER D 69 21.38 16.86 -9.51
CA SER D 69 21.85 17.84 -8.54
C SER D 69 21.31 19.21 -8.93
N TYR D 70 20.47 19.78 -8.07
CA TYR D 70 19.92 21.11 -8.27
C TYR D 70 20.19 21.96 -7.04
N SER D 71 20.10 23.28 -7.22
CA SER D 71 20.55 24.18 -6.19
C SER D 71 19.67 25.42 -6.13
N LEU D 72 19.49 25.93 -4.91
CA LEU D 72 18.88 27.23 -4.67
C LEU D 72 19.88 28.10 -3.94
N THR D 73 20.04 29.34 -4.40
CA THR D 73 21.06 30.24 -3.89
C THR D 73 20.45 31.61 -3.61
N ILE D 74 20.92 32.25 -2.54
CA ILE D 74 20.63 33.66 -2.25
C ILE D 74 21.95 34.40 -2.20
N SER D 75 22.11 35.39 -3.08
CA SER D 75 23.36 36.14 -3.14
C SER D 75 23.47 37.07 -1.93
N SER D 76 22.40 37.77 -1.62
CA SER D 76 22.34 38.71 -0.49
C SER D 76 21.24 38.23 0.45
N MET D 77 21.62 37.38 1.40
CA MET D 77 20.71 36.92 2.44
C MET D 77 20.04 38.11 3.12
N GLU D 78 18.76 37.96 3.43
CA GLU D 78 18.03 38.99 4.16
C GLU D 78 17.27 38.32 5.30
N ALA D 79 16.79 39.16 6.24
CA ALA D 79 16.05 38.62 7.38
C ALA D 79 14.78 37.93 6.94
N GLU D 80 14.03 38.55 6.02
CA GLU D 80 12.79 37.96 5.53
C GLU D 80 12.99 36.64 4.81
N ASP D 81 14.23 36.23 4.55
CA ASP D 81 14.50 34.95 3.89
C ASP D 81 14.53 33.79 4.86
N ALA D 82 14.46 34.05 6.17
CA ALA D 82 14.36 32.97 7.13
C ALA D 82 13.08 32.21 6.88
N ALA D 83 13.22 30.95 6.46
CA ALA D 83 12.08 30.11 6.09
C ALA D 83 12.59 28.71 5.77
N THR D 84 11.66 27.81 5.46
CA THR D 84 11.98 26.47 5.01
C THR D 84 11.74 26.39 3.50
N TYR D 85 12.67 25.73 2.81
CA TYR D 85 12.66 25.66 1.35
C TYR D 85 12.58 24.21 0.93
N TYR D 86 11.55 23.87 0.18
CA TYR D 86 11.30 22.51 -0.27
C TYR D 86 11.55 22.42 -1.78
N CYS D 87 12.18 21.34 -2.19
CA CYS D 87 12.34 21.07 -3.61
C CYS D 87 11.33 20.01 -4.05
N GLN D 88 10.89 20.11 -5.31
CA GLN D 88 9.84 19.25 -5.85
C GLN D 88 10.12 18.93 -7.32
N GLN D 89 9.62 17.78 -7.78
CA GLN D 89 9.72 17.38 -9.17
C GLN D 89 8.41 16.74 -9.63
N TRP D 90 8.08 16.90 -10.92
CA TRP D 90 7.04 16.09 -11.55
C TRP D 90 7.58 15.02 -12.48
N SER D 91 8.80 15.20 -13.00
CA SER D 91 9.33 14.42 -14.12
C SER D 91 8.92 12.96 -14.12
N SER D 92 9.07 12.31 -12.97
CA SER D 92 8.64 10.94 -12.79
C SER D 92 7.38 10.95 -11.94
N ASN D 93 6.32 10.34 -12.45
CA ASN D 93 5.21 10.26 -11.50
C ASN D 93 5.44 9.08 -10.56
N PRO D 94 5.08 9.22 -9.27
CA PRO D 94 4.45 10.37 -8.62
C PRO D 94 5.38 11.55 -8.41
N PRO D 95 4.83 12.76 -8.44
CA PRO D 95 5.59 13.93 -7.97
C PRO D 95 6.07 13.71 -6.53
N THR D 96 7.28 14.18 -6.24
CA THR D 96 7.87 14.04 -4.92
C THR D 96 8.44 15.37 -4.44
N PHE D 97 8.50 15.51 -3.12
CA PHE D 97 9.07 16.68 -2.47
C PHE D 97 10.33 16.28 -1.70
N GLY D 98 11.09 17.30 -1.29
CA GLY D 98 12.21 17.08 -0.40
C GLY D 98 11.78 17.19 1.05
N ALA D 99 12.71 16.85 1.94
CA ALA D 99 12.44 16.95 3.37
C ALA D 99 12.56 18.38 3.87
N GLY D 100 13.09 19.29 3.07
CA GLY D 100 13.21 20.67 3.45
C GLY D 100 14.63 21.04 3.86
N THR D 101 14.97 22.31 3.64
CA THR D 101 16.13 22.94 4.25
C THR D 101 15.64 24.14 5.05
N LYS D 102 15.93 24.15 6.35
CA LYS D 102 15.51 25.24 7.22
C LYS D 102 16.61 26.29 7.31
N LEU D 103 16.26 27.53 6.98
CA LEU D 103 17.20 28.65 6.98
C LEU D 103 16.90 29.54 8.18
N GLU D 104 17.83 29.58 9.13
CA GLU D 104 17.72 30.42 10.31
C GLU D 104 18.68 31.60 10.18
N LEU D 105 18.54 32.55 11.10
CA LEU D 105 19.35 33.75 11.11
C LEU D 105 20.51 33.58 12.09
N LYS D 106 21.68 34.08 11.68
CA LYS D 106 22.81 34.16 12.59
C LYS D 106 22.77 35.46 13.38
N ARG D 107 23.50 35.46 14.48
CA ARG D 107 23.44 36.53 15.46
C ARG D 107 24.59 36.31 16.43
N THR D 108 24.98 37.38 17.12
CA THR D 108 25.97 37.21 18.17
C THR D 108 25.36 36.47 19.36
N VAL D 109 26.24 35.93 20.22
CA VAL D 109 25.77 35.24 21.41
C VAL D 109 24.89 36.17 22.23
N ALA D 110 23.94 35.56 22.94
CA ALA D 110 23.08 36.28 23.86
C ALA D 110 22.90 35.41 25.09
N ALA D 111 23.06 36.00 26.23
CA ALA D 111 22.90 35.15 27.38
C ALA D 111 21.43 35.07 27.78
N PRO D 112 20.99 33.93 28.32
CA PRO D 112 19.58 33.80 28.70
C PRO D 112 19.31 34.43 30.06
N SER D 113 18.12 35.03 30.17
CA SER D 113 17.56 35.39 31.47
C SER D 113 16.77 34.19 31.98
N VAL D 114 17.10 33.73 33.18
CA VAL D 114 16.53 32.51 33.73
C VAL D 114 15.52 32.87 34.82
N PHE D 115 14.37 32.21 34.78
CA PHE D 115 13.32 32.36 35.77
C PHE D 115 12.89 30.95 36.21
N ILE D 116 12.52 30.82 37.48
CA ILE D 116 11.95 29.59 37.99
C ILE D 116 10.59 29.89 38.59
N PHE D 117 9.63 28.99 38.36
CA PHE D 117 8.28 29.17 38.85
C PHE D 117 7.91 27.98 39.72
N PRO D 118 7.47 28.20 40.95
CA PRO D 118 7.00 27.09 41.78
C PRO D 118 5.61 26.64 41.35
N PRO D 119 5.21 25.42 41.68
CA PRO D 119 3.87 24.97 41.30
C PRO D 119 2.81 25.73 42.08
N SER D 120 1.70 26.01 41.41
CA SER D 120 0.62 26.77 42.00
C SER D 120 -0.09 25.95 43.08
N ASP D 121 -0.75 26.67 44.00
CA ASP D 121 -1.51 26.01 45.05
C ASP D 121 -2.71 25.27 44.47
N GLU D 122 -3.27 25.80 43.38
CA GLU D 122 -4.38 25.15 42.69
C GLU D 122 -3.96 23.81 42.09
N GLN D 123 -2.75 23.73 41.55
CA GLN D 123 -2.27 22.49 40.94
C GLN D 123 -2.02 21.42 41.98
N LEU D 124 -1.43 21.79 43.12
CA LEU D 124 -1.11 20.82 44.16
C LEU D 124 -2.35 20.08 44.65
N LYS D 125 -3.49 20.76 44.71
CA LYS D 125 -4.73 20.07 45.08
C LYS D 125 -5.06 18.95 44.10
N SER D 126 -4.72 19.13 42.82
CA SER D 126 -4.99 18.09 41.83
C SER D 126 -4.10 16.87 41.99
N GLY D 127 -3.04 16.95 42.79
CA GLY D 127 -2.19 15.80 43.08
C GLY D 127 -0.94 15.68 42.23
N THR D 128 -0.59 16.71 41.47
CA THR D 128 0.62 16.73 40.67
C THR D 128 1.26 18.11 40.82
N ALA D 129 2.57 18.17 40.59
CA ALA D 129 3.32 19.42 40.70
C ALA D 129 4.20 19.62 39.48
N SER D 130 4.04 20.76 38.82
CA SER D 130 4.87 21.14 37.69
C SER D 130 5.76 22.31 38.09
N VAL D 131 7.06 22.12 37.99
CA VAL D 131 8.05 23.17 38.23
C VAL D 131 8.60 23.60 36.88
N VAL D 132 8.50 24.90 36.58
CA VAL D 132 8.89 25.45 35.29
C VAL D 132 10.15 26.29 35.46
N CYS D 133 11.09 26.10 34.54
CA CYS D 133 12.30 26.91 34.47
C CYS D 133 12.30 27.57 33.09
N LEU D 134 12.37 28.90 33.07
CA LEU D 134 12.25 29.66 31.83
C LEU D 134 13.59 30.30 31.48
N LEU D 135 14.05 30.05 30.27
CA LEU D 135 15.24 30.70 29.71
C LEU D 135 14.76 31.67 28.63
N ASN D 136 15.09 32.95 28.81
CA ASN D 136 14.53 34.01 27.98
C ASN D 136 15.62 34.65 27.11
N ASN D 137 15.35 34.72 25.81
CA ASN D 137 16.10 35.54 24.86
C ASN D 137 17.59 35.21 24.86
N PHE D 138 17.90 34.03 24.33
CA PHE D 138 19.29 33.59 24.23
C PHE D 138 19.59 33.13 22.81
N TYR D 139 20.88 32.98 22.53
CA TYR D 139 21.38 32.46 21.26
C TYR D 139 22.78 31.93 21.51
N PRO D 140 23.14 30.77 20.96
CA PRO D 140 22.34 29.91 20.08
C PRO D 140 21.37 28.99 20.83
N ARG D 141 20.62 28.21 20.06
CA ARG D 141 19.57 27.36 20.61
C ARG D 141 20.12 26.34 21.62
N GLU D 142 21.35 25.89 21.43
CA GLU D 142 21.93 24.84 22.27
C GLU D 142 22.11 25.34 23.70
N ALA D 143 21.32 24.79 24.62
CA ALA D 143 21.40 25.15 26.04
C ALA D 143 21.11 23.91 26.88
N LYS D 144 21.83 23.78 27.99
CA LYS D 144 21.75 22.64 28.88
C LYS D 144 21.07 23.05 30.18
N VAL D 145 19.92 22.43 30.48
CA VAL D 145 19.18 22.67 31.71
C VAL D 145 19.24 21.42 32.57
N GLN D 146 19.63 21.59 33.84
CA GLN D 146 19.72 20.51 34.81
C GLN D 146 18.84 20.84 36.01
N TRP D 147 18.05 19.87 36.45
CA TRP D 147 17.23 20.01 37.65
C TRP D 147 17.94 19.40 38.84
N LYS D 148 17.78 20.03 40.00
CA LYS D 148 18.41 19.57 41.23
C LYS D 148 17.42 19.74 42.37
N VAL D 149 17.01 18.64 42.97
CA VAL D 149 16.11 18.63 44.11
C VAL D 149 16.93 18.25 45.32
N ASP D 150 17.09 19.19 46.25
CA ASP D 150 18.00 19.06 47.38
C ASP D 150 19.37 18.59 46.89
N ASN D 151 19.81 19.15 45.77
CA ASN D 151 21.05 18.82 45.08
C ASN D 151 21.09 17.40 44.53
N ALA D 152 19.95 16.70 44.51
CA ALA D 152 19.87 15.37 43.90
C ALA D 152 19.54 15.57 42.43
N LEU D 153 20.48 15.21 41.56
CA LEU D 153 20.36 15.45 40.13
C LEU D 153 19.20 14.62 39.57
N GLN D 154 18.13 15.31 39.17
CA GLN D 154 16.95 14.66 38.61
C GLN D 154 17.24 14.09 37.23
N SER D 155 16.40 13.13 36.83
CA SER D 155 16.58 12.45 35.55
C SER D 155 15.27 11.81 35.12
N GLY D 156 14.88 12.06 33.87
CA GLY D 156 13.72 11.42 33.28
C GLY D 156 12.38 12.01 33.64
N ASN D 157 12.31 13.10 34.39
CA ASN D 157 11.05 13.68 34.82
C ASN D 157 10.85 15.10 34.31
N SER D 158 11.48 15.46 33.19
CA SER D 158 11.38 16.81 32.68
C SER D 158 11.37 16.82 31.16
N GLN D 159 10.69 17.82 30.59
CA GLN D 159 10.57 18.01 29.15
C GLN D 159 10.89 19.46 28.82
N GLU D 160 11.57 19.67 27.69
CA GLU D 160 11.93 21.01 27.23
C GLU D 160 11.10 21.38 25.99
N SER D 161 10.88 22.67 25.83
CA SER D 161 10.26 23.22 24.63
C SER D 161 10.96 24.53 24.26
N VAL D 162 11.20 24.71 22.96
CA VAL D 162 11.96 25.85 22.47
C VAL D 162 11.12 26.60 21.45
N THR D 163 11.15 27.93 21.51
CA THR D 163 10.41 28.75 20.57
C THR D 163 11.12 28.78 19.21
N GLU D 164 10.38 29.20 18.20
CA GLU D 164 11.00 29.51 16.93
C GLU D 164 11.78 30.80 17.04
N GLN D 165 12.75 30.97 16.13
CA GLN D 165 13.61 32.14 16.19
C GLN D 165 12.76 33.41 16.03
N ASP D 166 12.98 34.36 16.93
CA ASP D 166 12.19 35.59 16.94
C ASP D 166 12.51 36.43 15.71
N SER D 167 11.46 36.86 14.99
CA SER D 167 11.68 37.68 13.81
C SER D 167 12.35 39.00 14.16
N LYS D 168 12.15 39.51 15.38
CA LYS D 168 12.79 40.76 15.80
C LYS D 168 14.28 40.62 16.07
N ASP D 169 14.63 40.05 17.23
CA ASP D 169 16.02 40.00 17.68
C ASP D 169 16.68 38.66 17.45
N SER D 170 16.02 37.75 16.72
CA SER D 170 16.61 36.47 16.29
C SER D 170 17.07 35.61 17.47
N THR D 171 16.40 35.75 18.62
CA THR D 171 16.75 35.00 19.82
C THR D 171 15.76 33.86 20.02
N TYR D 172 16.11 32.96 20.94
CA TYR D 172 15.26 31.84 21.31
C TYR D 172 14.81 31.99 22.76
N SER D 173 13.77 31.22 23.11
CA SER D 173 13.37 31.06 24.50
C SER D 173 13.06 29.58 24.72
N LEU D 174 13.22 29.14 25.97
CA LEU D 174 13.09 27.73 26.30
C LEU D 174 12.40 27.55 27.64
N SER D 175 11.53 26.55 27.72
CA SER D 175 10.88 26.16 28.97
C SER D 175 11.19 24.70 29.27
N SER D 176 11.84 24.45 30.40
CA SER D 176 11.97 23.11 30.96
C SER D 176 10.92 22.95 32.05
N THR D 177 10.17 21.85 31.99
CA THR D 177 9.08 21.59 32.93
C THR D 177 9.37 20.32 33.70
N LEU D 178 9.49 20.45 35.03
CA LEU D 178 9.71 19.34 35.92
C LEU D 178 8.38 18.92 36.54
N THR D 179 7.95 17.69 36.28
CA THR D 179 6.66 17.18 36.73
C THR D 179 6.87 16.20 37.88
N LEU D 180 6.20 16.46 39.01
CA LEU D 180 6.26 15.59 40.18
C LEU D 180 4.86 15.31 40.70
N SER D 181 4.74 14.25 41.48
CA SER D 181 3.54 14.03 42.27
C SER D 181 3.60 14.88 43.53
N LYS D 182 2.42 15.20 44.06
CA LYS D 182 2.36 16.05 45.26
C LYS D 182 3.16 15.43 46.41
N ALA D 183 3.14 14.10 46.54
CA ALA D 183 3.91 13.44 47.59
C ALA D 183 5.41 13.70 47.43
N ASP D 184 5.96 13.42 46.24
CA ASP D 184 7.39 13.62 46.03
C ASP D 184 7.76 15.09 46.10
N TYR D 185 6.89 15.97 45.59
CA TYR D 185 7.16 17.40 45.67
C TYR D 185 7.35 17.84 47.10
N GLU D 186 6.49 17.39 48.02
CA GLU D 186 6.54 17.86 49.40
C GLU D 186 7.58 17.15 50.26
N LYS D 187 8.18 16.04 49.80
CA LYS D 187 9.25 15.44 50.57
C LYS D 187 10.47 16.35 50.64
N HIS D 188 10.78 17.02 49.54
CA HIS D 188 12.00 17.81 49.43
C HIS D 188 11.70 19.30 49.58
N LYS D 189 12.75 20.07 49.83
CA LYS D 189 12.60 21.47 50.19
C LYS D 189 13.17 22.43 49.14
N VAL D 190 14.40 22.18 48.64
CA VAL D 190 15.06 23.09 47.72
C VAL D 190 14.93 22.56 46.31
N TYR D 191 14.42 23.39 45.42
CA TYR D 191 14.23 23.06 44.01
C TYR D 191 15.06 24.02 43.19
N ALA D 192 15.94 23.50 42.35
CA ALA D 192 16.94 24.34 41.70
C ALA D 192 17.05 24.01 40.22
N CYS D 193 17.31 25.06 39.44
CA CYS D 193 17.44 24.98 37.99
C CYS D 193 18.80 25.54 37.61
N GLU D 194 19.67 24.69 37.09
CA GLU D 194 21.06 25.06 36.80
C GLU D 194 21.21 25.12 35.28
N VAL D 195 21.35 26.34 34.75
CA VAL D 195 21.43 26.56 33.31
C VAL D 195 22.89 26.79 32.94
N THR D 196 23.35 26.05 31.94
CA THR D 196 24.65 26.27 31.32
C THR D 196 24.45 26.60 29.85
N HIS D 197 25.22 27.56 29.36
CA HIS D 197 25.03 28.09 28.02
C HIS D 197 26.25 28.91 27.63
N GLN D 198 26.48 29.01 26.32
CA GLN D 198 27.68 29.66 25.81
C GLN D 198 27.74 31.14 26.19
N GLY D 199 26.59 31.78 26.38
CA GLY D 199 26.57 33.18 26.79
C GLY D 199 26.91 33.43 28.25
N LEU D 200 27.01 32.39 29.08
CA LEU D 200 27.34 32.56 30.49
C LEU D 200 28.76 32.08 30.74
N ARG D 201 29.52 32.90 31.47
CA ARG D 201 30.85 32.46 31.90
C ARG D 201 30.76 31.27 32.83
N SER D 202 29.78 31.27 33.74
CA SER D 202 29.57 30.20 34.69
C SER D 202 28.08 29.85 34.73
N PRO D 203 27.75 28.60 35.03
CA PRO D 203 26.34 28.18 34.98
C PRO D 203 25.51 28.96 35.99
N VAL D 204 24.35 29.41 35.53
CA VAL D 204 23.42 30.16 36.38
C VAL D 204 22.43 29.19 37.00
N THR D 205 22.23 29.33 38.31
CA THR D 205 21.32 28.47 39.06
C THR D 205 20.25 29.35 39.66
N LYS D 206 18.99 29.04 39.35
CA LYS D 206 17.84 29.64 40.00
C LYS D 206 17.18 28.60 40.87
N SER D 207 16.70 29.02 42.04
CA SER D 207 16.16 28.06 42.98
C SER D 207 15.09 28.72 43.84
N PHE D 208 14.37 27.88 44.58
CA PHE D 208 13.42 28.34 45.58
C PHE D 208 13.29 27.25 46.63
N ASN D 209 12.83 27.64 47.81
CA ASN D 209 12.55 26.70 48.88
C ASN D 209 11.04 26.51 49.03
N ARG D 210 10.64 25.27 49.29
CA ARG D 210 9.24 24.93 49.51
C ARG D 210 8.72 25.58 50.78
N GLU E 1 25.71 -5.36 -14.13
CA GLU E 1 24.90 -5.89 -15.22
C GLU E 1 23.58 -6.43 -14.67
N VAL E 2 22.50 -6.27 -15.44
CA VAL E 2 21.18 -6.64 -14.96
C VAL E 2 21.10 -8.16 -14.81
N GLN E 3 20.87 -8.63 -13.59
CA GLN E 3 20.65 -10.04 -13.33
C GLN E 3 19.49 -10.17 -12.36
N LEU E 4 18.59 -11.10 -12.65
CA LEU E 4 17.41 -11.37 -11.82
C LEU E 4 17.51 -12.84 -11.41
N GLN E 5 18.02 -13.08 -10.19
CA GLN E 5 18.24 -14.43 -9.70
C GLN E 5 16.98 -14.90 -9.00
N GLN E 6 16.20 -15.74 -9.68
CA GLN E 6 14.99 -16.30 -9.10
C GLN E 6 15.33 -17.57 -8.33
N SER E 7 14.40 -17.96 -7.46
CA SER E 7 14.60 -19.12 -6.59
C SER E 7 14.66 -20.41 -7.40
N GLY E 8 15.17 -21.46 -6.75
CA GLY E 8 15.21 -22.76 -7.38
C GLY E 8 13.83 -23.39 -7.48
N ALA E 9 13.73 -24.36 -8.39
CA ALA E 9 12.48 -25.08 -8.59
C ALA E 9 12.04 -25.76 -7.30
N GLU E 10 10.73 -25.78 -7.07
CA GLU E 10 10.20 -26.35 -5.84
C GLU E 10 9.03 -27.27 -6.12
N LEU E 11 8.85 -28.22 -5.22
CA LEU E 11 7.71 -29.12 -5.20
C LEU E 11 6.89 -28.82 -3.95
N ALA E 12 5.59 -28.59 -4.14
CA ALA E 12 4.72 -28.20 -3.04
C ALA E 12 3.46 -29.08 -3.06
N LYS E 13 2.89 -29.28 -1.89
CA LYS E 13 1.71 -30.11 -1.76
C LYS E 13 0.43 -29.31 -1.95
N PRO E 14 -0.66 -29.95 -2.34
CA PRO E 14 -1.91 -29.23 -2.57
C PRO E 14 -2.51 -28.68 -1.28
N GLY E 15 -3.11 -27.50 -1.39
CA GLY E 15 -3.62 -26.79 -0.24
C GLY E 15 -2.58 -26.10 0.59
N ALA E 16 -1.30 -26.30 0.30
CA ALA E 16 -0.21 -25.66 1.02
C ALA E 16 0.10 -24.30 0.42
N SER E 17 1.12 -23.65 0.95
CA SER E 17 1.60 -22.37 0.46
C SER E 17 3.08 -22.48 0.13
N VAL E 18 3.55 -21.60 -0.76
CA VAL E 18 4.93 -21.59 -1.21
C VAL E 18 5.41 -20.15 -1.34
N LYS E 19 6.71 -19.94 -1.09
CA LYS E 19 7.34 -18.63 -1.16
C LYS E 19 8.51 -18.68 -2.13
N MET E 20 8.48 -17.80 -3.14
CA MET E 20 9.55 -17.69 -4.13
C MET E 20 10.14 -16.28 -4.10
N SER E 21 11.42 -16.19 -4.43
CA SER E 21 12.18 -14.95 -4.34
C SER E 21 12.66 -14.51 -5.73
N CYS E 22 13.13 -13.25 -5.78
CA CYS E 22 13.67 -12.68 -7.01
C CYS E 22 14.66 -11.58 -6.63
N LYS E 23 15.94 -11.90 -6.65
CA LYS E 23 16.98 -10.95 -6.24
C LYS E 23 17.46 -10.17 -7.47
N ALA E 24 17.47 -8.84 -7.34
CA ALA E 24 17.81 -7.94 -8.43
C ALA E 24 19.23 -7.39 -8.27
N SER E 25 19.98 -7.37 -9.37
CA SER E 25 21.32 -6.81 -9.40
C SER E 25 21.53 -6.01 -10.68
N GLY E 26 22.42 -5.03 -10.61
CA GLY E 26 22.80 -4.23 -11.74
C GLY E 26 21.98 -2.97 -11.97
N TYR E 27 20.90 -2.78 -11.21
CA TYR E 27 20.05 -1.60 -11.34
C TYR E 27 19.49 -1.24 -9.97
N THR E 28 18.93 -0.03 -9.89
CA THR E 28 18.35 0.46 -8.64
C THR E 28 17.03 -0.26 -8.37
N PHE E 29 17.02 -1.09 -7.33
CA PHE E 29 15.85 -1.93 -7.04
C PHE E 29 14.59 -1.10 -6.87
N THR E 30 14.69 0.05 -6.19
CA THR E 30 13.52 0.84 -5.87
C THR E 30 12.95 1.59 -7.08
N SER E 31 13.75 1.79 -8.13
CA SER E 31 13.34 2.63 -9.25
C SER E 31 12.37 1.94 -10.20
N TYR E 32 12.25 0.61 -10.14
CA TYR E 32 11.39 -0.14 -11.03
C TYR E 32 10.42 -0.99 -10.22
N TRP E 33 9.16 -0.99 -10.64
CA TRP E 33 8.20 -1.93 -10.09
C TRP E 33 8.65 -3.34 -10.40
N MET E 34 8.22 -4.29 -9.59
CA MET E 34 8.58 -5.68 -9.83
C MET E 34 7.30 -6.44 -10.16
N HIS E 35 7.15 -6.82 -11.41
CA HIS E 35 5.98 -7.54 -11.87
C HIS E 35 6.24 -9.04 -11.86
N TRP E 36 5.16 -9.80 -11.78
CA TRP E 36 5.23 -11.25 -11.76
C TRP E 36 4.24 -11.78 -12.78
N VAL E 37 4.70 -12.68 -13.64
CA VAL E 37 3.86 -13.25 -14.67
C VAL E 37 3.93 -14.77 -14.59
N LYS E 38 2.87 -15.41 -15.04
CA LYS E 38 2.69 -16.85 -14.96
C LYS E 38 2.67 -17.42 -16.36
N GLN E 39 3.47 -18.46 -16.60
CA GLN E 39 3.52 -19.10 -17.90
C GLN E 39 3.11 -20.56 -17.76
N ARG E 40 1.88 -20.87 -18.17
CA ARG E 40 1.74 -22.30 -18.30
C ARG E 40 2.00 -22.68 -19.75
N PRO E 41 2.73 -23.78 -20.00
CA PRO E 41 2.97 -24.18 -21.39
C PRO E 41 1.67 -24.52 -22.10
N GLY E 42 1.48 -23.92 -23.27
CA GLY E 42 0.27 -24.11 -24.04
C GLY E 42 -0.74 -23.01 -23.84
N GLN E 43 -0.81 -22.47 -22.62
CA GLN E 43 -1.81 -21.46 -22.30
C GLN E 43 -1.34 -20.06 -22.71
N GLY E 44 -0.06 -19.76 -22.43
CA GLY E 44 0.50 -18.42 -22.63
C GLY E 44 0.87 -17.71 -21.33
N LEU E 45 0.90 -16.39 -21.33
CA LEU E 45 1.36 -15.61 -20.20
C LEU E 45 0.21 -14.92 -19.50
N GLU E 46 0.20 -14.99 -18.16
CA GLU E 46 -0.79 -14.32 -17.33
C GLU E 46 -0.07 -13.41 -16.34
N TRP E 47 -0.59 -12.19 -16.19
CA TRP E 47 -0.03 -11.18 -15.32
C TRP E 47 -0.63 -11.33 -13.92
N ILE E 48 0.25 -11.44 -12.92
CA ILE E 48 -0.21 -11.62 -11.54
C ILE E 48 -0.41 -10.29 -10.84
N GLY E 49 0.60 -9.43 -10.88
CA GLY E 49 0.53 -8.17 -10.19
C GLY E 49 1.89 -7.53 -10.16
N TYR E 50 1.97 -6.38 -9.51
CA TYR E 50 3.25 -5.72 -9.31
C TYR E 50 3.34 -5.24 -7.87
N ILE E 51 4.58 -4.99 -7.44
CA ILE E 51 4.85 -4.34 -6.17
C ILE E 51 5.80 -3.18 -6.46
N ASN E 52 5.60 -2.08 -5.73
CA ASN E 52 6.50 -0.96 -5.82
C ASN E 52 7.46 -1.06 -4.64
N PRO E 53 8.72 -1.47 -4.85
CA PRO E 53 9.62 -1.68 -3.72
C PRO E 53 9.85 -0.43 -2.88
N SER E 54 9.56 0.77 -3.41
CA SER E 54 9.71 1.99 -2.64
C SER E 54 8.62 2.13 -1.59
N THR E 55 7.35 1.98 -1.99
CA THR E 55 6.22 2.21 -1.11
C THR E 55 5.61 0.94 -0.53
N GLY E 56 5.90 -0.22 -1.10
CA GLY E 56 5.21 -1.43 -0.72
C GLY E 56 3.81 -1.56 -1.27
N TYR E 57 3.37 -0.61 -2.10
CA TYR E 57 2.06 -0.72 -2.71
C TYR E 57 2.05 -1.88 -3.68
N THR E 58 0.94 -2.61 -3.71
CA THR E 58 0.79 -3.74 -4.61
C THR E 58 -0.54 -3.62 -5.34
N GLU E 59 -0.56 -4.12 -6.56
CA GLU E 59 -1.79 -4.40 -7.28
C GLU E 59 -1.75 -5.83 -7.77
N TYR E 60 -2.94 -6.43 -7.89
CA TYR E 60 -3.08 -7.81 -8.25
C TYR E 60 -4.10 -7.95 -9.36
N ASN E 61 -3.87 -8.92 -10.23
CA ASN E 61 -4.89 -9.37 -11.16
C ASN E 61 -6.01 -10.02 -10.35
N GLN E 62 -7.26 -9.68 -10.67
CA GLN E 62 -8.39 -10.19 -9.91
C GLN E 62 -8.44 -11.70 -9.94
N LYS E 63 -7.97 -12.31 -11.04
CA LYS E 63 -7.84 -13.77 -11.11
C LYS E 63 -6.97 -14.29 -9.98
N PHE E 64 -5.94 -13.53 -9.59
CA PHE E 64 -4.97 -13.94 -8.59
C PHE E 64 -5.14 -13.21 -7.26
N LYS E 65 -6.22 -12.43 -7.11
CA LYS E 65 -6.41 -11.58 -5.93
C LYS E 65 -6.15 -12.34 -4.63
N ASP E 66 -6.79 -13.48 -4.46
CA ASP E 66 -6.67 -14.28 -3.24
C ASP E 66 -5.48 -15.22 -3.30
N LYS E 67 -4.93 -15.49 -4.49
CA LYS E 67 -3.87 -16.46 -4.64
C LYS E 67 -2.51 -15.90 -4.24
N ALA E 68 -2.15 -14.73 -4.75
CA ALA E 68 -0.79 -14.21 -4.65
C ALA E 68 -0.66 -13.17 -3.54
N THR E 69 0.55 -13.08 -2.98
CA THR E 69 0.89 -12.07 -1.99
C THR E 69 2.31 -11.60 -2.26
N LEU E 70 2.46 -10.32 -2.61
CA LEU E 70 3.75 -9.77 -3.03
C LEU E 70 4.36 -8.92 -1.92
N THR E 71 5.66 -9.15 -1.66
CA THR E 71 6.42 -8.38 -0.68
C THR E 71 7.83 -8.17 -1.21
N ALA E 72 8.53 -7.19 -0.62
CA ALA E 72 9.90 -6.91 -1.01
C ALA E 72 10.67 -6.36 0.19
N ASP E 73 11.99 -6.48 0.13
CA ASP E 73 12.88 -5.88 1.11
C ASP E 73 13.91 -5.03 0.38
N LYS E 74 13.92 -3.73 0.66
CA LYS E 74 14.84 -2.82 -0.01
C LYS E 74 16.30 -3.17 0.28
N SER E 75 16.57 -3.77 1.44
CA SER E 75 17.93 -4.10 1.83
C SER E 75 18.53 -5.16 0.91
N SER E 76 18.08 -6.42 1.07
CA SER E 76 18.59 -7.54 0.29
C SER E 76 18.22 -7.42 -1.19
N SER E 77 17.50 -6.36 -1.57
CA SER E 77 17.16 -6.08 -2.97
C SER E 77 16.47 -7.26 -3.64
N THR E 78 15.64 -7.96 -2.86
CA THR E 78 14.93 -9.12 -3.37
C THR E 78 13.43 -8.92 -3.22
N ALA E 79 12.68 -9.47 -4.17
CA ALA E 79 11.23 -9.46 -4.15
C ALA E 79 10.72 -10.87 -3.85
N TYR E 80 9.51 -10.94 -3.29
CA TYR E 80 8.91 -12.23 -2.95
C TYR E 80 7.51 -12.29 -3.51
N MET E 81 7.09 -13.51 -3.86
CA MET E 81 5.70 -13.81 -4.16
C MET E 81 5.31 -15.08 -3.42
N GLN E 82 4.14 -15.05 -2.79
CA GLN E 82 3.62 -16.19 -2.05
C GLN E 82 2.34 -16.66 -2.69
N LEU E 83 2.31 -17.91 -3.12
CA LEU E 83 1.09 -18.55 -3.58
C LEU E 83 0.49 -19.32 -2.42
N SER E 84 -0.84 -19.31 -2.34
CA SER E 84 -1.55 -19.92 -1.22
C SER E 84 -2.61 -20.86 -1.76
N SER E 85 -3.06 -21.76 -0.88
CA SER E 85 -4.11 -22.74 -1.18
C SER E 85 -3.85 -23.39 -2.54
N LEU E 86 -2.67 -23.98 -2.67
CA LEU E 86 -2.18 -24.41 -3.96
C LEU E 86 -3.04 -25.52 -4.53
N THR E 87 -3.35 -25.41 -5.81
CA THR E 87 -4.07 -26.43 -6.57
C THR E 87 -3.19 -26.90 -7.73
N SER E 88 -3.71 -27.87 -8.48
CA SER E 88 -2.97 -28.37 -9.64
C SER E 88 -2.88 -27.31 -10.74
N GLU E 89 -3.85 -26.39 -10.77
CA GLU E 89 -3.83 -25.27 -11.70
C GLU E 89 -2.68 -24.31 -11.43
N ASP E 90 -2.15 -24.31 -10.20
CA ASP E 90 -1.08 -23.39 -9.82
C ASP E 90 0.30 -23.86 -10.25
N SER E 91 0.42 -25.08 -10.78
CA SER E 91 1.70 -25.56 -11.30
C SER E 91 2.02 -24.84 -12.61
N ALA E 92 3.14 -24.13 -12.63
CA ALA E 92 3.48 -23.28 -13.78
C ALA E 92 4.92 -22.79 -13.60
N VAL E 93 5.36 -22.00 -14.58
CA VAL E 93 6.60 -21.24 -14.49
C VAL E 93 6.24 -19.81 -14.13
N TYR E 94 6.85 -19.29 -13.07
CA TYR E 94 6.56 -17.94 -12.59
C TYR E 94 7.75 -17.05 -12.84
N TYR E 95 7.55 -16.03 -13.67
CA TYR E 95 8.61 -15.09 -14.02
C TYR E 95 8.51 -13.82 -13.18
N CYS E 96 9.67 -13.18 -13.05
CA CYS E 96 9.83 -11.97 -12.26
C CYS E 96 10.49 -10.92 -13.15
N ALA E 97 9.89 -9.74 -13.22
CA ALA E 97 10.38 -8.80 -14.22
C ALA E 97 10.02 -7.37 -13.86
N PRO E 98 11.00 -6.47 -13.85
CA PRO E 98 10.74 -5.03 -13.67
C PRO E 98 10.24 -4.41 -14.97
N LEU E 99 8.93 -4.56 -15.20
CA LEU E 99 8.34 -4.17 -16.48
C LEU E 99 8.05 -2.69 -16.56
N TRP E 100 8.06 -1.97 -15.44
CA TRP E 100 7.68 -0.58 -15.46
C TRP E 100 8.38 0.12 -14.31
N PRO E 101 8.91 1.34 -14.52
CA PRO E 101 9.10 2.08 -15.77
C PRO E 101 10.00 1.33 -16.74
N LEU E 102 10.17 1.88 -17.94
CA LEU E 102 10.98 1.22 -18.96
C LEU E 102 12.46 1.42 -18.67
N GLY E 103 13.29 0.56 -19.26
CA GLY E 103 14.73 0.68 -19.15
C GLY E 103 15.48 -0.51 -18.55
N THR E 104 14.81 -1.56 -18.05
CA THR E 104 15.47 -2.81 -17.66
C THR E 104 14.76 -3.97 -18.38
N ASP E 105 15.08 -4.14 -19.65
CA ASP E 105 14.39 -5.06 -20.56
C ASP E 105 14.44 -6.53 -20.14
N TYR E 106 15.15 -6.84 -19.07
CA TYR E 106 15.41 -8.23 -18.69
C TYR E 106 14.37 -8.78 -17.72
N TRP E 107 14.18 -10.10 -17.79
CA TRP E 107 13.30 -10.86 -16.92
C TRP E 107 14.13 -11.81 -16.06
N GLY E 108 13.49 -12.40 -15.04
CA GLY E 108 14.13 -13.45 -14.27
C GLY E 108 14.14 -14.78 -15.01
N GLN E 109 15.00 -15.70 -14.56
CA GLN E 109 15.13 -16.97 -15.28
C GLN E 109 13.92 -17.86 -15.07
N GLY E 110 13.14 -17.62 -14.02
CA GLY E 110 11.94 -18.38 -13.77
C GLY E 110 12.08 -19.43 -12.68
N THR E 111 11.10 -19.47 -11.79
CA THR E 111 10.95 -20.55 -10.82
C THR E 111 9.84 -21.46 -11.32
N THR E 112 10.15 -22.75 -11.44
CA THR E 112 9.17 -23.74 -11.87
C THR E 112 8.50 -24.31 -10.64
N LEU E 113 7.17 -24.22 -10.60
CA LEU E 113 6.39 -24.72 -9.49
C LEU E 113 5.69 -26.01 -9.88
N THR E 114 5.88 -27.05 -9.08
CA THR E 114 5.17 -28.31 -9.24
C THR E 114 4.36 -28.52 -7.97
N VAL E 115 3.05 -28.69 -8.14
CA VAL E 115 2.15 -28.94 -7.01
C VAL E 115 1.67 -30.37 -7.09
N SER E 116 2.17 -31.21 -6.19
CA SER E 116 1.73 -32.60 -6.14
C SER E 116 1.81 -33.11 -4.71
N SER E 117 0.81 -33.92 -4.34
CA SER E 117 0.83 -34.68 -3.09
C SER E 117 1.85 -35.79 -3.12
N ALA E 118 2.38 -36.13 -4.30
CA ALA E 118 3.22 -37.29 -4.47
C ALA E 118 4.62 -37.06 -3.89
N SER E 119 5.28 -38.16 -3.57
CA SER E 119 6.66 -38.13 -3.14
C SER E 119 7.56 -37.95 -4.35
N THR E 120 8.77 -37.45 -4.12
CA THR E 120 9.70 -37.43 -5.24
C THR E 120 10.11 -38.87 -5.55
N LYS E 121 10.61 -39.07 -6.76
CA LYS E 121 11.05 -40.39 -7.13
C LYS E 121 12.22 -40.25 -8.08
N GLY E 122 13.29 -41.00 -7.82
CA GLY E 122 14.49 -40.90 -8.59
C GLY E 122 14.40 -41.69 -9.88
N PRO E 123 15.16 -41.27 -10.88
CA PRO E 123 15.12 -41.95 -12.17
C PRO E 123 15.96 -43.21 -12.19
N SER E 124 15.51 -44.17 -12.99
CA SER E 124 16.35 -45.27 -13.40
C SER E 124 16.95 -44.92 -14.76
N VAL E 125 18.23 -45.28 -14.94
CA VAL E 125 18.96 -44.92 -16.14
C VAL E 125 19.47 -46.21 -16.78
N PHE E 126 18.95 -46.52 -17.95
CA PHE E 126 19.29 -47.69 -18.73
C PHE E 126 20.00 -47.29 -20.01
N PRO E 127 20.87 -48.15 -20.54
CA PRO E 127 21.59 -47.81 -21.78
C PRO E 127 20.80 -48.18 -23.03
N LEU E 128 21.10 -47.44 -24.09
CA LEU E 128 20.64 -47.75 -25.45
C LEU E 128 21.90 -48.14 -26.23
N ALA E 129 22.13 -49.45 -26.35
CA ALA E 129 23.42 -49.90 -26.86
C ALA E 129 23.47 -49.79 -28.38
N PRO E 130 24.60 -49.34 -28.94
CA PRO E 130 24.71 -49.20 -30.39
C PRO E 130 24.84 -50.54 -31.10
N SER E 131 24.82 -50.46 -32.43
CA SER E 131 25.04 -51.60 -33.33
C SER E 131 23.95 -52.65 -33.21
N THR E 139 28.32 -44.57 -39.12
CA THR E 139 27.70 -43.74 -38.10
C THR E 139 26.73 -44.54 -37.23
N ALA E 140 26.99 -44.56 -35.92
CA ALA E 140 26.19 -45.32 -34.97
C ALA E 140 25.59 -44.39 -33.92
N ALA E 141 24.35 -44.67 -33.54
CA ALA E 141 23.66 -43.95 -32.48
C ALA E 141 23.68 -44.75 -31.19
N LEU E 142 23.79 -44.04 -30.07
CA LEU E 142 23.74 -44.65 -28.76
C LEU E 142 23.16 -43.62 -27.80
N GLY E 143 22.72 -44.07 -26.63
CA GLY E 143 22.05 -43.14 -25.76
C GLY E 143 21.75 -43.69 -24.39
N CYS E 144 20.98 -42.90 -23.63
CA CYS E 144 20.57 -43.22 -22.28
C CYS E 144 19.06 -43.03 -22.14
N LEU E 145 18.42 -43.99 -21.47
CA LEU E 145 17.01 -43.91 -21.13
C LEU E 145 16.89 -43.54 -19.66
N VAL E 146 16.26 -42.40 -19.38
CA VAL E 146 16.11 -41.89 -18.03
C VAL E 146 14.63 -42.04 -17.68
N LYS E 147 14.30 -43.06 -16.90
CA LYS E 147 12.93 -43.52 -16.75
C LYS E 147 12.38 -43.31 -15.34
N ASP E 148 11.10 -42.97 -15.27
CA ASP E 148 10.30 -43.01 -14.05
C ASP E 148 10.87 -42.09 -12.96
N TYR E 149 10.89 -40.80 -13.26
CA TYR E 149 11.29 -39.83 -12.26
C TYR E 149 10.21 -38.77 -12.08
N PHE E 150 10.26 -38.12 -10.93
CA PHE E 150 9.35 -37.04 -10.56
C PHE E 150 9.92 -36.31 -9.35
N PRO E 151 9.85 -34.97 -9.30
CA PRO E 151 9.38 -34.12 -10.41
C PRO E 151 10.48 -33.76 -11.39
N GLU E 152 10.12 -32.94 -12.38
CA GLU E 152 11.10 -32.32 -13.25
C GLU E 152 11.90 -31.26 -12.50
N PRO E 153 13.09 -30.89 -13.01
CA PRO E 153 13.70 -31.46 -14.22
C PRO E 153 14.84 -32.43 -13.95
N VAL E 154 15.31 -33.02 -15.04
CA VAL E 154 16.48 -33.88 -15.06
C VAL E 154 17.49 -33.24 -16.01
N THR E 155 18.77 -33.36 -15.67
CA THR E 155 19.85 -32.82 -16.48
C THR E 155 20.71 -33.97 -16.98
N VAL E 156 20.87 -34.06 -18.29
CA VAL E 156 21.66 -35.11 -18.91
C VAL E 156 22.78 -34.46 -19.71
N SER E 157 24.02 -34.86 -19.42
CA SER E 157 25.19 -34.48 -20.18
C SER E 157 25.96 -35.74 -20.57
N TRP E 158 26.93 -35.58 -21.47
CA TRP E 158 27.73 -36.69 -21.94
C TRP E 158 29.21 -36.37 -21.70
N ASN E 159 29.97 -37.42 -21.41
CA ASN E 159 31.37 -37.35 -20.99
C ASN E 159 31.67 -36.05 -20.23
N SER E 160 30.83 -35.76 -19.23
CA SER E 160 30.99 -34.61 -18.33
C SER E 160 31.16 -33.28 -19.07
N GLY E 161 30.49 -33.14 -20.22
CA GLY E 161 30.65 -31.93 -20.99
C GLY E 161 31.52 -32.07 -22.22
N ALA E 162 32.57 -32.91 -22.15
CA ALA E 162 33.50 -33.10 -23.25
C ALA E 162 32.90 -33.90 -24.40
N LEU E 163 31.62 -33.69 -24.68
CA LEU E 163 30.94 -34.34 -25.79
C LEU E 163 29.59 -33.66 -26.02
N THR E 164 29.62 -32.46 -26.61
CA THR E 164 28.40 -31.71 -26.86
C THR E 164 27.91 -31.82 -28.29
N SER E 165 28.77 -32.11 -29.27
CA SER E 165 28.37 -32.09 -30.67
C SER E 165 27.82 -33.45 -31.06
N GLY E 166 26.55 -33.48 -31.46
CA GLY E 166 25.88 -34.68 -31.92
C GLY E 166 24.87 -35.21 -30.94
N VAL E 167 24.63 -34.52 -29.83
CA VAL E 167 23.77 -34.99 -28.76
C VAL E 167 22.37 -34.45 -28.97
N HIS E 168 21.38 -35.30 -28.78
CA HIS E 168 19.98 -34.89 -28.78
C HIS E 168 19.37 -35.39 -27.48
N THR E 169 19.09 -34.47 -26.56
CA THR E 169 18.32 -34.77 -25.37
C THR E 169 16.88 -34.33 -25.64
N PHE E 170 15.96 -35.27 -25.59
CA PHE E 170 14.59 -35.01 -25.96
C PHE E 170 13.83 -34.40 -24.79
N PRO E 171 12.75 -33.68 -25.06
CA PRO E 171 11.90 -33.19 -23.97
C PRO E 171 11.36 -34.35 -23.17
N ALA E 172 11.13 -34.11 -21.88
CA ALA E 172 10.51 -35.14 -21.06
C ALA E 172 9.09 -35.38 -21.54
N VAL E 173 8.65 -36.62 -21.41
CA VAL E 173 7.30 -37.01 -21.82
C VAL E 173 6.63 -37.71 -20.64
N LEU E 174 5.38 -37.34 -20.38
CA LEU E 174 4.66 -37.80 -19.19
C LEU E 174 4.00 -39.13 -19.50
N GLN E 175 4.33 -40.15 -18.71
CA GLN E 175 3.81 -41.48 -18.94
C GLN E 175 2.44 -41.66 -18.27
N SER E 176 1.79 -42.78 -18.61
CA SER E 176 0.53 -43.14 -17.97
C SER E 176 0.73 -43.49 -16.50
N SER E 177 1.95 -43.86 -16.11
CA SER E 177 2.28 -44.07 -14.71
C SER E 177 2.28 -42.77 -13.92
N GLY E 178 2.23 -41.61 -14.59
CA GLY E 178 2.32 -40.34 -13.93
C GLY E 178 3.72 -39.82 -13.72
N LEU E 179 4.72 -40.54 -14.20
CA LEU E 179 6.12 -40.19 -14.00
C LEU E 179 6.76 -39.82 -15.32
N TYR E 180 7.73 -38.91 -15.26
CA TYR E 180 8.38 -38.46 -16.47
C TYR E 180 9.43 -39.46 -16.93
N SER E 181 9.76 -39.37 -18.22
CA SER E 181 10.78 -40.20 -18.84
C SER E 181 11.36 -39.42 -20.00
N LEU E 182 12.66 -39.60 -20.24
CA LEU E 182 13.26 -38.98 -21.41
C LEU E 182 14.41 -39.86 -21.91
N SER E 183 14.81 -39.59 -23.15
CA SER E 183 15.96 -40.22 -23.77
C SER E 183 16.95 -39.14 -24.18
N SER E 184 18.23 -39.45 -24.05
CA SER E 184 19.29 -38.63 -24.63
C SER E 184 20.12 -39.54 -25.53
N VAL E 185 20.31 -39.13 -26.77
CA VAL E 185 21.01 -39.94 -27.76
C VAL E 185 22.14 -39.11 -28.34
N VAL E 186 23.20 -39.79 -28.76
CA VAL E 186 24.34 -39.16 -29.40
C VAL E 186 24.76 -40.02 -30.59
N THR E 187 25.20 -39.38 -31.65
CA THR E 187 25.68 -40.06 -32.85
C THR E 187 27.18 -39.83 -32.99
N VAL E 188 27.91 -40.93 -33.22
CA VAL E 188 29.37 -40.92 -33.17
C VAL E 188 29.92 -41.85 -34.23
N PRO E 189 31.18 -41.68 -34.65
CA PRO E 189 31.77 -42.61 -35.62
C PRO E 189 31.75 -44.04 -35.09
N SER E 190 31.40 -44.96 -35.99
CA SER E 190 31.30 -46.38 -35.61
C SER E 190 32.68 -46.98 -35.37
N SER E 191 33.72 -46.45 -36.03
CA SER E 191 35.08 -46.86 -35.76
C SER E 191 35.47 -46.57 -34.31
N SER E 192 34.97 -45.47 -33.76
CA SER E 192 35.34 -45.02 -32.42
C SER E 192 34.57 -45.74 -31.32
N LEU E 193 33.88 -46.84 -31.64
CA LEU E 193 33.08 -47.51 -30.62
C LEU E 193 33.98 -48.26 -29.65
N GLY E 194 34.91 -49.05 -30.19
CA GLY E 194 35.87 -49.74 -29.34
C GLY E 194 36.88 -48.81 -28.69
N THR E 195 37.11 -47.63 -29.28
CA THR E 195 38.14 -46.72 -28.80
C THR E 195 37.64 -45.77 -27.70
N GLN E 196 36.62 -44.97 -28.00
CA GLN E 196 36.15 -43.97 -27.07
C GLN E 196 35.17 -44.56 -26.06
N THR E 197 35.22 -44.03 -24.84
CA THR E 197 34.28 -44.38 -23.78
C THR E 197 33.21 -43.30 -23.67
N TYR E 198 31.95 -43.73 -23.72
CA TYR E 198 30.81 -42.82 -23.71
C TYR E 198 30.05 -42.99 -22.40
N ILE E 199 29.91 -41.89 -21.66
CA ILE E 199 29.25 -41.89 -20.36
C ILE E 199 28.24 -40.74 -20.34
N CYS E 200 27.00 -41.05 -19.96
CA CYS E 200 25.98 -40.02 -19.83
C CYS E 200 25.79 -39.70 -18.35
N ASN E 201 25.67 -38.42 -18.06
CA ASN E 201 25.69 -37.90 -16.69
C ASN E 201 24.28 -37.42 -16.36
N VAL E 202 23.52 -38.26 -15.67
CA VAL E 202 22.16 -37.88 -15.27
C VAL E 202 22.23 -37.25 -13.90
N ASN E 203 21.55 -36.12 -13.75
CA ASN E 203 21.54 -35.36 -12.50
C ASN E 203 20.09 -34.97 -12.23
N HIS E 204 19.52 -35.51 -11.16
CA HIS E 204 18.14 -35.21 -10.77
C HIS E 204 18.18 -34.52 -9.41
N LYS E 205 17.98 -33.20 -9.43
CA LYS E 205 18.17 -32.41 -8.22
C LYS E 205 17.10 -32.68 -7.17
N PRO E 206 15.79 -32.69 -7.49
CA PRO E 206 14.79 -32.82 -6.42
C PRO E 206 14.88 -34.10 -5.60
N SER E 207 15.47 -35.17 -6.12
CA SER E 207 15.69 -36.38 -5.33
C SER E 207 17.16 -36.58 -4.98
N ASN E 208 18.02 -35.60 -5.27
CA ASN E 208 19.45 -35.65 -5.00
C ASN E 208 20.11 -36.93 -5.50
N THR E 209 19.80 -37.30 -6.74
CA THR E 209 20.41 -38.48 -7.35
C THR E 209 21.31 -38.00 -8.49
N LYS E 210 22.58 -38.32 -8.38
CA LYS E 210 23.56 -38.13 -9.44
C LYS E 210 23.99 -39.51 -9.88
N VAL E 211 23.90 -39.80 -11.17
CA VAL E 211 24.32 -41.10 -11.68
C VAL E 211 25.06 -40.91 -12.98
N ASP E 212 26.15 -41.65 -13.14
CA ASP E 212 26.95 -41.66 -14.36
C ASP E 212 26.86 -43.07 -14.91
N LYS E 213 26.44 -43.18 -16.16
CA LYS E 213 26.18 -44.47 -16.80
C LYS E 213 27.09 -44.63 -18.00
N LYS E 214 27.90 -45.68 -17.99
CA LYS E 214 28.76 -45.96 -19.12
C LYS E 214 27.96 -46.74 -20.14
N VAL E 215 28.01 -46.30 -21.40
CA VAL E 215 27.26 -46.92 -22.48
C VAL E 215 28.26 -47.56 -23.42
N GLU E 216 28.14 -48.88 -23.59
CA GLU E 216 29.07 -49.65 -24.40
C GLU E 216 28.31 -50.72 -25.15
N PRO E 217 28.83 -51.18 -26.29
CA PRO E 217 28.08 -52.10 -27.15
C PRO E 217 27.85 -53.49 -26.58
N LYS E 218 27.26 -54.34 -27.41
CA LYS E 218 27.13 -55.78 -27.16
C LYS E 218 26.66 -56.48 -28.44
N ASP F 1 -9.76 -7.08 -19.28
CA ASP F 1 -10.34 -8.29 -19.86
C ASP F 1 -10.11 -8.34 -21.35
N ILE F 2 -9.05 -7.71 -21.82
CA ILE F 2 -8.78 -7.66 -23.25
C ILE F 2 -8.02 -8.92 -23.63
N VAL F 3 -8.60 -9.71 -24.53
CA VAL F 3 -7.99 -10.95 -24.99
C VAL F 3 -7.27 -10.66 -26.30
N LEU F 4 -5.96 -10.88 -26.30
CA LEU F 4 -5.15 -10.68 -27.49
C LEU F 4 -4.97 -12.04 -28.16
N THR F 5 -5.41 -12.13 -29.41
CA THR F 5 -5.32 -13.37 -30.19
C THR F 5 -4.27 -13.16 -31.25
N GLN F 6 -3.17 -13.90 -31.14
CA GLN F 6 -2.07 -13.80 -32.08
C GLN F 6 -2.26 -14.83 -33.19
N SER F 7 -2.18 -14.37 -34.43
CA SER F 7 -2.18 -15.25 -35.59
C SER F 7 -0.97 -14.91 -36.45
N PRO F 8 -0.30 -15.93 -37.03
CA PRO F 8 -0.59 -17.35 -36.78
C PRO F 8 -0.01 -17.85 -35.46
N ALA F 9 -0.41 -19.03 -35.01
CA ALA F 9 0.19 -19.58 -33.80
C ALA F 9 1.59 -20.12 -34.06
N ILE F 10 1.82 -20.66 -35.26
CA ILE F 10 3.11 -21.19 -35.66
C ILE F 10 3.37 -20.76 -37.10
N MET F 11 4.62 -20.43 -37.41
CA MET F 11 4.95 -20.04 -38.78
C MET F 11 6.42 -20.33 -39.04
N SER F 12 6.75 -20.47 -40.32
CA SER F 12 8.10 -20.73 -40.77
C SER F 12 8.46 -19.74 -41.87
N ALA F 13 9.76 -19.51 -42.02
CA ALA F 13 10.24 -18.51 -42.95
C ALA F 13 11.63 -18.89 -43.44
N SER F 14 11.85 -18.71 -44.74
CA SER F 14 13.19 -18.93 -45.26
C SER F 14 14.06 -17.72 -44.91
N PRO F 15 15.36 -17.93 -44.68
CA PRO F 15 16.23 -16.79 -44.34
C PRO F 15 16.27 -15.81 -45.51
N GLY F 16 15.79 -14.60 -45.26
CA GLY F 16 15.60 -13.65 -46.33
C GLY F 16 14.16 -13.19 -46.49
N GLU F 17 13.21 -14.13 -46.34
CA GLU F 17 11.79 -13.80 -46.50
C GLU F 17 11.36 -12.69 -45.54
N LYS F 18 10.29 -11.99 -45.92
CA LYS F 18 9.65 -11.04 -45.02
C LYS F 18 8.63 -11.77 -44.15
N VAL F 19 8.64 -11.43 -42.86
CA VAL F 19 7.79 -12.08 -41.87
C VAL F 19 6.84 -11.04 -41.27
N THR F 20 5.57 -11.41 -41.11
CA THR F 20 4.57 -10.55 -40.48
C THR F 20 3.68 -11.40 -39.58
N MET F 21 3.43 -10.93 -38.37
CA MET F 21 2.49 -11.57 -37.45
C MET F 21 1.59 -10.50 -36.83
N THR F 22 0.35 -10.90 -36.55
CA THR F 22 -0.65 -9.97 -36.03
C THR F 22 -1.01 -10.30 -34.58
N CYS F 23 -1.73 -9.37 -33.97
CA CYS F 23 -2.20 -9.49 -32.58
C CYS F 23 -3.52 -8.75 -32.51
N SER F 24 -4.62 -9.49 -32.37
CA SER F 24 -5.97 -8.93 -32.49
C SER F 24 -6.60 -8.78 -31.11
N ALA F 25 -6.97 -7.56 -30.77
CA ALA F 25 -7.49 -7.22 -29.45
C ALA F 25 -9.01 -7.24 -29.42
N SER F 26 -9.57 -7.83 -28.35
CA SER F 26 -11.02 -7.88 -28.22
C SER F 26 -11.64 -6.48 -28.13
N SER F 27 -10.92 -5.52 -27.58
CA SER F 27 -11.35 -4.13 -27.50
C SER F 27 -10.20 -3.22 -27.91
N SER F 28 -10.48 -1.93 -27.97
CA SER F 28 -9.47 -0.97 -28.38
C SER F 28 -8.33 -0.92 -27.37
N VAL F 29 -7.14 -0.62 -27.88
CA VAL F 29 -5.93 -0.49 -27.06
C VAL F 29 -5.09 0.65 -27.61
N SER F 30 -4.50 1.44 -26.72
CA SER F 30 -3.69 2.56 -27.15
C SER F 30 -2.37 2.09 -27.73
N TYR F 31 -1.66 1.22 -27.01
CA TYR F 31 -0.36 0.73 -27.43
C TYR F 31 -0.31 -0.79 -27.31
N MET F 32 0.58 -1.38 -28.11
CA MET F 32 0.82 -2.82 -28.11
C MET F 32 2.32 -3.03 -27.92
N HIS F 33 2.68 -4.02 -27.12
CA HIS F 33 4.06 -4.35 -26.83
C HIS F 33 4.37 -5.73 -27.37
N TRP F 34 5.66 -5.99 -27.63
CA TRP F 34 6.09 -7.29 -28.12
C TRP F 34 7.30 -7.75 -27.31
N TYR F 35 7.24 -8.99 -26.84
CA TYR F 35 8.36 -9.60 -26.13
C TYR F 35 8.82 -10.82 -26.90
N GLN F 36 10.10 -11.15 -26.79
CA GLN F 36 10.69 -12.29 -27.47
C GLN F 36 11.19 -13.31 -26.46
N GLN F 37 10.85 -14.57 -26.67
CA GLN F 37 11.35 -15.67 -25.84
C GLN F 37 11.95 -16.74 -26.73
N LYS F 38 13.24 -16.97 -26.58
CA LYS F 38 13.92 -18.10 -27.19
C LYS F 38 13.92 -19.29 -26.24
N SER F 39 13.95 -20.49 -26.80
CA SER F 39 13.86 -21.71 -26.01
C SER F 39 14.95 -21.74 -24.94
N GLY F 40 14.55 -22.12 -23.72
CA GLY F 40 15.48 -22.15 -22.60
C GLY F 40 16.00 -20.80 -22.19
N THR F 41 15.22 -19.74 -22.40
CA THR F 41 15.53 -18.41 -21.88
C THR F 41 14.24 -17.76 -21.40
N SER F 42 14.39 -16.67 -20.68
CA SER F 42 13.28 -15.88 -20.22
C SER F 42 12.86 -14.91 -21.31
N PRO F 43 11.63 -14.39 -21.26
CA PRO F 43 11.22 -13.40 -22.27
C PRO F 43 12.12 -12.18 -22.22
N LYS F 44 12.13 -11.45 -23.33
CA LYS F 44 12.92 -10.24 -23.46
C LYS F 44 12.10 -9.21 -24.21
N ARG F 45 12.16 -7.96 -23.77
CA ARG F 45 11.43 -6.90 -24.46
C ARG F 45 12.01 -6.68 -25.85
N TRP F 46 11.12 -6.48 -26.82
CA TRP F 46 11.56 -6.43 -28.21
C TRP F 46 11.04 -5.16 -28.87
N ILE F 47 9.74 -4.90 -28.75
CA ILE F 47 9.12 -3.69 -29.28
C ILE F 47 8.18 -3.13 -28.22
N TYR F 48 8.26 -1.82 -27.98
CA TYR F 48 7.33 -1.15 -27.08
C TYR F 48 6.67 0.00 -27.82
N ASP F 49 5.53 0.44 -27.30
CA ASP F 49 4.72 1.49 -27.89
C ASP F 49 4.52 1.27 -29.39
N THR F 50 4.02 0.07 -29.72
CA THR F 50 3.62 -0.30 -31.08
C THR F 50 4.78 -0.38 -32.07
N SER F 51 5.49 0.72 -32.27
CA SER F 51 6.46 0.84 -33.35
C SER F 51 7.90 1.00 -32.89
N LYS F 52 8.14 1.33 -31.63
CA LYS F 52 9.46 1.71 -31.17
C LYS F 52 10.25 0.46 -30.81
N LEU F 53 11.42 0.31 -31.42
CA LEU F 53 12.25 -0.85 -31.16
C LEU F 53 13.05 -0.66 -29.89
N ALA F 54 13.28 -1.76 -29.17
CA ALA F 54 14.08 -1.69 -27.97
C ALA F 54 15.56 -1.67 -28.33
N SER F 55 16.40 -1.34 -27.35
CA SER F 55 17.83 -1.29 -27.57
C SER F 55 18.37 -2.71 -27.73
N GLY F 56 19.11 -2.94 -28.81
CA GLY F 56 19.61 -4.26 -29.14
C GLY F 56 18.86 -4.95 -30.25
N VAL F 57 17.67 -4.48 -30.57
CA VAL F 57 16.83 -5.12 -31.59
C VAL F 57 17.29 -4.66 -32.97
N PRO F 58 17.62 -5.58 -33.89
CA PRO F 58 18.03 -5.16 -35.22
C PRO F 58 16.91 -4.42 -35.93
N ALA F 59 17.31 -3.52 -36.84
CA ALA F 59 16.37 -2.61 -37.49
C ALA F 59 15.42 -3.30 -38.45
N ARG F 60 15.73 -4.54 -38.86
CA ARG F 60 14.83 -5.28 -39.75
C ARG F 60 13.45 -5.48 -39.14
N PHE F 61 13.35 -5.40 -37.81
CA PHE F 61 12.08 -5.50 -37.11
C PHE F 61 11.32 -4.18 -37.18
N SER F 62 10.00 -4.28 -37.14
CA SER F 62 9.16 -3.09 -37.10
C SER F 62 7.78 -3.50 -36.61
N GLY F 63 7.11 -2.55 -35.99
CA GLY F 63 5.79 -2.79 -35.42
C GLY F 63 4.85 -1.70 -35.85
N SER F 64 3.63 -2.09 -36.19
CA SER F 64 2.62 -1.15 -36.64
C SER F 64 1.27 -1.60 -36.10
N GLY F 65 0.28 -0.74 -36.29
CA GLY F 65 -1.09 -1.07 -35.93
C GLY F 65 -1.75 0.06 -35.18
N SER F 66 -3.07 -0.06 -35.07
CA SER F 66 -3.86 0.88 -34.29
C SER F 66 -5.17 0.22 -33.93
N GLY F 67 -5.83 0.79 -32.93
CA GLY F 67 -7.16 0.33 -32.59
C GLY F 67 -7.24 -1.12 -32.16
N THR F 68 -7.67 -1.97 -33.09
CA THR F 68 -7.92 -3.39 -32.84
C THR F 68 -6.98 -4.33 -33.60
N SER F 69 -6.03 -3.80 -34.37
CA SER F 69 -5.14 -4.64 -35.17
C SER F 69 -3.72 -4.10 -35.08
N TYR F 70 -2.82 -4.92 -34.52
CA TYR F 70 -1.40 -4.58 -34.43
C TYR F 70 -0.57 -5.68 -35.06
N SER F 71 0.67 -5.35 -35.43
CA SER F 71 1.48 -6.25 -36.23
C SER F 71 2.96 -6.11 -35.87
N LEU F 72 3.68 -7.22 -36.00
CA LEU F 72 5.14 -7.24 -35.96
C LEU F 72 5.66 -7.81 -37.28
N THR F 73 6.68 -7.16 -37.84
CA THR F 73 7.19 -7.51 -39.16
C THR F 73 8.71 -7.64 -39.12
N ILE F 74 9.23 -8.62 -39.87
CA ILE F 74 10.65 -8.76 -40.14
C ILE F 74 10.84 -8.72 -41.65
N SER F 75 11.59 -7.73 -42.15
CA SER F 75 11.78 -7.59 -43.59
C SER F 75 12.69 -8.69 -44.13
N SER F 76 13.83 -8.91 -43.47
CA SER F 76 14.80 -9.92 -43.87
C SER F 76 14.98 -10.90 -42.72
N MET F 77 14.15 -11.95 -42.72
CA MET F 77 14.26 -13.02 -41.74
C MET F 77 15.70 -13.55 -41.66
N GLU F 78 16.14 -13.84 -40.44
CA GLU F 78 17.45 -14.43 -40.22
C GLU F 78 17.35 -15.62 -39.29
N ALA F 79 18.44 -16.39 -39.23
CA ALA F 79 18.48 -17.57 -38.38
C ALA F 79 18.31 -17.20 -36.91
N GLU F 80 19.01 -16.14 -36.45
CA GLU F 80 18.90 -15.74 -35.06
C GLU F 80 17.51 -15.27 -34.67
N ASP F 81 16.62 -15.04 -35.63
CA ASP F 81 15.28 -14.54 -35.35
C ASP F 81 14.29 -15.66 -35.04
N ALA F 82 14.69 -16.92 -35.15
CA ALA F 82 13.84 -18.02 -34.72
C ALA F 82 13.59 -17.93 -33.21
N ALA F 83 12.33 -17.70 -32.84
CA ALA F 83 11.95 -17.50 -31.44
C ALA F 83 10.43 -17.42 -31.35
N THR F 84 9.93 -17.27 -30.14
CA THR F 84 8.52 -17.04 -29.87
C THR F 84 8.31 -15.59 -29.49
N TYR F 85 7.26 -14.97 -30.03
CA TYR F 85 7.01 -13.55 -29.86
C TYR F 85 5.62 -13.34 -29.26
N TYR F 86 5.56 -12.66 -28.13
CA TYR F 86 4.32 -12.41 -27.41
C TYR F 86 3.96 -10.93 -27.48
N CYS F 87 2.67 -10.62 -27.64
CA CYS F 87 2.19 -9.25 -27.57
C CYS F 87 1.55 -8.97 -26.22
N GLN F 88 1.63 -7.71 -25.79
CA GLN F 88 1.17 -7.28 -24.47
C GLN F 88 0.56 -5.89 -24.56
N GLN F 89 -0.35 -5.58 -23.65
CA GLN F 89 -0.95 -4.25 -23.53
C GLN F 89 -1.08 -3.87 -22.06
N TRP F 90 -1.00 -2.56 -21.78
CA TRP F 90 -1.41 -2.03 -20.49
C TRP F 90 -2.72 -1.26 -20.54
N SER F 91 -3.12 -0.77 -21.72
CA SER F 91 -4.19 0.21 -21.87
C SER F 91 -5.35 0.01 -20.92
N SER F 92 -5.90 -1.20 -20.88
CA SER F 92 -6.93 -1.57 -19.92
C SER F 92 -6.33 -2.56 -18.93
N ASN F 93 -6.44 -2.24 -17.64
CA ASN F 93 -5.95 -3.22 -16.69
C ASN F 93 -7.00 -4.30 -16.50
N PRO F 94 -6.59 -5.56 -16.27
CA PRO F 94 -5.21 -6.04 -16.09
C PRO F 94 -4.39 -6.06 -17.39
N PRO F 95 -3.08 -5.86 -17.28
CA PRO F 95 -2.22 -6.15 -18.43
C PRO F 95 -2.42 -7.58 -18.88
N THR F 96 -2.47 -7.77 -20.20
CA THR F 96 -2.66 -9.10 -20.76
C THR F 96 -1.65 -9.32 -21.87
N PHE F 97 -1.34 -10.59 -22.09
CA PHE F 97 -0.37 -11.00 -23.10
C PHE F 97 -1.09 -11.80 -24.17
N GLY F 98 -0.39 -12.03 -25.28
CA GLY F 98 -0.88 -12.92 -26.31
C GLY F 98 -0.47 -14.36 -26.04
N ALA F 99 -1.03 -15.27 -26.84
CA ALA F 99 -0.66 -16.67 -26.70
C ALA F 99 0.68 -17.00 -27.35
N GLY F 100 1.21 -16.11 -28.18
CA GLY F 100 2.49 -16.28 -28.83
C GLY F 100 2.35 -16.72 -30.28
N THR F 101 3.31 -16.29 -31.11
CA THR F 101 3.53 -16.85 -32.43
C THR F 101 4.97 -17.37 -32.50
N LYS F 102 5.11 -18.65 -32.82
CA LYS F 102 6.40 -19.31 -32.90
C LYS F 102 6.96 -19.19 -34.31
N LEU F 103 8.17 -18.66 -34.44
CA LEU F 103 8.80 -18.42 -35.74
C LEU F 103 9.92 -19.43 -35.96
N GLU F 104 9.71 -20.32 -36.93
CA GLU F 104 10.62 -21.40 -37.28
C GLU F 104 11.32 -21.13 -38.61
N LEU F 105 12.32 -21.95 -38.91
CA LEU F 105 13.07 -21.83 -40.15
C LEU F 105 12.55 -22.84 -41.16
N LYS F 106 12.44 -22.39 -42.41
CA LYS F 106 12.14 -23.28 -43.53
C LYS F 106 13.44 -23.88 -44.08
N ARG F 107 13.30 -25.00 -44.75
CA ARG F 107 14.43 -25.74 -45.28
C ARG F 107 13.90 -26.87 -46.14
N THR F 108 14.76 -27.41 -47.00
CA THR F 108 14.35 -28.50 -47.85
C THR F 108 14.11 -29.77 -47.04
N VAL F 109 13.31 -30.66 -47.62
CA VAL F 109 13.02 -31.94 -46.98
C VAL F 109 14.32 -32.71 -46.72
N ALA F 110 14.32 -33.47 -45.63
CA ALA F 110 15.43 -34.33 -45.27
C ALA F 110 14.87 -35.61 -44.68
N ALA F 111 15.37 -36.74 -45.15
CA ALA F 111 14.84 -38.00 -44.65
C ALA F 111 15.56 -38.40 -43.35
N PRO F 112 14.85 -39.05 -42.44
CA PRO F 112 15.46 -39.42 -41.16
C PRO F 112 16.30 -40.68 -41.25
N SER F 113 17.36 -40.70 -40.44
CA SER F 113 18.08 -41.93 -40.14
C SER F 113 17.38 -42.63 -38.99
N VAL F 114 17.01 -43.89 -39.18
CA VAL F 114 16.20 -44.62 -38.22
C VAL F 114 17.08 -45.62 -37.48
N PHE F 115 16.95 -45.66 -36.17
CA PHE F 115 17.63 -46.62 -35.31
C PHE F 115 16.60 -47.23 -34.38
N ILE F 116 16.79 -48.51 -34.05
CA ILE F 116 15.96 -49.20 -33.08
C ILE F 116 16.85 -49.74 -31.98
N PHE F 117 16.37 -49.63 -30.74
CA PHE F 117 17.11 -50.06 -29.58
C PHE F 117 16.30 -51.10 -28.82
N PRO F 118 16.83 -52.29 -28.57
CA PRO F 118 16.12 -53.27 -27.75
C PRO F 118 16.22 -52.89 -26.29
N PRO F 119 15.34 -53.41 -25.43
CA PRO F 119 15.42 -53.05 -24.01
C PRO F 119 16.66 -53.65 -23.37
N SER F 120 17.23 -52.90 -22.43
CA SER F 120 18.42 -53.36 -21.75
C SER F 120 18.07 -54.51 -20.82
N ASP F 121 19.06 -55.36 -20.54
CA ASP F 121 18.84 -56.48 -19.65
C ASP F 121 18.60 -56.01 -18.22
N GLU F 122 19.19 -54.88 -17.84
CA GLU F 122 18.99 -54.32 -16.51
C GLU F 122 17.52 -53.96 -16.29
N GLN F 123 16.87 -53.43 -17.33
CA GLN F 123 15.47 -53.05 -17.23
C GLN F 123 14.56 -54.27 -17.13
N LEU F 124 14.84 -55.31 -17.92
CA LEU F 124 14.01 -56.52 -17.89
C LEU F 124 13.99 -57.14 -16.51
N LYS F 125 15.10 -57.08 -15.77
CA LYS F 125 15.11 -57.57 -14.40
C LYS F 125 14.09 -56.81 -13.55
N SER F 126 13.91 -55.53 -13.83
CA SER F 126 12.93 -54.72 -13.11
C SER F 126 11.49 -55.05 -13.50
N GLY F 127 11.29 -55.82 -14.58
CA GLY F 127 9.96 -56.27 -14.97
C GLY F 127 9.27 -55.45 -16.03
N THR F 128 9.98 -54.55 -16.70
CA THR F 128 9.43 -53.76 -17.79
C THR F 128 10.43 -53.71 -18.92
N ALA F 129 9.93 -53.51 -20.14
CA ALA F 129 10.76 -53.44 -21.34
C ALA F 129 10.37 -52.22 -22.16
N SER F 130 11.35 -51.37 -22.45
CA SER F 130 11.14 -50.20 -23.29
C SER F 130 11.89 -50.40 -24.60
N VAL F 131 11.17 -50.34 -25.71
CA VAL F 131 11.76 -50.40 -27.04
C VAL F 131 11.74 -48.99 -27.61
N VAL F 132 12.93 -48.48 -27.97
CA VAL F 132 13.09 -47.11 -28.41
C VAL F 132 13.38 -47.09 -29.90
N CYS F 133 12.71 -46.19 -30.61
CA CYS F 133 12.93 -45.99 -32.04
C CYS F 133 13.34 -44.53 -32.25
N LEU F 134 14.51 -44.35 -32.87
CA LEU F 134 15.10 -43.02 -33.02
C LEU F 134 15.07 -42.59 -34.48
N LEU F 135 14.49 -41.42 -34.73
CA LEU F 135 14.51 -40.77 -36.04
C LEU F 135 15.42 -39.54 -35.91
N ASN F 136 16.49 -39.51 -36.68
CA ASN F 136 17.53 -38.50 -36.50
C ASN F 136 17.62 -37.56 -37.70
N ASN F 137 17.58 -36.26 -37.42
CA ASN F 137 17.93 -35.18 -38.35
C ASN F 137 17.10 -35.26 -39.64
N PHE F 138 15.82 -34.93 -39.48
CA PHE F 138 14.88 -34.91 -40.59
C PHE F 138 14.13 -33.58 -40.60
N TYR F 139 13.42 -33.34 -41.70
CA TYR F 139 12.57 -32.17 -41.87
C TYR F 139 11.54 -32.52 -42.93
N PRO F 140 10.25 -32.14 -42.75
CA PRO F 140 9.66 -31.35 -41.66
C PRO F 140 9.31 -32.15 -40.41
N ARG F 141 8.76 -31.46 -39.41
CA ARG F 141 8.45 -32.09 -38.12
C ARG F 141 7.50 -33.26 -38.27
N GLU F 142 6.57 -33.19 -39.22
CA GLU F 142 5.52 -34.20 -39.35
C GLU F 142 6.10 -35.53 -39.77
N ALA F 143 6.07 -36.51 -38.86
CA ALA F 143 6.55 -37.85 -39.13
C ALA F 143 5.66 -38.85 -38.40
N LYS F 144 5.36 -39.96 -39.06
CA LYS F 144 4.48 -41.00 -38.52
C LYS F 144 5.30 -42.26 -38.25
N VAL F 145 5.33 -42.68 -36.99
CA VAL F 145 6.03 -43.88 -36.55
C VAL F 145 5.00 -44.93 -36.17
N GLN F 146 5.17 -46.14 -36.69
CA GLN F 146 4.27 -47.26 -36.43
C GLN F 146 5.05 -48.39 -35.77
N TRP F 147 4.50 -48.93 -34.69
CA TRP F 147 5.09 -50.09 -34.03
C TRP F 147 4.37 -51.35 -34.50
N LYS F 148 5.15 -52.41 -34.70
CA LYS F 148 4.62 -53.69 -35.15
C LYS F 148 5.39 -54.78 -34.42
N VAL F 149 4.67 -55.56 -33.60
CA VAL F 149 5.25 -56.66 -32.86
C VAL F 149 4.73 -57.96 -33.48
N ASP F 150 5.64 -58.74 -34.05
CA ASP F 150 5.28 -59.93 -34.83
C ASP F 150 4.20 -59.61 -35.86
N ASN F 151 4.40 -58.50 -36.58
CA ASN F 151 3.52 -57.97 -37.61
C ASN F 151 2.17 -57.49 -37.08
N ALA F 152 1.98 -57.48 -35.76
CA ALA F 152 0.74 -57.00 -35.17
C ALA F 152 0.88 -55.51 -34.86
N LEU F 153 0.05 -54.70 -35.52
CA LEU F 153 0.14 -53.24 -35.39
C LEU F 153 -0.21 -52.82 -33.97
N GLN F 154 0.79 -52.36 -33.23
CA GLN F 154 0.57 -51.88 -31.88
C GLN F 154 -0.18 -50.55 -31.91
N SER F 155 -0.84 -50.25 -30.80
CA SER F 155 -1.65 -49.04 -30.71
C SER F 155 -1.85 -48.71 -29.24
N GLY F 156 -1.58 -47.45 -28.88
CA GLY F 156 -1.83 -46.98 -27.53
C GLY F 156 -0.80 -47.32 -26.48
N ASN F 157 0.30 -47.99 -26.85
CA ASN F 157 1.32 -48.39 -25.89
C ASN F 157 2.68 -47.75 -26.18
N SER F 158 2.69 -46.60 -26.84
CA SER F 158 3.93 -45.94 -27.23
C SER F 158 3.78 -44.43 -27.13
N GLN F 159 4.90 -43.75 -26.86
CA GLN F 159 4.94 -42.30 -26.70
C GLN F 159 6.08 -41.71 -27.50
N GLU F 160 5.83 -40.56 -28.12
CA GLU F 160 6.82 -39.84 -28.91
C GLU F 160 7.27 -38.58 -28.20
N SER F 161 8.52 -38.18 -28.48
CA SER F 161 9.07 -36.91 -28.04
C SER F 161 9.89 -36.35 -29.19
N VAL F 162 9.74 -35.05 -29.43
CA VAL F 162 10.35 -34.41 -30.59
C VAL F 162 11.25 -33.27 -30.11
N THR F 163 12.41 -33.14 -30.73
CA THR F 163 13.33 -32.07 -30.37
C THR F 163 12.86 -30.73 -30.91
N GLU F 164 13.44 -29.67 -30.36
CA GLU F 164 13.30 -28.36 -30.96
C GLU F 164 14.19 -28.28 -32.20
N GLN F 165 13.84 -27.38 -33.11
CA GLN F 165 14.56 -27.26 -34.37
C GLN F 165 16.03 -26.92 -34.13
N ASP F 166 16.92 -27.66 -34.79
CA ASP F 166 18.35 -27.46 -34.61
C ASP F 166 18.76 -26.12 -35.20
N SER F 167 19.44 -25.31 -34.40
CA SER F 167 19.87 -23.99 -34.88
C SER F 167 20.81 -24.07 -36.06
N LYS F 168 21.63 -25.13 -36.12
CA LYS F 168 22.58 -25.27 -37.24
C LYS F 168 21.90 -25.74 -38.53
N ASP F 169 21.51 -27.01 -38.60
CA ASP F 169 21.01 -27.58 -39.85
C ASP F 169 19.49 -27.60 -39.93
N SER F 170 18.80 -26.97 -38.98
CA SER F 170 17.34 -26.78 -39.02
C SER F 170 16.59 -28.11 -39.11
N THR F 171 17.17 -29.17 -38.56
CA THR F 171 16.54 -30.48 -38.61
C THR F 171 15.90 -30.82 -37.27
N TYR F 172 15.03 -31.82 -37.29
CA TYR F 172 14.39 -32.33 -36.08
C TYR F 172 14.83 -33.76 -35.80
N SER F 173 14.57 -34.21 -34.58
CA SER F 173 14.73 -35.60 -34.23
C SER F 173 13.54 -36.04 -33.38
N LEU F 174 13.24 -37.33 -33.42
CA LEU F 174 12.10 -37.89 -32.73
C LEU F 174 12.47 -39.26 -32.18
N SER F 175 12.01 -39.54 -30.96
CA SER F 175 12.14 -40.85 -30.35
C SER F 175 10.75 -41.36 -29.98
N SER F 176 10.39 -42.52 -30.52
CA SER F 176 9.21 -43.25 -30.08
C SER F 176 9.64 -44.31 -29.09
N THR F 177 8.94 -44.39 -27.95
CA THR F 177 9.25 -45.34 -26.91
C THR F 177 8.06 -46.28 -26.74
N LEU F 178 8.28 -47.56 -27.02
CA LEU F 178 7.26 -48.59 -26.90
C LEU F 178 7.51 -49.33 -25.58
N THR F 179 6.57 -49.23 -24.65
CA THR F 179 6.73 -49.78 -23.31
C THR F 179 5.88 -51.04 -23.12
N LEU F 180 6.53 -52.13 -22.72
CA LEU F 180 5.85 -53.40 -22.45
C LEU F 180 6.29 -53.95 -21.09
N SER F 181 5.49 -54.88 -20.58
CA SER F 181 5.90 -55.69 -19.44
C SER F 181 6.78 -56.84 -19.90
N LYS F 182 7.62 -57.33 -18.99
CA LYS F 182 8.52 -58.44 -19.31
C LYS F 182 7.74 -59.66 -19.79
N ALA F 183 6.61 -59.95 -19.15
CA ALA F 183 5.76 -61.06 -19.60
C ALA F 183 5.30 -60.81 -21.03
N ASP F 184 4.76 -59.62 -21.30
CA ASP F 184 4.26 -59.30 -22.63
C ASP F 184 5.40 -59.24 -23.65
N TYR F 185 6.56 -58.69 -23.24
CA TYR F 185 7.70 -58.59 -24.14
C TYR F 185 8.13 -59.95 -24.67
N GLU F 186 8.21 -60.94 -23.78
CA GLU F 186 8.73 -62.25 -24.13
C GLU F 186 7.71 -63.14 -24.83
N LYS F 187 6.45 -62.72 -24.86
CA LYS F 187 5.45 -63.45 -25.65
C LYS F 187 5.78 -63.38 -27.13
N HIS F 188 6.28 -62.24 -27.58
CA HIS F 188 6.53 -61.98 -29.00
C HIS F 188 8.01 -62.04 -29.33
N LYS F 189 8.29 -62.13 -30.63
CA LYS F 189 9.61 -62.41 -31.17
C LYS F 189 10.20 -61.25 -31.96
N VAL F 190 9.46 -60.69 -32.92
CA VAL F 190 9.97 -59.65 -33.80
C VAL F 190 9.38 -58.31 -33.39
N TYR F 191 10.26 -57.33 -33.17
CA TYR F 191 9.87 -55.98 -32.78
C TYR F 191 10.31 -55.03 -33.88
N ALA F 192 9.37 -54.26 -34.42
CA ALA F 192 9.62 -53.50 -35.62
C ALA F 192 9.09 -52.08 -35.49
N CYS F 193 9.81 -51.15 -36.08
CA CYS F 193 9.50 -49.73 -36.07
C CYS F 193 9.40 -49.25 -37.52
N GLU F 194 8.21 -48.86 -37.96
CA GLU F 194 7.97 -48.50 -39.34
C GLU F 194 7.69 -47.00 -39.46
N VAL F 195 8.64 -46.28 -40.05
CA VAL F 195 8.57 -44.82 -40.17
C VAL F 195 8.11 -44.47 -41.59
N THR F 196 7.12 -43.59 -41.69
CA THR F 196 6.71 -42.99 -42.96
C THR F 196 6.92 -41.49 -42.87
N HIS F 197 7.41 -40.89 -43.95
CA HIS F 197 7.83 -39.50 -43.91
C HIS F 197 8.00 -38.99 -45.34
N GLN F 198 7.85 -37.67 -45.50
CA GLN F 198 7.88 -37.09 -46.85
C GLN F 198 9.23 -37.29 -47.53
N GLY F 199 10.31 -37.37 -46.75
CA GLY F 199 11.61 -37.63 -47.33
C GLY F 199 11.85 -39.06 -47.78
N LEU F 200 10.91 -39.96 -47.52
CA LEU F 200 11.06 -41.37 -47.85
C LEU F 200 10.14 -41.75 -49.01
N ARG F 201 10.70 -42.45 -49.99
CA ARG F 201 9.89 -42.97 -51.09
C ARG F 201 8.88 -43.98 -50.60
N SER F 202 9.32 -44.90 -49.74
CA SER F 202 8.53 -45.95 -49.13
C SER F 202 8.91 -46.01 -47.66
N PRO F 203 8.00 -46.46 -46.79
CA PRO F 203 8.30 -46.44 -45.35
C PRO F 203 9.48 -47.34 -45.03
N VAL F 204 10.38 -46.82 -44.21
CA VAL F 204 11.55 -47.59 -43.78
C VAL F 204 11.23 -48.24 -42.45
N THR F 205 11.55 -49.52 -42.34
CA THR F 205 11.24 -50.32 -41.17
C THR F 205 12.54 -50.84 -40.56
N LYS F 206 12.73 -50.58 -39.27
CA LYS F 206 13.81 -51.17 -38.51
C LYS F 206 13.23 -52.19 -37.54
N SER F 207 13.94 -53.29 -37.34
CA SER F 207 13.43 -54.35 -36.49
C SER F 207 14.59 -55.10 -35.85
N PHE F 208 14.26 -55.95 -34.89
CA PHE F 208 15.18 -56.87 -34.27
C PHE F 208 14.39 -58.06 -33.76
N ASN F 209 15.09 -59.17 -33.54
CA ASN F 209 14.49 -60.36 -32.96
C ASN F 209 14.88 -60.44 -31.51
N ARG F 210 13.94 -60.88 -30.66
CA ARG F 210 14.18 -60.88 -29.22
C ARG F 210 15.33 -61.81 -28.85
N GLY F 211 15.16 -63.11 -29.12
CA GLY F 211 16.08 -64.15 -28.71
C GLY F 211 17.55 -63.86 -28.92
N GLU F 212 17.86 -63.02 -29.90
CA GLU F 212 19.23 -62.58 -30.14
C GLU F 212 19.68 -61.59 -29.07
N GLU G 1 -41.18 9.76 8.39
CA GLU G 1 -40.10 9.86 9.37
C GLU G 1 -38.73 9.76 8.70
N VAL G 2 -38.48 8.64 8.03
CA VAL G 2 -37.24 8.43 7.30
C VAL G 2 -37.41 8.98 5.88
N GLN G 3 -36.54 9.92 5.51
CA GLN G 3 -36.56 10.55 4.20
C GLN G 3 -35.16 10.60 3.60
N LEU G 4 -35.09 10.40 2.29
CA LEU G 4 -33.85 10.45 1.53
C LEU G 4 -34.01 11.56 0.50
N GLN G 5 -33.53 12.76 0.82
CA GLN G 5 -33.69 13.93 -0.04
C GLN G 5 -32.48 14.04 -0.96
N GLN G 6 -32.67 13.67 -2.22
CA GLN G 6 -31.64 13.75 -3.24
C GLN G 6 -31.62 15.13 -3.88
N SER G 7 -30.52 15.42 -4.58
CA SER G 7 -30.32 16.73 -5.21
C SER G 7 -31.32 16.95 -6.33
N GLY G 8 -31.42 18.22 -6.76
CA GLY G 8 -32.26 18.56 -7.87
C GLY G 8 -31.68 18.09 -9.20
N ALA G 9 -32.56 18.02 -10.20
CA ALA G 9 -32.15 17.64 -11.54
C ALA G 9 -31.10 18.59 -12.08
N GLU G 10 -30.14 18.05 -12.85
CA GLU G 10 -29.05 18.85 -13.37
C GLU G 10 -28.86 18.64 -14.87
N LEU G 11 -28.36 19.68 -15.51
CA LEU G 11 -27.93 19.64 -16.91
C LEU G 11 -26.43 19.90 -16.97
N ALA G 12 -25.72 19.03 -17.67
CA ALA G 12 -24.27 19.10 -17.76
C ALA G 12 -23.83 18.97 -19.21
N LYS G 13 -22.68 19.54 -19.52
CA LYS G 13 -22.14 19.46 -20.86
C LYS G 13 -21.35 18.17 -21.02
N PRO G 14 -21.18 17.69 -22.25
CA PRO G 14 -20.41 16.46 -22.45
C PRO G 14 -18.95 16.68 -22.09
N GLY G 15 -18.34 15.66 -21.48
CA GLY G 15 -17.00 15.78 -20.96
C GLY G 15 -16.87 16.51 -19.64
N ALA G 16 -17.97 17.05 -19.11
CA ALA G 16 -17.95 17.74 -17.83
C ALA G 16 -18.16 16.75 -16.69
N SER G 17 -18.25 17.26 -15.47
CA SER G 17 -18.51 16.49 -14.28
C SER G 17 -19.72 17.04 -13.54
N VAL G 18 -20.36 16.20 -12.75
CA VAL G 18 -21.50 16.60 -11.94
C VAL G 18 -21.42 15.89 -10.59
N LYS G 19 -21.84 16.59 -9.55
CA LYS G 19 -21.86 16.04 -8.19
C LYS G 19 -23.27 16.15 -7.63
N MET G 20 -23.84 15.01 -7.25
CA MET G 20 -25.18 14.95 -6.70
C MET G 20 -25.14 14.36 -5.30
N SER G 21 -26.07 14.82 -4.46
CA SER G 21 -26.09 14.49 -3.05
C SER G 21 -27.34 13.69 -2.71
N CYS G 22 -27.32 13.12 -1.50
CA CYS G 22 -28.42 12.32 -0.99
C CYS G 22 -28.41 12.47 0.53
N LYS G 23 -29.27 13.33 1.05
CA LYS G 23 -29.28 13.63 2.48
C LYS G 23 -30.21 12.66 3.18
N ALA G 24 -29.70 12.01 4.22
CA ALA G 24 -30.43 10.97 4.94
C ALA G 24 -30.97 11.53 6.25
N SER G 25 -32.24 11.26 6.52
CA SER G 25 -32.89 11.67 7.76
C SER G 25 -33.80 10.55 8.23
N GLY G 26 -34.04 10.51 9.54
CA GLY G 26 -34.96 9.56 10.11
C GLY G 26 -34.35 8.23 10.52
N TYR G 27 -33.09 7.99 10.18
CA TYR G 27 -32.41 6.76 10.57
C TYR G 27 -30.95 7.07 10.84
N THR G 28 -30.29 6.15 11.53
CA THR G 28 -28.89 6.34 11.89
C THR G 28 -28.04 6.15 10.64
N PHE G 29 -27.47 7.26 10.15
CA PHE G 29 -26.82 7.29 8.84
C PHE G 29 -25.70 6.28 8.72
N THR G 30 -24.85 6.16 9.75
CA THR G 30 -23.66 5.32 9.63
C THR G 30 -23.99 3.83 9.67
N SER G 31 -25.18 3.47 10.16
CA SER G 31 -25.50 2.06 10.38
C SER G 31 -25.81 1.31 9.09
N TYR G 32 -26.10 2.02 8.00
CA TYR G 32 -26.47 1.40 6.74
C TYR G 32 -25.59 1.91 5.62
N TRP G 33 -25.16 1.00 4.76
CA TRP G 33 -24.45 1.36 3.54
C TRP G 33 -25.36 2.21 2.66
N MET G 34 -24.76 3.03 1.80
CA MET G 34 -25.52 3.86 0.88
C MET G 34 -25.21 3.44 -0.55
N HIS G 35 -26.18 2.83 -1.21
CA HIS G 35 -26.03 2.37 -2.58
C HIS G 35 -26.60 3.40 -3.57
N TRP G 36 -26.12 3.31 -4.80
CA TRP G 36 -26.55 4.19 -5.89
C TRP G 36 -26.90 3.35 -7.10
N VAL G 37 -28.06 3.60 -7.70
CA VAL G 37 -28.51 2.84 -8.87
C VAL G 37 -28.93 3.79 -9.98
N LYS G 38 -28.83 3.31 -11.21
CA LYS G 38 -29.08 4.07 -12.43
C LYS G 38 -30.27 3.48 -13.18
N GLN G 39 -31.20 4.33 -13.60
CA GLN G 39 -32.38 3.90 -14.35
C GLN G 39 -32.45 4.64 -15.69
N ARG G 40 -32.11 3.95 -16.78
CA ARG G 40 -32.53 4.61 -18.01
C ARG G 40 -33.86 4.04 -18.47
N PRO G 41 -34.76 4.85 -19.03
CA PRO G 41 -36.06 4.31 -19.48
C PRO G 41 -35.87 3.25 -20.55
N GLY G 42 -36.49 2.08 -20.32
CA GLY G 42 -36.38 0.98 -21.25
C GLY G 42 -35.37 -0.08 -20.83
N GLN G 43 -34.24 0.35 -20.25
CA GLN G 43 -33.19 -0.59 -19.89
C GLN G 43 -33.45 -1.28 -18.55
N GLY G 44 -33.91 -0.52 -17.56
CA GLY G 44 -34.07 -1.02 -16.20
C GLY G 44 -33.08 -0.37 -15.24
N LEU G 45 -32.73 -1.11 -14.19
CA LEU G 45 -31.90 -0.59 -13.12
C LEU G 45 -30.49 -1.17 -13.17
N GLU G 46 -29.51 -0.31 -12.99
CA GLU G 46 -28.10 -0.69 -12.93
C GLU G 46 -27.51 -0.24 -11.60
N TRP G 47 -26.75 -1.13 -10.99
CA TRP G 47 -26.13 -0.88 -9.69
C TRP G 47 -24.76 -0.22 -9.89
N ILE G 48 -24.56 0.92 -9.26
CA ILE G 48 -23.30 1.66 -9.41
C ILE G 48 -22.29 1.25 -8.35
N GLY G 49 -22.68 1.27 -7.09
CA GLY G 49 -21.76 0.95 -6.02
C GLY G 49 -22.37 1.31 -4.68
N TYR G 50 -21.58 1.09 -3.63
CA TYR G 50 -21.97 1.48 -2.29
C TYR G 50 -20.78 2.12 -1.57
N ILE G 51 -21.11 2.88 -0.54
CA ILE G 51 -20.12 3.42 0.39
C ILE G 51 -20.56 3.06 1.80
N ASN G 52 -19.58 2.75 2.66
CA ASN G 52 -19.85 2.49 4.05
C ASN G 52 -19.59 3.78 4.82
N PRO G 53 -20.63 4.54 5.20
CA PRO G 53 -20.39 5.85 5.81
C PRO G 53 -19.58 5.80 7.09
N SER G 54 -19.51 4.64 7.74
CA SER G 54 -18.68 4.51 8.93
C SER G 54 -17.20 4.50 8.57
N THR G 55 -16.81 3.68 7.60
CA THR G 55 -15.41 3.53 7.23
C THR G 55 -15.02 4.28 5.98
N GLY G 56 -15.99 4.68 5.15
CA GLY G 56 -15.65 5.22 3.85
C GLY G 56 -15.26 4.20 2.83
N TYR G 57 -15.35 2.91 3.14
CA TYR G 57 -15.00 1.88 2.17
C TYR G 57 -16.03 1.88 1.05
N THR G 58 -15.55 1.70 -0.17
CA THR G 58 -16.41 1.70 -1.35
C THR G 58 -16.12 0.50 -2.22
N GLU G 59 -17.16 0.00 -2.88
CA GLU G 59 -17.04 -0.90 -4.00
C GLU G 59 -17.82 -0.36 -5.17
N TYR G 60 -17.37 -0.70 -6.38
CA TYR G 60 -17.97 -0.17 -7.59
C TYR G 60 -18.24 -1.32 -8.55
N ASN G 61 -19.33 -1.18 -9.30
CA ASN G 61 -19.55 -2.03 -10.46
C ASN G 61 -18.50 -1.71 -11.52
N GLN G 62 -17.97 -2.76 -12.15
CA GLN G 62 -16.92 -2.57 -13.15
C GLN G 62 -17.38 -1.65 -14.27
N LYS G 63 -18.68 -1.69 -14.61
CA LYS G 63 -19.22 -0.79 -15.61
C LYS G 63 -18.99 0.67 -15.24
N PHE G 64 -19.08 1.00 -13.95
CA PHE G 64 -19.01 2.38 -13.49
C PHE G 64 -17.70 2.71 -12.79
N LYS G 65 -16.73 1.79 -12.78
CA LYS G 65 -15.48 1.98 -12.05
C LYS G 65 -14.86 3.33 -12.34
N ASP G 66 -14.76 3.70 -13.62
CA ASP G 66 -14.08 4.92 -14.01
C ASP G 66 -14.98 6.15 -13.95
N LYS G 67 -16.31 5.97 -13.98
CA LYS G 67 -17.23 7.10 -14.00
C LYS G 67 -17.53 7.65 -12.62
N ALA G 68 -17.90 6.79 -11.67
CA ALA G 68 -18.50 7.22 -10.42
C ALA G 68 -17.48 7.28 -9.29
N THR G 69 -17.74 8.20 -8.35
CA THR G 69 -16.91 8.38 -7.17
C THR G 69 -17.82 8.67 -5.98
N LEU G 70 -17.80 7.78 -4.99
CA LEU G 70 -18.70 7.86 -3.85
C LEU G 70 -17.99 8.40 -2.62
N THR G 71 -18.66 9.34 -1.93
CA THR G 71 -18.16 9.95 -0.72
C THR G 71 -19.32 10.11 0.27
N ALA G 72 -18.97 10.34 1.54
CA ALA G 72 -19.98 10.52 2.57
C ALA G 72 -19.46 11.48 3.63
N ASP G 73 -20.39 12.02 4.43
CA ASP G 73 -20.08 13.01 5.45
C ASP G 73 -20.99 12.80 6.63
N LYS G 74 -20.44 12.24 7.72
CA LYS G 74 -21.23 11.99 8.93
C LYS G 74 -21.88 13.26 9.44
N SER G 75 -21.14 14.38 9.42
CA SER G 75 -21.57 15.60 10.09
C SER G 75 -22.92 16.10 9.59
N SER G 76 -23.22 15.91 8.31
CA SER G 76 -24.48 16.38 7.74
C SER G 76 -25.41 15.25 7.32
N SER G 77 -24.97 13.99 7.42
CA SER G 77 -25.81 12.82 7.12
C SER G 77 -26.17 12.74 5.65
N THR G 78 -25.25 13.16 4.78
CA THR G 78 -25.47 13.13 3.33
C THR G 78 -24.40 12.30 2.66
N ALA G 79 -24.79 11.62 1.58
CA ALA G 79 -23.87 10.91 0.70
C ALA G 79 -23.74 11.67 -0.61
N TYR G 80 -22.65 11.40 -1.33
CA TYR G 80 -22.39 12.08 -2.59
C TYR G 80 -21.98 11.07 -3.64
N MET G 81 -22.33 11.38 -4.89
CA MET G 81 -21.80 10.68 -6.05
C MET G 81 -21.41 11.70 -7.10
N GLN G 82 -20.23 11.51 -7.68
CA GLN G 82 -19.73 12.38 -8.74
C GLN G 82 -19.54 11.54 -10.00
N LEU G 83 -20.23 11.92 -11.07
CA LEU G 83 -19.99 11.34 -12.38
C LEU G 83 -18.98 12.23 -13.11
N SER G 84 -18.10 11.61 -13.88
CA SER G 84 -17.02 12.34 -14.53
C SER G 84 -17.02 12.03 -16.02
N SER G 85 -16.38 12.91 -16.79
CA SER G 85 -16.23 12.77 -18.24
C SER G 85 -17.56 12.37 -18.89
N LEU G 86 -18.57 13.20 -18.64
CA LEU G 86 -19.93 12.82 -18.97
C LEU G 86 -20.12 12.69 -20.47
N THR G 87 -20.85 11.64 -20.86
CA THR G 87 -21.33 11.41 -22.21
C THR G 87 -22.85 11.37 -22.17
N SER G 88 -23.47 11.25 -23.34
CA SER G 88 -24.93 11.17 -23.38
C SER G 88 -25.46 9.88 -22.78
N GLU G 89 -24.63 8.83 -22.72
CA GLU G 89 -25.05 7.58 -22.08
C GLU G 89 -25.36 7.79 -20.60
N ASP G 90 -24.79 8.82 -19.98
CA ASP G 90 -24.97 9.08 -18.57
C ASP G 90 -26.27 9.83 -18.25
N SER G 91 -27.05 10.22 -19.26
CA SER G 91 -28.34 10.84 -19.02
C SER G 91 -29.28 9.78 -18.46
N ALA G 92 -29.74 9.99 -17.23
CA ALA G 92 -30.54 8.98 -16.54
C ALA G 92 -31.08 9.59 -15.26
N VAL G 93 -31.84 8.78 -14.52
CA VAL G 93 -32.25 9.06 -13.15
C VAL G 93 -31.37 8.23 -12.23
N TYR G 94 -30.75 8.88 -11.25
CA TYR G 94 -29.84 8.20 -10.33
C TYR G 94 -30.49 8.12 -8.96
N TYR G 95 -30.69 6.90 -8.47
CA TYR G 95 -31.32 6.67 -7.18
C TYR G 95 -30.28 6.39 -6.10
N CYS G 96 -30.68 6.69 -4.89
CA CYS G 96 -29.85 6.56 -3.68
C CYS G 96 -30.64 5.77 -2.65
N ALA G 97 -30.02 4.74 -2.10
CA ALA G 97 -30.80 3.84 -1.25
C ALA G 97 -29.92 3.05 -0.28
N PRO G 98 -30.26 3.06 1.02
CA PRO G 98 -29.55 2.23 2.01
C PRO G 98 -30.03 0.77 1.94
N LEU G 99 -29.48 0.02 0.99
CA LEU G 99 -29.97 -1.32 0.73
C LEU G 99 -29.39 -2.37 1.66
N TRP G 100 -28.31 -2.07 2.38
CA TRP G 100 -27.70 -3.12 3.19
C TRP G 100 -26.99 -2.46 4.37
N PRO G 101 -27.08 -3.02 5.58
CA PRO G 101 -27.89 -4.15 6.05
C PRO G 101 -29.38 -3.91 5.90
N LEU G 102 -30.18 -4.92 6.24
CA LEU G 102 -31.62 -4.82 6.08
C LEU G 102 -32.22 -3.95 7.18
N GLY G 103 -33.42 -3.44 6.92
CA GLY G 103 -34.17 -2.66 7.90
C GLY G 103 -34.49 -1.24 7.48
N THR G 104 -34.00 -0.76 6.34
CA THR G 104 -34.46 0.49 5.75
C THR G 104 -34.90 0.18 4.33
N ASP G 105 -36.19 0.38 4.05
CA ASP G 105 -36.79 -0.03 2.79
C ASP G 105 -36.95 1.10 1.78
N TYR G 106 -36.67 2.35 2.17
CA TYR G 106 -36.98 3.50 1.35
C TYR G 106 -35.81 3.89 0.46
N TRP G 107 -36.15 4.51 -0.68
CA TRP G 107 -35.19 5.04 -1.63
C TRP G 107 -35.31 6.56 -1.69
N GLY G 108 -34.33 7.20 -2.32
CA GLY G 108 -34.43 8.61 -2.60
C GLY G 108 -35.35 8.88 -3.77
N GLN G 109 -35.78 10.14 -3.90
CA GLN G 109 -36.74 10.46 -4.96
C GLN G 109 -36.08 10.48 -6.33
N GLY G 110 -34.76 10.62 -6.41
CA GLY G 110 -34.05 10.60 -7.68
C GLY G 110 -33.66 11.95 -8.21
N THR G 111 -32.41 12.08 -8.64
CA THR G 111 -31.93 13.25 -9.37
C THR G 111 -31.80 12.89 -10.85
N THR G 112 -32.40 13.71 -11.72
CA THR G 112 -32.33 13.49 -13.16
C THR G 112 -31.12 14.22 -13.74
N LEU G 113 -30.26 13.48 -14.41
CA LEU G 113 -29.09 14.04 -15.06
C LEU G 113 -29.31 14.03 -16.58
N THR G 114 -29.12 15.19 -17.19
CA THR G 114 -29.18 15.33 -18.65
C THR G 114 -27.83 15.83 -19.13
N VAL G 115 -27.25 15.14 -20.09
CA VAL G 115 -25.99 15.52 -20.70
C VAL G 115 -26.30 16.02 -22.11
N SER G 116 -26.18 17.33 -22.30
CA SER G 116 -26.45 17.93 -23.60
C SER G 116 -25.54 19.13 -23.81
N SER G 117 -25.10 19.30 -25.05
CA SER G 117 -24.34 20.47 -25.46
C SER G 117 -25.20 21.73 -25.48
N ALA G 118 -26.53 21.58 -25.46
CA ALA G 118 -27.43 22.71 -25.60
C ALA G 118 -27.53 23.51 -24.31
N SER G 119 -27.91 24.77 -24.46
CA SER G 119 -28.18 25.63 -23.32
C SER G 119 -29.55 25.28 -22.74
N THR G 120 -29.77 25.66 -21.49
CA THR G 120 -31.11 25.51 -20.96
C THR G 120 -32.02 26.52 -21.65
N LYS G 121 -33.31 26.26 -21.60
CA LYS G 121 -34.27 27.15 -22.22
C LYS G 121 -35.52 27.14 -21.37
N GLY G 122 -36.03 28.33 -21.06
CA GLY G 122 -37.19 28.44 -20.21
C GLY G 122 -38.45 28.18 -20.99
N PRO G 123 -39.47 27.70 -20.29
CA PRO G 123 -40.74 27.40 -20.96
C PRO G 123 -41.58 28.66 -21.14
N SER G 124 -42.36 28.65 -22.21
CA SER G 124 -43.47 29.56 -22.35
C SER G 124 -44.73 28.84 -21.88
N VAL G 125 -45.60 29.55 -21.18
CA VAL G 125 -46.79 28.95 -20.59
C VAL G 125 -48.02 29.72 -21.08
N PHE G 126 -48.87 29.03 -21.83
CA PHE G 126 -50.09 29.61 -22.35
C PHE G 126 -51.30 28.95 -21.71
N PRO G 127 -52.42 29.66 -21.62
CA PRO G 127 -53.63 29.08 -21.02
C PRO G 127 -54.44 28.29 -22.04
N LEU G 128 -55.21 27.34 -21.50
CA LEU G 128 -56.22 26.62 -22.26
C LEU G 128 -57.56 27.08 -21.69
N ALA G 129 -58.17 28.05 -22.35
CA ALA G 129 -59.36 28.69 -21.80
C ALA G 129 -60.59 27.83 -22.07
N PRO G 130 -61.49 27.71 -21.08
CA PRO G 130 -62.73 26.93 -21.21
C PRO G 130 -63.73 27.61 -22.13
N GLY G 138 -72.30 20.32 -17.12
CA GLY G 138 -71.92 20.93 -15.86
C GLY G 138 -70.52 20.58 -15.44
N THR G 139 -69.58 20.71 -16.38
CA THR G 139 -68.18 20.38 -16.13
C THR G 139 -67.33 20.98 -17.25
N ALA G 140 -66.37 21.84 -16.89
CA ALA G 140 -65.55 22.55 -17.85
C ALA G 140 -64.08 22.20 -17.65
N ALA G 141 -63.34 22.07 -18.75
CA ALA G 141 -61.92 21.79 -18.71
C ALA G 141 -61.11 23.07 -18.95
N LEU G 142 -59.99 23.19 -18.25
CA LEU G 142 -59.06 24.28 -18.44
C LEU G 142 -57.66 23.78 -18.11
N GLY G 143 -56.65 24.52 -18.56
CA GLY G 143 -55.31 24.03 -18.36
C GLY G 143 -54.26 25.04 -18.79
N CYS G 144 -53.01 24.58 -18.75
CA CYS G 144 -51.85 25.38 -19.13
C CYS G 144 -51.02 24.59 -20.12
N LEU G 145 -50.60 25.25 -21.19
CA LEU G 145 -49.70 24.67 -22.17
C LEU G 145 -48.30 25.22 -21.91
N VAL G 146 -47.37 24.33 -21.61
CA VAL G 146 -45.99 24.67 -21.25
C VAL G 146 -45.10 24.27 -22.42
N LYS G 147 -44.71 25.24 -23.23
CA LYS G 147 -44.11 24.98 -24.53
C LYS G 147 -42.64 25.37 -24.59
N ASP G 148 -41.86 24.56 -25.31
CA ASP G 148 -40.52 24.91 -25.75
C ASP G 148 -39.57 25.16 -24.59
N TYR G 149 -39.37 24.12 -23.78
CA TYR G 149 -38.40 24.17 -22.70
C TYR G 149 -37.40 23.06 -22.86
N PHE G 150 -36.27 23.21 -22.19
CA PHE G 150 -35.21 22.22 -22.17
C PHE G 150 -34.27 22.56 -21.03
N PRO G 151 -33.78 21.56 -20.28
CA PRO G 151 -34.15 20.14 -20.34
C PRO G 151 -35.34 19.77 -19.47
N GLU G 152 -35.64 18.48 -19.43
CA GLU G 152 -36.58 17.95 -18.46
C GLU G 152 -35.97 17.99 -17.06
N PRO G 153 -36.82 18.00 -16.02
CA PRO G 153 -38.28 18.10 -16.08
C PRO G 153 -38.83 19.47 -15.66
N VAL G 154 -40.14 19.61 -15.79
CA VAL G 154 -40.90 20.77 -15.35
C VAL G 154 -41.93 20.32 -14.32
N THR G 155 -42.20 21.15 -13.33
CA THR G 155 -43.19 20.86 -12.30
C THR G 155 -44.31 21.88 -12.39
N VAL G 156 -45.54 21.41 -12.53
CA VAL G 156 -46.71 22.27 -12.63
C VAL G 156 -47.65 21.93 -11.47
N SER G 157 -48.04 22.96 -10.72
CA SER G 157 -49.04 22.83 -9.68
C SER G 157 -50.13 23.85 -9.93
N TRP G 158 -51.22 23.71 -9.19
CA TRP G 158 -52.37 24.59 -9.33
C TRP G 158 -52.67 25.23 -7.99
N ASN G 159 -53.17 26.46 -8.04
CA ASN G 159 -53.38 27.35 -6.90
C ASN G 159 -52.56 26.97 -5.67
N SER G 160 -51.25 26.78 -5.88
CA SER G 160 -50.18 26.54 -4.90
C SER G 160 -50.01 25.07 -4.55
N GLY G 161 -50.79 24.18 -5.15
CA GLY G 161 -50.80 22.79 -4.75
C GLY G 161 -52.01 22.41 -3.96
N ALA G 162 -52.88 23.37 -3.64
CA ALA G 162 -54.14 23.11 -2.96
C ALA G 162 -55.22 22.61 -3.89
N LEU G 163 -54.93 22.46 -5.18
CA LEU G 163 -55.86 21.97 -6.19
C LEU G 163 -55.21 20.73 -6.80
N THR G 164 -55.33 19.60 -6.11
CA THR G 164 -54.69 18.38 -6.57
C THR G 164 -55.63 17.41 -7.28
N SER G 165 -56.93 17.41 -6.99
CA SER G 165 -57.83 16.39 -7.51
C SER G 165 -58.40 16.84 -8.84
N GLY G 166 -58.21 16.01 -9.87
CA GLY G 166 -58.66 16.30 -11.21
C GLY G 166 -57.58 16.85 -12.09
N VAL G 167 -56.34 16.88 -11.60
CA VAL G 167 -55.23 17.49 -12.29
C VAL G 167 -54.55 16.42 -13.13
N HIS G 168 -54.27 16.74 -14.38
CA HIS G 168 -53.53 15.84 -15.26
C HIS G 168 -52.35 16.62 -15.84
N THR G 169 -51.16 16.29 -15.36
CA THR G 169 -49.92 16.77 -15.96
C THR G 169 -49.44 15.66 -16.88
N PHE G 170 -49.39 15.95 -18.15
CA PHE G 170 -49.07 14.92 -19.12
C PHE G 170 -47.56 14.75 -19.18
N PRO G 171 -47.07 13.60 -19.64
CA PRO G 171 -45.63 13.47 -19.86
C PRO G 171 -45.19 14.50 -20.90
N ALA G 172 -43.95 14.94 -20.78
CA ALA G 172 -43.43 15.84 -21.79
C ALA G 172 -43.36 15.09 -23.12
N VAL G 173 -43.57 15.84 -24.20
CA VAL G 173 -43.54 15.27 -25.53
C VAL G 173 -42.54 16.06 -26.36
N LEU G 174 -41.72 15.35 -27.12
CA LEU G 174 -40.57 15.94 -27.78
C LEU G 174 -41.03 16.54 -29.11
N GLN G 175 -40.80 17.84 -29.27
CA GLN G 175 -41.22 18.53 -30.49
C GLN G 175 -40.16 18.39 -31.56
N SER G 176 -40.53 18.78 -32.78
CA SER G 176 -39.58 18.83 -33.89
C SER G 176 -38.54 19.92 -33.70
N SER G 177 -38.83 20.95 -32.89
CA SER G 177 -37.86 21.98 -32.56
C SER G 177 -36.72 21.45 -31.70
N GLY G 178 -36.82 20.23 -31.16
CA GLY G 178 -35.84 19.72 -30.24
C GLY G 178 -36.11 20.07 -28.80
N LEU G 179 -37.21 20.75 -28.52
CA LEU G 179 -37.57 21.22 -27.19
C LEU G 179 -38.81 20.48 -26.70
N TYR G 180 -38.90 20.32 -25.39
CA TYR G 180 -40.01 19.61 -24.80
C TYR G 180 -41.24 20.50 -24.67
N SER G 181 -42.39 19.86 -24.53
CA SER G 181 -43.66 20.52 -24.35
C SER G 181 -44.57 19.62 -23.53
N LEU G 182 -45.36 20.23 -22.65
CA LEU G 182 -46.36 19.46 -21.92
C LEU G 182 -47.55 20.35 -21.63
N SER G 183 -48.66 19.69 -21.31
CA SER G 183 -49.88 20.35 -20.91
C SER G 183 -50.25 19.84 -19.53
N SER G 184 -50.81 20.72 -18.71
CA SER G 184 -51.43 20.33 -17.45
C SER G 184 -52.87 20.80 -17.52
N VAL G 185 -53.80 19.88 -17.28
CA VAL G 185 -55.22 20.16 -17.43
C VAL G 185 -55.94 19.82 -16.14
N VAL G 186 -57.00 20.56 -15.86
CA VAL G 186 -57.85 20.35 -14.70
C VAL G 186 -59.30 20.45 -15.14
N THR G 187 -60.15 19.61 -14.56
CA THR G 187 -61.58 19.63 -14.82
C THR G 187 -62.29 20.09 -13.56
N VAL G 188 -63.19 21.06 -13.72
CA VAL G 188 -63.77 21.76 -12.58
C VAL G 188 -65.23 22.09 -12.87
N PRO G 189 -66.07 22.27 -11.85
CA PRO G 189 -67.45 22.70 -12.09
C PRO G 189 -67.50 24.04 -12.79
N SER G 190 -68.39 24.14 -13.79
CA SER G 190 -68.53 25.37 -14.54
C SER G 190 -69.15 26.48 -13.70
N SER G 191 -69.90 26.13 -12.65
CA SER G 191 -70.41 27.12 -11.71
C SER G 191 -69.26 27.92 -11.08
N SER G 192 -68.14 27.26 -10.83
CA SER G 192 -67.02 27.87 -10.12
C SER G 192 -66.14 28.74 -11.01
N LEU G 193 -66.56 29.07 -12.23
CA LEU G 193 -65.71 29.85 -13.12
C LEU G 193 -65.67 31.31 -12.66
N GLY G 194 -66.85 31.88 -12.37
CA GLY G 194 -66.90 33.25 -11.87
C GLY G 194 -66.36 33.39 -10.46
N THR G 195 -66.36 32.32 -9.68
CA THR G 195 -65.93 32.39 -8.29
C THR G 195 -64.44 32.09 -8.14
N GLN G 196 -63.99 30.93 -8.64
CA GLN G 196 -62.61 30.51 -8.43
C GLN G 196 -61.67 31.17 -9.41
N THR G 197 -60.47 31.50 -8.92
CA THR G 197 -59.38 31.93 -9.78
C THR G 197 -58.42 30.74 -9.90
N TYR G 198 -58.11 30.37 -11.13
CA TYR G 198 -57.28 29.20 -11.40
C TYR G 198 -55.95 29.68 -11.94
N ILE G 199 -54.87 29.32 -11.24
CA ILE G 199 -53.53 29.75 -11.55
C ILE G 199 -52.63 28.52 -11.56
N CYS G 200 -51.87 28.34 -12.64
CA CYS G 200 -50.93 27.24 -12.73
C CYS G 200 -49.52 27.74 -12.46
N ASN G 201 -48.79 27.01 -11.62
CA ASN G 201 -47.49 27.45 -11.10
C ASN G 201 -46.45 26.53 -11.73
N VAL G 202 -45.81 27.02 -12.78
CA VAL G 202 -44.81 26.25 -13.50
C VAL G 202 -43.43 26.54 -12.94
N ASN G 203 -42.65 25.48 -12.74
CA ASN G 203 -41.30 25.58 -12.22
C ASN G 203 -40.39 24.67 -13.04
N HIS G 204 -39.42 25.28 -13.71
CA HIS G 204 -38.41 24.55 -14.48
C HIS G 204 -37.08 24.80 -13.78
N LYS G 205 -36.59 23.78 -13.07
CA LYS G 205 -35.44 23.99 -12.19
C LYS G 205 -34.14 24.24 -12.95
N PRO G 206 -33.75 23.44 -13.95
CA PRO G 206 -32.43 23.68 -14.58
C PRO G 206 -32.28 25.05 -15.23
N SER G 207 -33.36 25.74 -15.54
CA SER G 207 -33.28 27.11 -16.03
C SER G 207 -33.67 28.13 -14.98
N ASN G 208 -33.95 27.69 -13.76
CA ASN G 208 -34.35 28.56 -12.65
C ASN G 208 -35.43 29.55 -13.08
N THR G 209 -36.44 29.02 -13.75
CA THR G 209 -37.56 29.82 -14.26
C THR G 209 -38.81 29.41 -13.48
N LYS G 210 -39.38 30.38 -12.77
CA LYS G 210 -40.67 30.21 -12.12
C LYS G 210 -41.67 31.17 -12.77
N VAL G 211 -42.80 30.64 -13.22
CA VAL G 211 -43.85 31.47 -13.79
C VAL G 211 -45.19 30.96 -13.29
N ASP G 212 -46.08 31.89 -12.95
CA ASP G 212 -47.44 31.61 -12.52
C ASP G 212 -48.38 32.23 -13.54
N LYS G 213 -49.27 31.44 -14.12
CA LYS G 213 -50.14 31.89 -15.19
C LYS G 213 -51.59 31.71 -14.78
N LYS G 214 -52.34 32.82 -14.79
CA LYS G 214 -53.76 32.81 -14.50
C LYS G 214 -54.51 32.44 -15.77
N VAL G 215 -55.41 31.46 -15.68
CA VAL G 215 -56.18 30.98 -16.83
C VAL G 215 -57.64 31.33 -16.57
N GLU G 216 -58.24 32.07 -17.49
CA GLU G 216 -59.59 32.57 -17.35
C GLU G 216 -60.30 32.55 -18.69
N PRO G 217 -61.63 32.49 -18.69
CA PRO G 217 -62.37 32.34 -19.95
C PRO G 217 -62.24 33.57 -20.83
N LYS G 218 -62.76 33.43 -22.05
CA LYS G 218 -62.69 34.49 -23.04
C LYS G 218 -64.07 35.09 -23.31
N ASP H 1 -22.84 -10.35 -12.57
CA ASP H 1 -22.90 -10.27 -14.03
C ASP H 1 -23.95 -11.23 -14.59
N ILE H 2 -24.88 -11.60 -13.73
CA ILE H 2 -25.97 -12.51 -14.07
C ILE H 2 -27.17 -11.69 -14.55
N VAL H 3 -27.71 -12.06 -15.71
CA VAL H 3 -28.83 -11.35 -16.30
C VAL H 3 -30.14 -11.99 -15.87
N LEU H 4 -31.00 -11.21 -15.22
CA LEU H 4 -32.32 -11.64 -14.76
C LEU H 4 -33.35 -11.21 -15.79
N THR H 5 -34.11 -12.17 -16.31
CA THR H 5 -35.13 -11.91 -17.31
C THR H 5 -36.52 -12.11 -16.70
N GLN H 6 -37.27 -11.01 -16.61
CA GLN H 6 -38.61 -11.05 -16.02
C GLN H 6 -39.65 -11.28 -17.11
N SER H 7 -40.51 -12.27 -16.90
CA SER H 7 -41.66 -12.53 -17.76
C SER H 7 -42.93 -12.59 -16.92
N PRO H 8 -44.04 -12.01 -17.39
CA PRO H 8 -44.08 -11.20 -18.62
C PRO H 8 -43.58 -9.77 -18.37
N ALA H 9 -43.32 -9.01 -19.42
CA ALA H 9 -42.93 -7.61 -19.26
C ALA H 9 -44.12 -6.72 -18.94
N ILE H 10 -45.29 -7.04 -19.49
CA ILE H 10 -46.51 -6.28 -19.27
C ILE H 10 -47.64 -7.26 -19.01
N MET H 11 -48.49 -6.93 -18.04
CA MET H 11 -49.65 -7.77 -17.76
C MET H 11 -50.71 -6.92 -17.06
N SER H 12 -51.95 -7.37 -17.18
CA SER H 12 -53.09 -6.73 -16.55
C SER H 12 -53.88 -7.79 -15.81
N ALA H 13 -54.61 -7.36 -14.79
CA ALA H 13 -55.30 -8.30 -13.93
C ALA H 13 -56.55 -7.63 -13.37
N SER H 14 -57.64 -8.38 -13.36
CA SER H 14 -58.87 -7.88 -12.80
C SER H 14 -58.81 -7.95 -11.28
N PRO H 15 -59.46 -7.00 -10.59
CA PRO H 15 -59.42 -7.01 -9.12
C PRO H 15 -60.07 -8.29 -8.61
N GLY H 16 -59.28 -9.09 -7.89
CA GLY H 16 -59.70 -10.42 -7.53
C GLY H 16 -58.81 -11.50 -8.09
N GLU H 17 -58.34 -11.34 -9.32
CA GLU H 17 -57.52 -12.36 -9.95
C GLU H 17 -56.29 -12.69 -9.10
N LYS H 18 -55.79 -13.90 -9.29
CA LYS H 18 -54.50 -14.29 -8.76
C LYS H 18 -53.44 -13.91 -9.79
N VAL H 19 -52.37 -13.28 -9.33
CA VAL H 19 -51.32 -12.80 -10.22
C VAL H 19 -50.01 -13.50 -9.86
N THR H 20 -49.28 -13.94 -10.88
CA THR H 20 -47.98 -14.57 -10.70
C THR H 20 -47.06 -14.06 -11.78
N MET H 21 -45.85 -13.67 -11.36
CA MET H 21 -44.81 -13.19 -12.26
C MET H 21 -43.49 -13.88 -11.95
N THR H 22 -42.69 -14.09 -12.99
CA THR H 22 -41.45 -14.83 -12.87
C THR H 22 -40.24 -13.93 -13.07
N CYS H 23 -39.08 -14.49 -12.71
CA CYS H 23 -37.79 -13.82 -12.85
C CYS H 23 -36.76 -14.92 -13.10
N SER H 24 -36.21 -14.95 -14.31
CA SER H 24 -35.37 -16.05 -14.76
C SER H 24 -33.90 -15.63 -14.73
N ALA H 25 -33.10 -16.35 -13.95
CA ALA H 25 -31.68 -16.02 -13.76
C ALA H 25 -30.83 -16.84 -14.72
N SER H 26 -29.87 -16.18 -15.37
CA SER H 26 -28.98 -16.88 -16.29
C SER H 26 -28.12 -17.92 -15.60
N SER H 27 -27.80 -17.71 -14.32
CA SER H 27 -27.06 -18.68 -13.53
C SER H 27 -27.74 -18.84 -12.18
N SER H 28 -27.24 -19.78 -11.39
CA SER H 28 -27.83 -20.03 -10.08
C SER H 28 -27.61 -18.81 -9.18
N VAL H 29 -28.59 -18.59 -8.30
CA VAL H 29 -28.54 -17.52 -7.31
C VAL H 29 -29.21 -18.04 -6.06
N SER H 30 -28.66 -17.69 -4.90
CA SER H 30 -29.19 -18.23 -3.65
C SER H 30 -30.56 -17.64 -3.34
N TYR H 31 -30.67 -16.32 -3.37
CA TYR H 31 -31.88 -15.62 -2.98
C TYR H 31 -32.27 -14.61 -4.05
N MET H 32 -33.55 -14.25 -4.06
CA MET H 32 -34.09 -13.26 -4.98
C MET H 32 -34.82 -12.20 -4.16
N HIS H 33 -34.65 -10.93 -4.55
CA HIS H 33 -35.31 -9.83 -3.86
C HIS H 33 -36.26 -9.15 -4.84
N TRP H 34 -37.29 -8.50 -4.31
CA TRP H 34 -38.28 -7.84 -5.14
C TRP H 34 -38.52 -6.43 -4.64
N TYR H 35 -38.52 -5.49 -5.58
CA TYR H 35 -38.85 -4.10 -5.32
C TYR H 35 -40.09 -3.72 -6.10
N GLN H 36 -40.85 -2.78 -5.54
CA GLN H 36 -42.06 -2.28 -6.14
C GLN H 36 -41.89 -0.81 -6.46
N GLN H 37 -42.23 -0.42 -7.68
CA GLN H 37 -42.20 0.99 -8.09
C GLN H 37 -43.56 1.36 -8.64
N LYS H 38 -44.22 2.30 -7.98
CA LYS H 38 -45.43 2.89 -8.51
C LYS H 38 -45.08 4.11 -9.35
N SER H 39 -45.95 4.42 -10.30
CA SER H 39 -45.68 5.48 -11.28
C SER H 39 -45.33 6.78 -10.59
N GLY H 40 -44.25 7.41 -11.06
CA GLY H 40 -43.80 8.66 -10.47
C GLY H 40 -43.39 8.57 -9.01
N THR H 41 -42.88 7.42 -8.59
CA THR H 41 -42.29 7.28 -7.27
C THR H 41 -41.04 6.43 -7.40
N SER H 42 -40.21 6.45 -6.37
CA SER H 42 -39.00 5.65 -6.36
C SER H 42 -39.32 4.23 -5.89
N PRO H 43 -38.45 3.27 -6.20
CA PRO H 43 -38.70 1.90 -5.75
C PRO H 43 -38.75 1.80 -4.24
N LYS H 44 -39.36 0.71 -3.78
CA LYS H 44 -39.50 0.39 -2.37
C LYS H 44 -39.24 -1.09 -2.19
N ARG H 45 -38.53 -1.44 -1.13
CA ARG H 45 -38.25 -2.85 -0.89
C ARG H 45 -39.56 -3.56 -0.54
N TRP H 46 -39.75 -4.74 -1.13
CA TRP H 46 -41.05 -5.41 -1.09
C TRP H 46 -40.94 -6.82 -0.55
N ILE H 47 -40.03 -7.60 -1.13
CA ILE H 47 -39.75 -8.96 -0.69
C ILE H 47 -38.24 -9.13 -0.62
N TYR H 48 -37.76 -9.70 0.47
CA TYR H 48 -36.35 -10.03 0.61
C TYR H 48 -36.21 -11.49 0.97
N ASP H 49 -35.02 -12.03 0.68
CA ASP H 49 -34.70 -13.43 0.88
C ASP H 49 -35.81 -14.34 0.35
N THR H 50 -36.18 -14.09 -0.92
CA THR H 50 -37.12 -14.89 -1.70
C THR H 50 -38.56 -14.82 -1.18
N SER H 51 -38.77 -15.17 0.09
CA SER H 51 -40.12 -15.38 0.60
C SER H 51 -40.56 -14.39 1.66
N LYS H 52 -39.63 -13.63 2.25
CA LYS H 52 -39.95 -12.81 3.41
C LYS H 52 -40.46 -11.44 2.96
N LEU H 53 -41.63 -11.06 3.45
CA LEU H 53 -42.24 -9.78 3.11
C LEU H 53 -41.67 -8.66 3.97
N ALA H 54 -41.58 -7.47 3.37
CA ALA H 54 -41.12 -6.28 4.08
C ALA H 54 -42.25 -5.70 4.94
N SER H 55 -41.88 -4.74 5.79
CA SER H 55 -42.86 -4.09 6.64
C SER H 55 -43.77 -3.21 5.79
N GLY H 56 -45.08 -3.43 5.91
CA GLY H 56 -46.06 -2.73 5.10
C GLY H 56 -46.64 -3.56 3.98
N VAL H 57 -46.01 -4.67 3.63
CA VAL H 57 -46.46 -5.47 2.50
C VAL H 57 -47.63 -6.34 2.94
N PRO H 58 -48.77 -6.25 2.28
CA PRO H 58 -49.93 -7.08 2.66
C PRO H 58 -49.64 -8.56 2.45
N ALA H 59 -50.32 -9.38 3.25
CA ALA H 59 -50.06 -10.82 3.22
C ALA H 59 -50.49 -11.47 1.91
N ARG H 60 -51.31 -10.80 1.11
CA ARG H 60 -51.68 -11.34 -0.19
C ARG H 60 -50.46 -11.54 -1.08
N PHE H 61 -49.38 -10.80 -0.84
CA PHE H 61 -48.14 -11.01 -1.55
C PHE H 61 -47.35 -12.17 -0.95
N SER H 62 -46.62 -12.86 -1.82
CA SER H 62 -45.72 -13.93 -1.41
C SER H 62 -44.76 -14.20 -2.55
N GLY H 63 -43.57 -14.64 -2.20
CA GLY H 63 -42.53 -14.88 -3.19
C GLY H 63 -41.93 -16.25 -2.99
N SER H 64 -41.67 -16.92 -4.11
CA SER H 64 -41.11 -18.26 -4.09
C SER H 64 -40.11 -18.41 -5.22
N GLY H 65 -39.41 -19.55 -5.21
CA GLY H 65 -38.48 -19.89 -6.27
C GLY H 65 -37.16 -20.37 -5.72
N SER H 66 -36.37 -20.97 -6.60
CA SER H 66 -35.02 -21.40 -6.26
C SER H 66 -34.23 -21.58 -7.54
N GLY H 67 -32.91 -21.65 -7.39
CA GLY H 67 -32.02 -21.89 -8.50
C GLY H 67 -32.03 -20.77 -9.52
N THR H 68 -32.67 -20.97 -10.67
CA THR H 68 -32.69 -19.98 -11.72
C THR H 68 -34.08 -19.44 -12.03
N SER H 69 -35.11 -19.82 -11.28
CA SER H 69 -36.47 -19.37 -11.55
C SER H 69 -37.12 -19.00 -10.23
N TYR H 70 -37.46 -17.72 -10.08
CA TYR H 70 -38.14 -17.21 -8.91
C TYR H 70 -39.42 -16.52 -9.32
N SER H 71 -40.32 -16.34 -8.36
CA SER H 71 -41.67 -15.91 -8.67
C SER H 71 -42.20 -14.99 -7.59
N LEU H 72 -43.04 -14.06 -8.02
CA LEU H 72 -43.86 -13.23 -7.15
C LEU H 72 -45.32 -13.53 -7.44
N THR H 73 -46.11 -13.72 -6.39
CA THR H 73 -47.49 -14.11 -6.53
C THR H 73 -48.36 -13.17 -5.72
N ILE H 74 -49.53 -12.85 -6.27
CA ILE H 74 -50.56 -12.09 -5.57
C ILE H 74 -51.83 -12.93 -5.60
N SER H 75 -52.35 -13.27 -4.42
CA SER H 75 -53.53 -14.12 -4.37
C SER H 75 -54.77 -13.36 -4.81
N SER H 76 -54.98 -12.16 -4.27
CA SER H 76 -56.13 -11.32 -4.57
C SER H 76 -55.62 -9.97 -5.08
N MET H 77 -55.50 -9.84 -6.41
CA MET H 77 -55.10 -8.58 -7.01
C MET H 77 -55.95 -7.42 -6.49
N GLU H 78 -55.30 -6.29 -6.25
CA GLU H 78 -55.97 -5.07 -5.81
C GLU H 78 -55.51 -3.90 -6.67
N ALA H 79 -56.25 -2.79 -6.58
CA ALA H 79 -55.92 -1.60 -7.34
C ALA H 79 -54.56 -1.06 -6.93
N GLU H 80 -54.30 -0.98 -5.61
CA GLU H 80 -53.03 -0.48 -5.12
C GLU H 80 -51.84 -1.36 -5.52
N ASP H 81 -52.09 -2.55 -6.07
CA ASP H 81 -50.99 -3.42 -6.49
C ASP H 81 -50.51 -3.09 -7.90
N ALA H 82 -51.22 -2.21 -8.61
CA ALA H 82 -50.74 -1.74 -9.90
C ALA H 82 -49.45 -0.97 -9.72
N ALA H 83 -48.35 -1.51 -10.28
CA ALA H 83 -47.03 -0.95 -10.15
C ALA H 83 -46.07 -1.75 -11.00
N THR H 84 -44.80 -1.36 -11.02
CA THR H 84 -43.76 -2.13 -11.68
C THR H 84 -42.92 -2.84 -10.62
N TYR H 85 -42.59 -4.10 -10.89
CA TYR H 85 -41.95 -4.97 -9.91
C TYR H 85 -40.61 -5.46 -10.47
N TYR H 86 -39.53 -5.19 -9.74
CA TYR H 86 -38.18 -5.55 -10.15
C TYR H 86 -37.63 -6.64 -9.24
N CYS H 87 -36.94 -7.63 -9.84
CA CYS H 87 -36.19 -8.63 -9.11
C CYS H 87 -34.70 -8.31 -9.14
N GLN H 88 -33.99 -8.68 -8.07
CA GLN H 88 -32.70 -8.09 -7.89
C GLN H 88 -31.92 -9.26 -7.23
N GLN H 89 -30.59 -9.33 -7.36
CA GLN H 89 -29.83 -10.35 -6.65
C GLN H 89 -28.50 -9.80 -6.09
N TRP H 90 -28.00 -10.37 -4.97
CA TRP H 90 -26.62 -10.11 -4.54
C TRP H 90 -25.66 -11.27 -4.79
N SER H 91 -26.20 -12.48 -4.97
CA SER H 91 -25.43 -13.73 -4.96
C SER H 91 -24.08 -13.60 -5.63
N SER H 92 -24.05 -13.12 -6.87
CA SER H 92 -22.82 -12.85 -7.60
C SER H 92 -22.69 -11.35 -7.75
N ASN H 93 -21.57 -10.79 -7.30
CA ASN H 93 -21.44 -9.37 -7.58
C ASN H 93 -20.94 -9.18 -9.02
N PRO H 94 -21.38 -8.11 -9.70
CA PRO H 94 -22.23 -7.03 -9.19
C PRO H 94 -23.69 -7.43 -9.01
N PRO H 95 -24.37 -6.83 -8.04
CA PRO H 95 -25.83 -6.97 -7.96
C PRO H 95 -26.45 -6.52 -9.28
N THR H 96 -27.48 -7.24 -9.70
CA THR H 96 -28.18 -6.94 -10.94
C THR H 96 -29.67 -6.95 -10.69
N PHE H 97 -30.39 -6.20 -11.52
CA PHE H 97 -31.83 -6.12 -11.46
C PHE H 97 -32.46 -6.74 -12.70
N GLY H 98 -33.76 -6.95 -12.63
CA GLY H 98 -34.51 -7.33 -13.80
C GLY H 98 -34.96 -6.10 -14.55
N ALA H 99 -35.51 -6.32 -15.74
CA ALA H 99 -36.01 -5.19 -16.50
C ALA H 99 -37.35 -4.68 -15.98
N GLY H 100 -38.00 -5.43 -15.12
CA GLY H 100 -39.26 -5.02 -14.56
C GLY H 100 -40.41 -5.70 -15.26
N THR H 101 -41.49 -5.92 -14.53
CA THR H 101 -42.77 -6.27 -15.13
C THR H 101 -43.77 -5.21 -14.72
N LYS H 102 -44.43 -4.61 -15.70
CA LYS H 102 -45.41 -3.59 -15.44
C LYS H 102 -46.76 -4.29 -15.25
N LEU H 103 -47.36 -4.09 -14.09
CA LEU H 103 -48.62 -4.71 -13.73
C LEU H 103 -49.67 -3.62 -13.75
N GLU H 104 -50.58 -3.70 -14.71
CA GLU H 104 -51.63 -2.71 -14.85
C GLU H 104 -52.95 -3.34 -14.40
N LEU H 105 -53.96 -2.50 -14.22
CA LEU H 105 -55.25 -2.96 -13.76
C LEU H 105 -56.20 -3.10 -14.95
N LYS H 106 -56.99 -4.17 -14.92
CA LYS H 106 -58.07 -4.32 -15.87
C LYS H 106 -59.31 -3.61 -15.34
N ARG H 107 -60.21 -3.29 -16.27
CA ARG H 107 -61.35 -2.44 -15.96
C ARG H 107 -62.30 -2.46 -17.15
N THR H 108 -63.56 -2.16 -16.89
CA THR H 108 -64.54 -2.05 -17.95
C THR H 108 -64.27 -0.83 -18.82
N VAL H 109 -64.84 -0.85 -20.02
CA VAL H 109 -64.70 0.29 -20.93
C VAL H 109 -65.18 1.56 -20.25
N ALA H 110 -64.57 2.67 -20.63
CA ALA H 110 -64.96 3.98 -20.14
C ALA H 110 -64.88 4.94 -21.32
N ALA H 111 -65.92 5.72 -21.50
CA ALA H 111 -65.86 6.61 -22.64
C ALA H 111 -65.16 7.91 -22.26
N PRO H 112 -64.45 8.53 -23.21
CA PRO H 112 -63.71 9.75 -22.90
C PRO H 112 -64.60 10.98 -22.92
N SER H 113 -64.30 11.91 -22.03
CA SER H 113 -64.80 13.28 -22.12
C SER H 113 -63.84 14.07 -23.01
N VAL H 114 -64.37 14.66 -24.07
CA VAL H 114 -63.55 15.31 -25.08
C VAL H 114 -63.69 16.82 -24.95
N PHE H 115 -62.55 17.52 -25.00
CA PHE H 115 -62.51 18.97 -24.98
C PHE H 115 -61.56 19.45 -26.07
N ILE H 116 -61.86 20.60 -26.66
CA ILE H 116 -60.98 21.23 -27.63
C ILE H 116 -60.68 22.64 -27.15
N PHE H 117 -59.42 23.05 -27.30
CA PHE H 117 -58.96 24.35 -26.85
C PHE H 117 -58.38 25.14 -28.01
N PRO H 118 -58.86 26.35 -28.26
CA PRO H 118 -58.25 27.20 -29.30
C PRO H 118 -56.95 27.79 -28.81
N PRO H 119 -56.08 28.23 -29.72
CA PRO H 119 -54.81 28.83 -29.28
C PRO H 119 -55.03 30.17 -28.61
N SER H 120 -54.21 30.45 -27.60
CA SER H 120 -54.32 31.69 -26.85
C SER H 120 -53.86 32.87 -27.68
N ASP H 121 -54.36 34.06 -27.32
CA ASP H 121 -53.93 35.27 -27.99
C ASP H 121 -52.47 35.58 -27.69
N GLU H 122 -52.01 35.22 -26.49
CA GLU H 122 -50.60 35.42 -26.13
C GLU H 122 -49.67 34.59 -27.01
N GLN H 123 -50.07 33.35 -27.31
CA GLN H 123 -49.26 32.51 -28.18
C GLN H 123 -49.27 33.02 -29.61
N LEU H 124 -50.43 33.46 -30.09
CA LEU H 124 -50.52 33.96 -31.46
C LEU H 124 -49.58 35.14 -31.68
N LYS H 125 -49.39 35.98 -30.65
CA LYS H 125 -48.41 37.05 -30.79
C LYS H 125 -47.00 36.51 -30.99
N SER H 126 -46.67 35.37 -30.38
CA SER H 126 -45.35 34.79 -30.57
C SER H 126 -45.16 34.19 -31.97
N GLY H 127 -46.22 34.02 -32.74
CA GLY H 127 -46.12 33.54 -34.11
C GLY H 127 -46.37 32.06 -34.32
N THR H 128 -46.94 31.37 -33.34
CA THR H 128 -47.27 29.96 -33.47
C THR H 128 -48.67 29.72 -32.91
N ALA H 129 -49.31 28.63 -33.36
CA ALA H 129 -50.66 28.31 -32.91
C ALA H 129 -50.70 26.84 -32.49
N SER H 130 -51.11 26.59 -31.26
CA SER H 130 -51.31 25.26 -30.74
C SER H 130 -52.78 25.04 -30.41
N VAL H 131 -53.39 24.05 -31.05
CA VAL H 131 -54.76 23.63 -30.75
C VAL H 131 -54.66 22.32 -30.00
N VAL H 132 -55.27 22.27 -28.81
CA VAL H 132 -55.16 21.12 -27.93
C VAL H 132 -56.50 20.39 -27.89
N CYS H 133 -56.44 19.07 -27.95
CA CYS H 133 -57.61 18.22 -27.82
C CYS H 133 -57.40 17.29 -26.63
N LEU H 134 -58.33 17.32 -25.69
CA LEU H 134 -58.22 16.59 -24.43
C LEU H 134 -59.22 15.44 -24.38
N LEU H 135 -58.72 14.25 -24.11
CA LEU H 135 -59.54 13.06 -23.85
C LEU H 135 -59.40 12.74 -22.37
N ASN H 136 -60.50 12.79 -21.63
CA ASN H 136 -60.41 12.68 -20.18
C ASN H 136 -61.07 11.41 -19.67
N ASN H 137 -60.33 10.64 -18.87
CA ASN H 137 -60.82 9.53 -18.08
C ASN H 137 -61.59 8.53 -18.94
N PHE H 138 -60.81 7.84 -19.77
CA PHE H 138 -61.34 6.82 -20.66
C PHE H 138 -60.54 5.54 -20.46
N TYR H 139 -61.08 4.46 -21.00
CA TYR H 139 -60.40 3.17 -20.95
C TYR H 139 -60.98 2.36 -22.09
N PRO H 140 -60.17 1.62 -22.86
CA PRO H 140 -58.72 1.41 -22.74
C PRO H 140 -57.85 2.49 -23.36
N ARG H 141 -56.53 2.30 -23.23
CA ARG H 141 -55.56 3.27 -23.72
C ARG H 141 -55.68 3.49 -25.22
N GLU H 142 -56.07 2.45 -25.97
CA GLU H 142 -56.11 2.55 -27.43
C GLU H 142 -57.19 3.56 -27.81
N ALA H 143 -56.76 4.70 -28.33
CA ALA H 143 -57.68 5.75 -28.77
C ALA H 143 -57.14 6.43 -30.01
N LYS H 144 -58.03 6.72 -30.94
CA LYS H 144 -57.71 7.31 -32.23
C LYS H 144 -58.24 8.74 -32.25
N VAL H 145 -57.32 9.70 -32.37
CA VAL H 145 -57.68 11.12 -32.44
C VAL H 145 -57.37 11.60 -33.85
N GLN H 146 -58.36 12.24 -34.49
CA GLN H 146 -58.20 12.77 -35.84
C GLN H 146 -58.50 14.25 -35.84
N TRP H 147 -57.63 15.03 -36.49
CA TRP H 147 -57.82 16.45 -36.66
C TRP H 147 -58.42 16.73 -38.04
N LYS H 148 -59.28 17.74 -38.09
CA LYS H 148 -59.94 18.14 -39.32
C LYS H 148 -59.94 19.66 -39.39
N VAL H 149 -59.27 20.19 -40.40
CA VAL H 149 -59.21 21.63 -40.64
C VAL H 149 -60.04 21.93 -41.85
N ASP H 150 -61.16 22.62 -41.66
CA ASP H 150 -62.16 22.81 -42.70
C ASP H 150 -62.47 21.47 -43.39
N ASN H 151 -62.64 20.44 -42.56
CA ASN H 151 -62.88 19.05 -42.94
C ASN H 151 -61.72 18.41 -43.70
N ALA H 152 -60.56 19.06 -43.74
CA ALA H 152 -59.38 18.53 -44.40
C ALA H 152 -58.60 17.68 -43.40
N LEU H 153 -58.47 16.39 -43.72
CA LEU H 153 -57.81 15.45 -42.83
C LEU H 153 -56.34 15.79 -42.64
N GLN H 154 -55.98 16.27 -41.45
CA GLN H 154 -54.60 16.58 -41.14
C GLN H 154 -53.79 15.30 -40.94
N SER H 155 -52.47 15.42 -41.10
CA SER H 155 -51.59 14.28 -40.98
C SER H 155 -50.17 14.77 -40.73
N GLY H 156 -49.51 14.21 -39.72
CA GLY H 156 -48.11 14.50 -39.49
C GLY H 156 -47.82 15.79 -38.77
N ASN H 157 -48.85 16.51 -38.33
CA ASN H 157 -48.68 17.81 -37.68
C ASN H 157 -49.19 17.82 -36.24
N SER H 158 -49.25 16.66 -35.59
CA SER H 158 -49.82 16.59 -34.26
C SER H 158 -49.12 15.49 -33.45
N GLN H 159 -49.05 15.71 -32.14
CA GLN H 159 -48.42 14.78 -31.21
C GLN H 159 -49.35 14.49 -30.05
N GLU H 160 -49.36 13.24 -29.60
CA GLU H 160 -50.20 12.81 -28.50
C GLU H 160 -49.36 12.54 -27.25
N SER H 161 -50.00 12.74 -26.09
CA SER H 161 -49.42 12.37 -24.80
C SER H 161 -50.51 11.78 -23.92
N VAL H 162 -50.18 10.70 -23.21
CA VAL H 162 -51.14 9.95 -22.42
C VAL H 162 -50.65 9.87 -20.98
N THR H 163 -51.56 10.01 -20.02
CA THR H 163 -51.18 9.88 -18.63
C THR H 163 -50.97 8.41 -18.27
N GLU H 164 -50.31 8.18 -17.15
CA GLU H 164 -50.31 6.85 -16.57
C GLU H 164 -51.67 6.56 -15.95
N GLN H 165 -51.95 5.26 -15.79
CA GLN H 165 -53.24 4.82 -15.31
C GLN H 165 -53.56 5.42 -13.95
N ASP H 166 -54.76 5.95 -13.82
CA ASP H 166 -55.15 6.63 -12.59
C ASP H 166 -55.24 5.61 -11.45
N SER H 167 -54.54 5.89 -10.36
CA SER H 167 -54.53 4.96 -9.23
C SER H 167 -55.92 4.78 -8.64
N LYS H 168 -56.78 5.79 -8.72
CA LYS H 168 -58.14 5.67 -8.20
C LYS H 168 -59.03 4.83 -9.10
N ASP H 169 -59.47 5.40 -10.23
CA ASP H 169 -60.47 4.77 -11.09
C ASP H 169 -59.86 4.06 -12.30
N SER H 170 -58.54 3.92 -12.36
CA SER H 170 -57.84 3.11 -13.36
C SER H 170 -58.08 3.59 -14.79
N THR H 171 -58.31 4.88 -14.98
CA THR H 171 -58.58 5.43 -16.31
C THR H 171 -57.35 6.15 -16.86
N TYR H 172 -57.40 6.45 -18.16
CA TYR H 172 -56.36 7.19 -18.85
C TYR H 172 -56.90 8.54 -19.30
N SER H 173 -55.98 9.44 -19.61
CA SER H 173 -56.31 10.68 -20.28
C SER H 173 -55.29 10.93 -21.39
N LEU H 174 -55.71 11.65 -22.42
CA LEU H 174 -54.87 11.88 -23.59
C LEU H 174 -55.05 13.31 -24.06
N SER H 175 -53.94 13.93 -24.47
CA SER H 175 -53.96 15.25 -25.09
C SER H 175 -53.30 15.15 -26.46
N SER H 176 -54.07 15.47 -27.50
CA SER H 176 -53.52 15.66 -28.84
C SER H 176 -53.32 17.15 -29.07
N THR H 177 -52.13 17.50 -29.55
CA THR H 177 -51.75 18.91 -29.74
C THR H 177 -51.46 19.15 -31.21
N LEU H 178 -52.21 20.08 -31.80
CA LEU H 178 -52.04 20.46 -33.21
C LEU H 178 -51.17 21.72 -33.27
N THR H 179 -50.00 21.60 -33.90
CA THR H 179 -49.05 22.69 -33.99
C THR H 179 -49.07 23.25 -35.41
N LEU H 180 -49.35 24.55 -35.53
CA LEU H 180 -49.36 25.24 -36.82
C LEU H 180 -48.59 26.55 -36.68
N SER H 181 -48.24 27.11 -37.82
CA SER H 181 -47.73 28.47 -37.82
C SER H 181 -48.90 29.45 -37.71
N LYS H 182 -48.61 30.64 -37.18
CA LYS H 182 -49.65 31.65 -37.00
C LYS H 182 -50.33 31.96 -38.33
N ALA H 183 -49.56 31.99 -39.42
CA ALA H 183 -50.14 32.16 -40.74
C ALA H 183 -51.07 31.00 -41.09
N ASP H 184 -50.61 29.77 -40.89
CA ASP H 184 -51.39 28.60 -41.27
C ASP H 184 -52.70 28.52 -40.48
N TYR H 185 -52.65 28.86 -39.18
CA TYR H 185 -53.86 28.88 -38.36
C TYR H 185 -54.89 29.83 -38.94
N GLU H 186 -54.45 31.01 -39.39
CA GLU H 186 -55.33 32.07 -39.85
C GLU H 186 -55.83 31.84 -41.27
N LYS H 187 -55.25 30.88 -41.99
CA LYS H 187 -55.78 30.52 -43.30
C LYS H 187 -57.16 29.89 -43.20
N HIS H 188 -57.36 29.03 -42.21
CA HIS H 188 -58.58 28.26 -42.08
C HIS H 188 -59.49 28.81 -40.99
N LYS H 189 -60.73 28.31 -41.00
CA LYS H 189 -61.80 28.81 -40.16
C LYS H 189 -62.28 27.79 -39.14
N VAL H 190 -62.58 26.57 -39.57
CA VAL H 190 -63.21 25.58 -38.71
C VAL H 190 -62.17 24.56 -38.29
N TYR H 191 -62.03 24.35 -36.98
CA TYR H 191 -61.07 23.41 -36.41
C TYR H 191 -61.80 22.35 -35.61
N ALA H 192 -61.52 21.08 -35.92
CA ALA H 192 -62.33 19.98 -35.39
C ALA H 192 -61.44 18.85 -34.92
N CYS H 193 -61.87 18.20 -33.83
CA CYS H 193 -61.16 17.08 -33.22
C CYS H 193 -62.13 15.90 -33.16
N GLU H 194 -61.82 14.84 -33.90
CA GLU H 194 -62.70 13.69 -34.06
C GLU H 194 -62.10 12.50 -33.32
N VAL H 195 -62.74 12.10 -32.23
CA VAL H 195 -62.25 11.03 -31.35
C VAL H 195 -63.01 9.74 -31.66
N THR H 196 -62.27 8.67 -31.85
CA THR H 196 -62.83 7.33 -32.00
C THR H 196 -62.31 6.43 -30.88
N HIS H 197 -63.19 5.61 -30.31
CA HIS H 197 -62.82 4.83 -29.13
C HIS H 197 -63.87 3.75 -28.90
N GLN H 198 -63.45 2.63 -28.29
CA GLN H 198 -64.35 1.49 -28.10
C GLN H 198 -65.50 1.84 -27.16
N GLY H 199 -65.29 2.77 -26.24
CA GLY H 199 -66.35 3.20 -25.35
C GLY H 199 -67.37 4.11 -26.01
N LEU H 200 -67.15 4.49 -27.26
CA LEU H 200 -68.05 5.37 -28.00
C LEU H 200 -68.77 4.55 -29.06
N ARG H 201 -70.09 4.71 -29.11
CA ARG H 201 -70.86 4.05 -30.16
C ARG H 201 -70.49 4.59 -31.53
N SER H 202 -70.39 5.91 -31.64
CA SER H 202 -70.01 6.59 -32.87
C SER H 202 -69.00 7.65 -32.53
N PRO H 203 -68.08 7.97 -33.45
CA PRO H 203 -67.02 8.93 -33.13
C PRO H 203 -67.59 10.30 -32.81
N VAL H 204 -67.08 10.90 -31.74
CA VAL H 204 -67.49 12.22 -31.29
C VAL H 204 -66.53 13.27 -31.83
N THR H 205 -67.08 14.38 -32.30
CA THR H 205 -66.31 15.46 -32.86
C THR H 205 -66.57 16.74 -32.06
N LYS H 206 -65.49 17.36 -31.58
CA LYS H 206 -65.53 18.68 -30.98
C LYS H 206 -64.88 19.67 -31.93
N SER H 207 -65.41 20.89 -31.95
CA SER H 207 -64.93 21.87 -32.91
C SER H 207 -65.08 23.28 -32.34
N PHE H 208 -64.45 24.23 -33.05
CA PHE H 208 -64.60 25.64 -32.79
C PHE H 208 -64.33 26.38 -34.08
N ASN H 209 -64.81 27.62 -34.13
CA ASN H 209 -64.55 28.52 -35.26
C ASN H 209 -63.50 29.54 -34.84
N ARG H 210 -62.65 29.92 -35.79
CA ARG H 210 -61.55 30.84 -35.51
C ARG H 210 -62.07 32.20 -35.04
N GLY H 211 -62.74 32.94 -35.90
CA GLY H 211 -63.31 34.22 -35.53
C GLY H 211 -64.77 34.13 -35.13
N VAL I 2 -34.92 -28.68 -26.38
CA VAL I 2 -35.28 -30.08 -26.57
C VAL I 2 -34.97 -30.89 -25.32
N GLN I 3 -35.99 -31.58 -24.80
CA GLN I 3 -35.81 -32.47 -23.67
C GLN I 3 -36.48 -33.80 -24.00
N LEU I 4 -35.78 -34.90 -23.71
CA LEU I 4 -36.28 -36.24 -23.94
C LEU I 4 -36.25 -36.97 -22.61
N GLN I 5 -37.38 -36.96 -21.91
CA GLN I 5 -37.47 -37.55 -20.58
C GLN I 5 -37.90 -39.01 -20.75
N GLN I 6 -36.95 -39.92 -20.61
CA GLN I 6 -37.30 -41.33 -20.72
C GLN I 6 -37.84 -41.84 -19.40
N SER I 7 -38.50 -42.99 -19.47
CA SER I 7 -39.13 -43.56 -18.28
C SER I 7 -38.06 -43.96 -17.27
N GLY I 8 -38.51 -44.15 -16.03
CA GLY I 8 -37.63 -44.59 -14.98
C GLY I 8 -37.19 -46.03 -15.16
N ALA I 9 -36.10 -46.38 -14.48
CA ALA I 9 -35.58 -47.74 -14.52
C ALA I 9 -36.67 -48.71 -14.07
N GLU I 10 -36.67 -49.90 -14.68
CA GLU I 10 -37.70 -50.88 -14.43
C GLU I 10 -37.10 -52.24 -14.09
N LEU I 11 -37.85 -53.00 -13.30
CA LEU I 11 -37.55 -54.40 -13.00
C LEU I 11 -38.69 -55.25 -13.54
N ALA I 12 -38.35 -56.27 -14.32
CA ALA I 12 -39.34 -57.12 -14.95
C ALA I 12 -39.00 -58.58 -14.73
N LYS I 13 -40.03 -59.43 -14.75
CA LYS I 13 -39.77 -60.85 -14.60
C LYS I 13 -39.47 -61.49 -15.95
N PRO I 14 -38.78 -62.63 -15.96
CA PRO I 14 -38.48 -63.30 -17.23
C PRO I 14 -39.75 -63.82 -17.88
N GLY I 15 -39.79 -63.73 -19.21
CA GLY I 15 -41.00 -64.07 -19.94
C GLY I 15 -42.07 -63.02 -19.93
N ALA I 16 -41.87 -61.91 -19.22
CA ALA I 16 -42.87 -60.85 -19.18
C ALA I 16 -42.68 -59.91 -20.37
N SER I 17 -43.46 -58.84 -20.38
CA SER I 17 -43.35 -57.80 -21.39
C SER I 17 -43.13 -56.48 -20.66
N VAL I 18 -42.49 -55.54 -21.35
CA VAL I 18 -42.21 -54.24 -20.76
C VAL I 18 -42.45 -53.17 -21.81
N LYS I 19 -42.98 -52.04 -21.36
CA LYS I 19 -43.27 -50.90 -22.22
C LYS I 19 -42.59 -49.69 -21.62
N MET I 20 -41.71 -49.06 -22.38
CA MET I 20 -41.01 -47.87 -21.91
C MET I 20 -41.36 -46.70 -22.81
N SER I 21 -41.38 -45.51 -22.20
CA SER I 21 -41.83 -44.30 -22.88
C SER I 21 -40.68 -43.32 -23.01
N CYS I 22 -40.91 -42.30 -23.82
CA CYS I 22 -39.91 -41.27 -24.10
C CYS I 22 -40.67 -40.00 -24.43
N LYS I 23 -40.79 -39.10 -23.45
CA LYS I 23 -41.58 -37.90 -23.62
C LYS I 23 -40.74 -36.80 -24.23
N ALA I 24 -41.24 -36.22 -25.30
CA ALA I 24 -40.53 -35.16 -26.02
C ALA I 24 -41.20 -33.84 -25.67
N SER I 25 -40.38 -32.86 -25.32
CA SER I 25 -40.87 -31.52 -24.99
C SER I 25 -39.91 -30.49 -25.55
N GLY I 26 -40.45 -29.31 -25.86
CA GLY I 26 -39.64 -28.21 -26.32
C GLY I 26 -39.42 -28.18 -27.82
N TYR I 27 -39.84 -29.23 -28.53
CA TYR I 27 -39.70 -29.32 -29.98
C TYR I 27 -40.91 -30.05 -30.54
N THR I 28 -41.09 -29.96 -31.85
CA THR I 28 -42.24 -30.56 -32.53
C THR I 28 -42.10 -32.08 -32.55
N PHE I 29 -42.97 -32.75 -31.80
CA PHE I 29 -42.88 -34.19 -31.60
C PHE I 29 -42.88 -34.96 -32.93
N THR I 30 -43.75 -34.56 -33.86
CA THR I 30 -43.94 -35.29 -35.11
C THR I 30 -42.80 -35.09 -36.11
N SER I 31 -41.99 -34.05 -35.96
CA SER I 31 -41.04 -33.70 -37.00
C SER I 31 -39.84 -34.65 -37.06
N TYR I 32 -39.61 -35.45 -36.02
CA TYR I 32 -38.42 -36.28 -35.95
C TYR I 32 -38.80 -37.74 -35.72
N TRP I 33 -38.13 -38.62 -36.47
CA TRP I 33 -38.23 -40.06 -36.21
C TRP I 33 -37.68 -40.34 -34.83
N MET I 34 -38.14 -41.43 -34.23
CA MET I 34 -37.68 -41.81 -32.90
C MET I 34 -36.98 -43.17 -33.00
N HIS I 35 -35.66 -43.18 -32.84
CA HIS I 35 -34.91 -44.42 -32.86
C HIS I 35 -34.70 -44.93 -31.43
N TRP I 36 -34.42 -46.22 -31.33
CA TRP I 36 -34.17 -46.85 -30.05
C TRP I 36 -32.86 -47.62 -30.13
N VAL I 37 -31.99 -47.41 -29.16
CA VAL I 37 -30.68 -48.03 -29.13
C VAL I 37 -30.50 -48.72 -27.79
N LYS I 38 -29.74 -49.81 -27.80
CA LYS I 38 -29.54 -50.66 -26.63
C LYS I 38 -28.08 -50.64 -26.24
N GLN I 39 -27.80 -50.39 -24.96
CA GLN I 39 -26.42 -50.37 -24.46
C GLN I 39 -26.31 -51.36 -23.30
N ARG I 40 -25.67 -52.50 -23.57
CA ARG I 40 -25.24 -53.36 -22.47
C ARG I 40 -23.79 -53.04 -22.12
N PRO I 41 -23.42 -53.09 -20.84
CA PRO I 41 -22.03 -52.80 -20.48
C PRO I 41 -21.07 -53.78 -21.16
N GLY I 42 -20.06 -53.23 -21.82
CA GLY I 42 -19.09 -54.03 -22.54
C GLY I 42 -19.31 -54.10 -24.04
N GLN I 43 -20.56 -54.15 -24.50
CA GLN I 43 -20.81 -54.29 -25.93
C GLN I 43 -20.74 -52.96 -26.65
N GLY I 44 -21.36 -51.92 -26.10
CA GLY I 44 -21.50 -50.72 -26.90
C GLY I 44 -22.95 -50.51 -27.29
N LEU I 45 -23.18 -49.94 -28.48
CA LEU I 45 -24.51 -49.58 -28.93
C LEU I 45 -25.03 -50.56 -29.97
N GLU I 46 -26.28 -50.95 -29.82
CA GLU I 46 -26.98 -51.82 -30.77
C GLU I 46 -28.23 -51.09 -31.24
N TRP I 47 -28.46 -51.10 -32.55
CA TRP I 47 -29.60 -50.38 -33.12
C TRP I 47 -30.82 -51.31 -33.15
N ILE I 48 -31.92 -50.85 -32.56
CA ILE I 48 -33.15 -51.64 -32.51
C ILE I 48 -34.07 -51.32 -33.68
N GLY I 49 -34.39 -50.04 -33.86
CA GLY I 49 -35.32 -49.63 -34.88
C GLY I 49 -35.73 -48.20 -34.65
N TYR I 50 -36.63 -47.73 -35.53
CA TYR I 50 -37.21 -46.41 -35.39
C TYR I 50 -38.71 -46.46 -35.66
N ILE I 51 -39.40 -45.39 -35.24
CA ILE I 51 -40.81 -45.17 -35.55
C ILE I 51 -40.93 -43.80 -36.20
N ASN I 52 -41.81 -43.69 -37.19
CA ASN I 52 -42.10 -42.41 -37.83
C ASN I 52 -43.38 -41.85 -37.23
N PRO I 53 -43.30 -40.88 -36.31
CA PRO I 53 -44.54 -40.38 -35.67
C PRO I 53 -45.51 -39.74 -36.65
N SER I 54 -45.06 -39.34 -37.84
CA SER I 54 -45.98 -38.78 -38.82
C SER I 54 -46.86 -39.88 -39.42
N THR I 55 -46.24 -40.98 -39.86
CA THR I 55 -46.97 -42.07 -40.50
C THR I 55 -47.21 -43.27 -39.59
N GLY I 56 -46.51 -43.38 -38.47
CA GLY I 56 -46.56 -44.59 -37.67
C GLY I 56 -45.76 -45.73 -38.24
N TYR I 57 -45.02 -45.50 -39.32
CA TYR I 57 -44.20 -46.53 -39.96
C TYR I 57 -43.05 -46.93 -39.04
N THR I 58 -42.71 -48.23 -39.08
CA THR I 58 -41.64 -48.76 -38.26
C THR I 58 -40.65 -49.54 -39.11
N GLU I 59 -39.39 -49.49 -38.71
CA GLU I 59 -38.36 -50.41 -39.17
C GLU I 59 -37.71 -51.03 -37.96
N TYR I 60 -37.25 -52.27 -38.10
CA TYR I 60 -36.64 -52.99 -37.00
C TYR I 60 -35.35 -53.66 -37.46
N ASN I 61 -34.39 -53.73 -36.54
CA ASN I 61 -33.22 -54.57 -36.72
C ASN I 61 -33.65 -56.04 -36.69
N GLN I 62 -33.08 -56.82 -37.62
CA GLN I 62 -33.45 -58.24 -37.69
C GLN I 62 -33.16 -58.96 -36.38
N LYS I 63 -32.11 -58.54 -35.66
CA LYS I 63 -31.83 -59.08 -34.33
C LYS I 63 -33.01 -58.85 -33.39
N PHE I 64 -33.67 -57.71 -33.51
CA PHE I 64 -34.72 -57.30 -32.58
C PHE I 64 -36.12 -57.40 -33.18
N LYS I 65 -36.24 -57.90 -34.41
CA LYS I 65 -37.53 -57.96 -35.10
C LYS I 65 -38.62 -58.56 -34.24
N ASP I 66 -38.35 -59.72 -33.64
CA ASP I 66 -39.38 -60.43 -32.91
C ASP I 66 -39.55 -59.94 -31.48
N LYS I 67 -38.54 -59.27 -30.92
CA LYS I 67 -38.61 -58.80 -29.54
C LYS I 67 -39.35 -57.47 -29.43
N ALA I 68 -38.98 -56.48 -30.25
CA ALA I 68 -39.35 -55.10 -30.01
C ALA I 68 -40.58 -54.70 -30.81
N THR I 69 -41.32 -53.75 -30.24
CA THR I 69 -42.54 -53.20 -30.83
C THR I 69 -42.56 -51.71 -30.56
N LEU I 70 -42.53 -50.88 -31.61
CA LEU I 70 -42.46 -49.44 -31.46
C LEU I 70 -43.83 -48.84 -31.72
N THR I 71 -44.25 -47.93 -30.83
CA THR I 71 -45.54 -47.26 -30.93
C THR I 71 -45.43 -45.79 -30.54
N ALA I 79 -43.22 -41.22 -27.39
CA ALA I 79 -43.01 -42.49 -28.09
C ALA I 79 -42.82 -43.64 -27.11
N TYR I 80 -43.23 -44.84 -27.53
CA TYR I 80 -43.13 -46.05 -26.73
C TYR I 80 -42.34 -47.12 -27.46
N MET I 81 -41.68 -47.97 -26.68
CA MET I 81 -41.10 -49.21 -27.16
C MET I 81 -41.52 -50.32 -26.20
N GLN I 82 -41.96 -51.44 -26.75
CA GLN I 82 -42.36 -52.57 -25.94
C GLN I 82 -41.52 -53.79 -26.31
N LEU I 83 -40.80 -54.32 -25.33
CA LEU I 83 -40.08 -55.58 -25.44
C LEU I 83 -40.93 -56.71 -24.89
N SER I 84 -40.79 -57.90 -25.47
CA SER I 84 -41.59 -59.05 -25.08
C SER I 84 -40.67 -60.22 -24.77
N SER I 85 -41.21 -61.19 -24.03
CA SER I 85 -40.54 -62.43 -23.67
C SER I 85 -39.12 -62.18 -23.14
N LEU I 86 -39.05 -61.35 -22.11
CA LEU I 86 -37.77 -60.83 -21.64
C LEU I 86 -36.91 -61.94 -21.05
N THR I 87 -35.63 -61.92 -21.41
CA THR I 87 -34.59 -62.77 -20.83
C THR I 87 -33.51 -61.88 -20.24
N SER I 88 -32.51 -62.50 -19.59
CA SER I 88 -31.44 -61.73 -18.99
C SER I 88 -30.59 -61.01 -20.03
N GLU I 89 -30.59 -61.50 -21.27
CA GLU I 89 -29.92 -60.78 -22.36
C GLU I 89 -30.56 -59.42 -22.61
N ASP I 90 -31.83 -59.23 -22.23
CA ASP I 90 -32.53 -57.98 -22.45
C ASP I 90 -32.24 -56.94 -21.37
N SER I 91 -31.49 -57.28 -20.32
CA SER I 91 -31.09 -56.29 -19.34
C SER I 91 -30.06 -55.36 -19.95
N ALA I 92 -30.39 -54.08 -20.03
CA ALA I 92 -29.55 -53.10 -20.71
C ALA I 92 -30.09 -51.72 -20.41
N VAL I 93 -29.41 -50.71 -20.94
CA VAL I 93 -29.91 -49.35 -20.99
C VAL I 93 -30.42 -49.09 -22.39
N TYR I 94 -31.67 -48.64 -22.49
CA TYR I 94 -32.31 -48.41 -23.77
C TYR I 94 -32.44 -46.91 -23.97
N TYR I 95 -31.81 -46.41 -25.02
CA TYR I 95 -31.85 -44.99 -25.31
C TYR I 95 -32.90 -44.69 -26.38
N CYS I 96 -33.36 -43.46 -26.33
CA CYS I 96 -34.40 -42.95 -27.22
C CYS I 96 -33.82 -41.72 -27.89
N ALA I 97 -33.82 -41.72 -29.22
CA ALA I 97 -33.05 -40.67 -29.87
C ALA I 97 -33.51 -40.45 -31.30
N PRO I 98 -33.79 -39.21 -31.67
CA PRO I 98 -34.10 -38.88 -33.08
C PRO I 98 -32.84 -38.71 -33.94
N LEU I 99 -32.30 -39.83 -34.43
CA LEU I 99 -31.07 -39.76 -35.23
C LEU I 99 -31.33 -39.33 -36.67
N TRP I 100 -32.53 -38.82 -36.93
CA TRP I 100 -33.05 -38.35 -38.21
C TRP I 100 -34.53 -38.02 -38.00
N PRO I 101 -35.04 -36.93 -38.61
CA PRO I 101 -34.30 -35.91 -39.37
C PRO I 101 -33.19 -35.20 -38.59
N LEU I 102 -32.37 -34.42 -39.31
CA LEU I 102 -31.28 -33.69 -38.67
C LEU I 102 -31.84 -32.47 -37.95
N GLY I 103 -31.07 -31.96 -37.01
CA GLY I 103 -31.45 -30.77 -36.28
C GLY I 103 -31.65 -30.95 -34.79
N THR I 104 -31.50 -32.14 -34.25
CA THR I 104 -31.54 -32.34 -32.81
C THR I 104 -30.24 -32.92 -32.27
N ASP I 105 -29.74 -34.00 -32.86
CA ASP I 105 -28.54 -34.71 -32.42
C ASP I 105 -28.54 -35.20 -30.97
N TYR I 106 -29.54 -34.83 -30.18
CA TYR I 106 -29.57 -35.23 -28.77
C TYR I 106 -30.31 -36.55 -28.59
N TRP I 107 -29.94 -37.26 -27.54
CA TRP I 107 -30.51 -38.55 -27.20
C TRP I 107 -31.32 -38.45 -25.91
N GLY I 108 -32.09 -39.50 -25.65
CA GLY I 108 -32.78 -39.59 -24.39
C GLY I 108 -31.85 -39.96 -23.25
N GLN I 109 -32.34 -39.74 -22.03
CA GLN I 109 -31.52 -39.97 -20.85
C GLN I 109 -31.29 -41.45 -20.57
N GLY I 110 -32.16 -42.33 -21.08
CA GLY I 110 -31.96 -43.76 -20.91
C GLY I 110 -32.81 -44.40 -19.85
N THR I 111 -33.46 -45.51 -20.19
CA THR I 111 -34.18 -46.34 -19.22
C THR I 111 -33.35 -47.60 -18.96
N THR I 112 -33.09 -47.86 -17.69
CA THR I 112 -32.34 -49.06 -17.29
C THR I 112 -33.32 -50.20 -17.02
N LEU I 113 -33.17 -51.30 -17.76
CA LEU I 113 -34.05 -52.46 -17.61
C LEU I 113 -33.28 -53.59 -16.95
N THR I 114 -33.84 -54.12 -15.86
CA THR I 114 -33.33 -55.31 -15.20
C THR I 114 -34.43 -56.36 -15.21
N VAL I 115 -34.10 -57.57 -15.68
CA VAL I 115 -35.03 -58.69 -15.71
C VAL I 115 -34.57 -59.71 -14.67
N SER I 116 -35.34 -59.85 -13.59
CA SER I 116 -34.98 -60.78 -12.54
C SER I 116 -36.24 -61.35 -11.89
N SER I 117 -36.14 -62.61 -11.47
CA SER I 117 -37.21 -63.22 -10.67
C SER I 117 -37.28 -62.62 -9.27
N ALA I 118 -36.24 -61.92 -8.84
CA ALA I 118 -36.19 -61.44 -7.47
C ALA I 118 -37.07 -60.20 -7.30
N SER I 119 -37.52 -59.98 -6.06
CA SER I 119 -38.25 -58.78 -5.72
C SER I 119 -37.29 -57.62 -5.51
N THR I 120 -37.82 -56.40 -5.61
CA THR I 120 -37.01 -55.24 -5.30
C THR I 120 -36.73 -55.17 -3.81
N LYS I 121 -35.69 -54.42 -3.46
CA LYS I 121 -35.34 -54.26 -2.06
C LYS I 121 -34.74 -52.88 -1.88
N GLY I 122 -35.21 -52.15 -0.87
CA GLY I 122 -34.75 -50.81 -0.63
C GLY I 122 -33.42 -50.81 0.09
N PRO I 123 -32.66 -49.75 -0.06
CA PRO I 123 -31.34 -49.69 0.58
C PRO I 123 -31.44 -49.33 2.04
N SER I 124 -30.50 -49.88 2.81
CA SER I 124 -30.22 -49.39 4.15
C SER I 124 -29.06 -48.40 4.06
N VAL I 125 -29.15 -47.32 4.83
CA VAL I 125 -28.18 -46.24 4.76
C VAL I 125 -27.59 -46.04 6.14
N PHE I 126 -26.29 -46.30 6.25
CA PHE I 126 -25.51 -46.14 7.46
C PHE I 126 -24.50 -45.02 7.28
N PRO I 127 -24.11 -44.35 8.36
CA PRO I 127 -23.15 -43.26 8.22
C PRO I 127 -21.72 -43.75 8.22
N LEU I 128 -20.87 -42.95 7.58
CA LEU I 128 -19.42 -43.09 7.68
C LEU I 128 -18.97 -41.85 8.43
N ALA I 129 -18.81 -41.99 9.74
CA ALA I 129 -18.62 -40.81 10.57
C ALA I 129 -17.17 -40.34 10.50
N PRO I 130 -16.94 -39.04 10.40
CA PRO I 130 -15.56 -38.54 10.34
C PRO I 130 -14.87 -38.65 11.69
N SER I 131 -13.61 -38.22 11.74
CA SER I 131 -12.85 -38.23 12.98
C SER I 131 -12.64 -36.80 13.48
N GLY I 137 -6.74 -29.51 12.03
CA GLY I 137 -6.99 -28.24 11.37
C GLY I 137 -6.80 -28.28 9.86
N GLY I 138 -7.05 -29.44 9.27
CA GLY I 138 -6.88 -29.62 7.83
C GLY I 138 -8.17 -29.87 7.09
N THR I 139 -8.45 -31.13 6.76
CA THR I 139 -9.59 -31.49 5.91
C THR I 139 -9.99 -32.93 6.23
N ALA I 140 -11.27 -33.11 6.58
CA ALA I 140 -11.80 -34.41 7.01
C ALA I 140 -12.89 -34.90 6.07
N ALA I 141 -12.93 -36.21 5.84
CA ALA I 141 -13.90 -36.87 5.01
C ALA I 141 -15.00 -37.55 5.83
N LEU I 142 -16.21 -37.56 5.26
CA LEU I 142 -17.36 -38.24 5.83
C LEU I 142 -18.23 -38.74 4.68
N GLY I 143 -19.16 -39.64 4.98
CA GLY I 143 -19.92 -40.21 3.90
C GLY I 143 -21.10 -41.05 4.37
N CYS I 144 -21.73 -41.70 3.40
CA CYS I 144 -22.88 -42.55 3.61
C CYS I 144 -22.67 -43.88 2.91
N LEU I 145 -22.99 -44.96 3.62
CA LEU I 145 -22.97 -46.30 3.06
C LEU I 145 -24.40 -46.75 2.78
N VAL I 146 -24.70 -47.03 1.52
CA VAL I 146 -26.03 -47.43 1.09
C VAL I 146 -25.95 -48.91 0.71
N LYS I 147 -26.44 -49.77 1.59
CA LYS I 147 -26.15 -51.19 1.52
C LYS I 147 -27.40 -52.01 1.17
N ASP I 148 -27.19 -53.07 0.40
CA ASP I 148 -28.17 -54.14 0.19
C ASP I 148 -29.44 -53.64 -0.50
N TYR I 149 -29.29 -53.15 -1.74
CA TYR I 149 -30.45 -52.77 -2.53
C TYR I 149 -30.43 -53.52 -3.85
N PHE I 150 -31.59 -53.56 -4.51
CA PHE I 150 -31.75 -54.21 -5.80
C PHE I 150 -33.06 -53.72 -6.41
N PRO I 151 -33.08 -53.39 -7.72
CA PRO I 151 -31.95 -53.33 -8.65
C PRO I 151 -31.23 -51.99 -8.61
N GLU I 152 -30.28 -51.80 -9.53
CA GLU I 152 -29.73 -50.49 -9.76
C GLU I 152 -30.78 -49.59 -10.39
N PRO I 153 -30.61 -48.26 -10.30
CA PRO I 153 -29.55 -47.55 -9.58
C PRO I 153 -30.02 -46.88 -8.29
N VAL I 154 -29.05 -46.32 -7.57
CA VAL I 154 -29.31 -45.48 -6.41
C VAL I 154 -28.71 -44.11 -6.72
N THR I 155 -29.41 -43.05 -6.32
CA THR I 155 -28.97 -41.69 -6.53
C THR I 155 -28.75 -41.04 -5.17
N VAL I 156 -27.56 -40.51 -4.95
CA VAL I 156 -27.21 -39.88 -3.69
C VAL I 156 -26.84 -38.42 -3.94
N SER I 157 -27.49 -37.53 -3.20
CA SER I 157 -27.12 -36.13 -3.15
C SER I 157 -26.87 -35.76 -1.69
N TRP I 158 -26.25 -34.60 -1.50
CA TRP I 158 -25.91 -34.15 -0.16
C TRP I 158 -26.51 -32.78 0.07
N ASN I 159 -26.97 -32.55 1.30
CA ASN I 159 -27.66 -31.31 1.70
C ASN I 159 -28.56 -30.81 0.57
N SER I 160 -29.42 -31.69 0.08
CA SER I 160 -30.39 -31.42 -0.98
C SER I 160 -29.73 -31.07 -2.31
N GLY I 161 -28.42 -31.13 -2.39
CA GLY I 161 -27.69 -30.70 -3.56
C GLY I 161 -26.97 -29.39 -3.40
N ALA I 162 -27.02 -28.78 -2.22
CA ALA I 162 -26.28 -27.57 -1.94
C ALA I 162 -24.81 -27.83 -1.64
N LEU I 163 -24.38 -29.09 -1.69
CA LEU I 163 -22.99 -29.47 -1.44
C LEU I 163 -22.49 -30.14 -2.72
N THR I 164 -21.65 -29.42 -3.47
CA THR I 164 -21.15 -29.89 -4.75
C THR I 164 -19.69 -30.37 -4.72
N SER I 165 -18.76 -29.49 -4.36
CA SER I 165 -17.35 -29.79 -4.61
C SER I 165 -16.80 -30.66 -3.50
N GLY I 166 -16.33 -31.85 -3.87
CA GLY I 166 -15.71 -32.80 -2.99
C GLY I 166 -16.50 -34.08 -2.84
N VAL I 167 -17.63 -34.20 -3.55
CA VAL I 167 -18.52 -35.34 -3.38
C VAL I 167 -18.13 -36.39 -4.41
N HIS I 168 -17.98 -37.62 -3.96
CA HIS I 168 -17.71 -38.75 -4.83
C HIS I 168 -18.71 -39.84 -4.49
N THR I 169 -19.65 -40.09 -5.39
CA THR I 169 -20.56 -41.23 -5.27
C THR I 169 -19.96 -42.35 -6.10
N PHE I 170 -19.66 -43.47 -5.45
CA PHE I 170 -18.94 -44.53 -6.12
C PHE I 170 -19.88 -45.40 -6.94
N PRO I 171 -19.35 -46.11 -7.94
CA PRO I 171 -20.18 -47.04 -8.69
C PRO I 171 -20.73 -48.12 -7.77
N ALA I 172 -21.89 -48.65 -8.14
CA ALA I 172 -22.43 -49.77 -7.39
C ALA I 172 -21.54 -50.97 -7.58
N VAL I 173 -21.43 -51.78 -6.54
CA VAL I 173 -20.61 -52.99 -6.58
C VAL I 173 -21.47 -54.16 -6.13
N LEU I 174 -21.37 -55.26 -6.85
CA LEU I 174 -22.25 -56.41 -6.64
C LEU I 174 -21.66 -57.27 -5.53
N GLN I 175 -22.43 -57.47 -4.46
CA GLN I 175 -21.97 -58.26 -3.34
C GLN I 175 -22.27 -59.74 -3.58
N SER I 176 -21.69 -60.57 -2.70
CA SER I 176 -21.96 -62.00 -2.74
C SER I 176 -23.41 -62.31 -2.34
N SER I 177 -24.07 -61.41 -1.62
CA SER I 177 -25.49 -61.58 -1.31
C SER I 177 -26.39 -61.48 -2.54
N GLY I 178 -25.87 -61.01 -3.67
CA GLY I 178 -26.68 -60.78 -4.84
C GLY I 178 -27.31 -59.40 -4.90
N LEU I 179 -27.03 -58.54 -3.93
CA LEU I 179 -27.59 -57.21 -3.81
C LEU I 179 -26.48 -56.18 -4.00
N TYR I 180 -26.85 -55.03 -4.55
CA TYR I 180 -25.86 -54.00 -4.79
C TYR I 180 -25.57 -53.22 -3.51
N SER I 181 -24.41 -52.55 -3.51
CA SER I 181 -23.98 -51.71 -2.41
C SER I 181 -23.06 -50.64 -2.98
N LEU I 182 -23.16 -49.42 -2.47
CA LEU I 182 -22.25 -48.37 -2.88
C LEU I 182 -22.05 -47.40 -1.72
N SER I 183 -21.04 -46.54 -1.87
CA SER I 183 -20.74 -45.49 -0.91
C SER I 183 -20.74 -44.14 -1.61
N SER I 184 -21.19 -43.11 -0.89
CA SER I 184 -21.01 -41.74 -1.31
C SER I 184 -20.23 -41.00 -0.23
N VAL I 185 -19.13 -40.37 -0.62
CA VAL I 185 -18.23 -39.71 0.32
C VAL I 185 -18.00 -38.27 -0.11
N VAL I 186 -17.78 -37.41 0.87
CA VAL I 186 -17.49 -36.00 0.62
C VAL I 186 -16.36 -35.57 1.55
N THR I 187 -15.48 -34.72 1.05
CA THR I 187 -14.39 -34.16 1.84
C THR I 187 -14.64 -32.67 2.06
N VAL I 188 -14.48 -32.25 3.31
CA VAL I 188 -14.85 -30.90 3.75
C VAL I 188 -13.83 -30.45 4.78
N PRO I 189 -13.69 -29.14 4.97
CA PRO I 189 -12.78 -28.66 6.01
C PRO I 189 -13.20 -29.20 7.37
N SER I 190 -12.21 -29.69 8.12
CA SER I 190 -12.51 -30.28 9.42
C SER I 190 -12.96 -29.23 10.43
N SER I 191 -12.62 -27.97 10.20
CA SER I 191 -13.14 -26.89 11.04
C SER I 191 -14.66 -26.85 11.02
N SER I 192 -15.27 -27.14 9.88
CA SER I 192 -16.71 -27.02 9.71
C SER I 192 -17.48 -28.25 10.22
N LEU I 193 -16.83 -29.14 10.98
CA LEU I 193 -17.50 -30.38 11.39
C LEU I 193 -18.52 -30.11 12.49
N GLY I 194 -18.12 -29.41 13.54
CA GLY I 194 -19.05 -29.12 14.62
C GLY I 194 -20.13 -28.12 14.24
N THR I 195 -19.85 -27.26 13.26
CA THR I 195 -20.78 -26.19 12.89
C THR I 195 -21.79 -26.63 11.82
N GLN I 196 -21.30 -27.12 10.69
CA GLN I 196 -22.18 -27.47 9.59
C GLN I 196 -22.84 -28.82 9.81
N THR I 197 -24.08 -28.93 9.37
CA THR I 197 -24.83 -30.18 9.40
C THR I 197 -24.80 -30.79 8.01
N TYR I 198 -24.34 -32.03 7.91
CA TYR I 198 -24.16 -32.72 6.64
C TYR I 198 -25.15 -33.89 6.56
N ILE I 199 -25.99 -33.88 5.53
CA ILE I 199 -27.01 -34.91 5.32
C ILE I 199 -26.92 -35.39 3.89
N CYS I 200 -26.90 -36.71 3.71
CA CYS I 200 -26.88 -37.33 2.39
C CYS I 200 -28.28 -37.82 2.04
N ASN I 201 -28.68 -37.57 0.79
CA ASN I 201 -30.05 -37.76 0.33
C ASN I 201 -30.09 -38.95 -0.61
N VAL I 202 -30.51 -40.11 -0.10
CA VAL I 202 -30.55 -41.34 -0.89
C VAL I 202 -31.94 -41.49 -1.51
N ASN I 203 -31.97 -41.84 -2.79
CA ASN I 203 -33.22 -42.03 -3.52
C ASN I 203 -33.09 -43.30 -4.37
N HIS I 204 -33.89 -44.31 -4.05
CA HIS I 204 -33.95 -45.57 -4.80
C HIS I 204 -35.34 -45.69 -5.40
N LYS I 205 -35.45 -45.45 -6.71
CA LYS I 205 -36.79 -45.34 -7.32
C LYS I 205 -37.55 -46.66 -7.39
N PRO I 206 -36.98 -47.77 -7.89
CA PRO I 206 -37.80 -48.99 -8.06
C PRO I 206 -38.41 -49.51 -6.76
N SER I 207 -37.87 -49.14 -5.60
CA SER I 207 -38.47 -49.48 -4.33
C SER I 207 -39.20 -48.29 -3.73
N ASN I 208 -39.31 -47.20 -4.50
CA ASN I 208 -39.99 -45.97 -4.11
C ASN I 208 -39.53 -45.54 -2.71
N THR I 209 -38.22 -45.56 -2.52
CA THR I 209 -37.58 -45.26 -1.25
C THR I 209 -36.76 -43.98 -1.37
N LYS I 210 -37.11 -42.98 -0.56
CA LYS I 210 -36.30 -41.80 -0.36
C LYS I 210 -35.81 -41.80 1.08
N VAL I 211 -34.49 -41.65 1.26
CA VAL I 211 -33.91 -41.61 2.60
C VAL I 211 -32.87 -40.51 2.65
N ASP I 212 -32.91 -39.70 3.72
CA ASP I 212 -31.92 -38.68 4.00
C ASP I 212 -31.29 -38.99 5.35
N LYS I 213 -29.96 -39.09 5.38
CA LYS I 213 -29.26 -39.53 6.57
C LYS I 213 -28.28 -38.45 7.02
N LYS I 214 -28.41 -38.02 8.27
CA LYS I 214 -27.50 -37.03 8.84
C LYS I 214 -26.23 -37.71 9.34
N VAL I 215 -25.08 -37.15 8.98
CA VAL I 215 -23.78 -37.69 9.37
C VAL I 215 -23.12 -36.69 10.29
N GLU I 216 -22.80 -37.13 11.51
CA GLU I 216 -22.19 -36.30 12.53
C GLU I 216 -21.20 -37.16 13.30
N PRO I 217 -20.20 -36.55 13.93
CA PRO I 217 -19.17 -37.34 14.61
C PRO I 217 -19.75 -38.09 15.79
N LYS I 218 -19.18 -39.27 16.04
CA LYS I 218 -19.55 -40.21 17.11
C LYS I 218 -20.67 -39.77 18.05
N ASP J 1 -24.77 -56.05 -41.40
CA ASP J 1 -24.02 -56.45 -40.22
C ASP J 1 -22.52 -56.27 -40.42
N ILE J 2 -22.11 -55.03 -40.66
CA ILE J 2 -20.71 -54.71 -40.84
C ILE J 2 -20.11 -54.48 -39.46
N VAL J 3 -19.06 -55.21 -39.13
CA VAL J 3 -18.46 -55.14 -37.80
C VAL J 3 -17.35 -54.12 -37.82
N LEU J 4 -17.51 -53.08 -36.99
CA LEU J 4 -16.56 -51.99 -36.86
C LEU J 4 -15.70 -52.24 -35.62
N THR J 5 -14.38 -52.28 -35.81
CA THR J 5 -13.44 -52.49 -34.72
C THR J 5 -12.68 -51.20 -34.47
N GLN J 6 -12.89 -50.60 -33.30
CA GLN J 6 -12.23 -49.37 -32.92
C GLN J 6 -10.95 -49.68 -32.16
N SER J 7 -9.85 -49.04 -32.57
CA SER J 7 -8.58 -49.10 -31.89
C SER J 7 -8.11 -47.69 -31.57
N PRO J 8 -7.49 -47.47 -30.40
CA PRO J 8 -7.36 -48.45 -29.33
C PRO J 8 -8.64 -48.57 -28.51
N ALA J 9 -8.72 -49.60 -27.65
CA ALA J 9 -9.89 -49.70 -26.79
C ALA J 9 -9.83 -48.69 -25.65
N ILE J 10 -8.63 -48.41 -25.15
CA ILE J 10 -8.42 -47.43 -24.10
C ILE J 10 -7.18 -46.61 -24.46
N MET J 11 -7.23 -45.31 -24.20
CA MET J 11 -6.07 -44.47 -24.43
C MET J 11 -6.13 -43.25 -23.53
N SER J 12 -4.96 -42.69 -23.28
CA SER J 12 -4.78 -41.50 -22.46
C SER J 12 -3.92 -40.51 -23.23
N ALA J 13 -4.07 -39.24 -22.88
CA ALA J 13 -3.38 -38.20 -23.64
C ALA J 13 -3.10 -37.00 -22.74
N SER J 14 -1.92 -36.45 -22.90
CA SER J 14 -1.59 -35.23 -22.19
C SER J 14 -2.24 -34.04 -22.89
N PRO J 15 -2.65 -33.01 -22.16
CA PRO J 15 -3.28 -31.85 -22.79
C PRO J 15 -2.32 -31.16 -23.75
N GLY J 16 -2.72 -31.09 -25.02
CA GLY J 16 -1.83 -30.61 -26.06
C GLY J 16 -1.56 -31.65 -27.14
N GLU J 17 -1.41 -32.91 -26.71
CA GLU J 17 -1.08 -33.99 -27.63
C GLU J 17 -2.10 -34.12 -28.76
N LYS J 18 -1.64 -34.73 -29.85
CA LYS J 18 -2.52 -35.13 -30.93
C LYS J 18 -3.11 -36.50 -30.60
N VAL J 19 -4.42 -36.64 -30.79
CA VAL J 19 -5.13 -37.88 -30.48
C VAL J 19 -5.73 -38.39 -31.78
N THR J 20 -5.59 -39.70 -32.01
CA THR J 20 -6.16 -40.36 -33.18
C THR J 20 -6.73 -41.70 -32.78
N MET J 21 -7.95 -41.99 -33.22
CA MET J 21 -8.55 -43.30 -33.04
C MET J 21 -9.17 -43.75 -34.36
N THR J 22 -9.10 -45.04 -34.63
CA THR J 22 -9.55 -45.59 -35.90
C THR J 22 -10.80 -46.45 -35.70
N CYS J 23 -11.41 -46.79 -36.82
CA CYS J 23 -12.62 -47.60 -36.84
C CYS J 23 -12.57 -48.43 -38.12
N SER J 24 -12.34 -49.73 -37.99
CA SER J 24 -12.05 -50.60 -39.12
C SER J 24 -13.29 -51.43 -39.46
N ALA J 25 -13.78 -51.27 -40.69
CA ALA J 25 -15.01 -51.92 -41.12
C ALA J 25 -14.69 -53.23 -41.84
N SER J 26 -15.45 -54.27 -41.47
CA SER J 26 -15.27 -55.58 -42.09
C SER J 26 -15.56 -55.54 -43.59
N SER J 27 -16.41 -54.62 -44.02
CA SER J 27 -16.73 -54.42 -45.43
C SER J 27 -16.67 -52.94 -45.75
N SER J 28 -16.87 -52.60 -47.02
CA SER J 28 -16.83 -51.21 -47.45
C SER J 28 -17.95 -50.43 -46.79
N VAL J 29 -17.70 -49.14 -46.56
CA VAL J 29 -18.67 -48.24 -45.95
C VAL J 29 -18.55 -46.88 -46.64
N SER J 30 -19.69 -46.27 -46.93
CA SER J 30 -19.65 -44.97 -47.62
C SER J 30 -19.26 -43.87 -46.65
N TYR J 31 -19.99 -43.72 -45.55
CA TYR J 31 -19.76 -42.68 -44.56
C TYR J 31 -19.77 -43.27 -43.16
N MET J 32 -19.05 -42.62 -42.25
CA MET J 32 -19.03 -43.01 -40.85
C MET J 32 -19.33 -41.80 -39.98
N HIS J 33 -20.07 -42.04 -38.89
CA HIS J 33 -20.49 -41.00 -37.96
C HIS J 33 -19.86 -41.26 -36.60
N TRP J 34 -19.76 -40.20 -35.79
CA TRP J 34 -19.13 -40.31 -34.47
C TRP J 34 -20.02 -39.68 -33.40
N TYR J 35 -20.24 -40.41 -32.30
CA TYR J 35 -20.99 -39.96 -31.14
C TYR J 35 -20.07 -39.94 -29.93
N GLN J 36 -20.37 -39.05 -29.00
CA GLN J 36 -19.43 -38.77 -27.93
C GLN J 36 -20.23 -39.14 -26.71
N GLN J 37 -19.70 -39.91 -25.78
CA GLN J 37 -20.45 -40.13 -24.56
C GLN J 37 -19.59 -39.82 -23.35
N LYS J 38 -20.00 -38.81 -22.55
CA LYS J 38 -19.32 -38.52 -21.29
C LYS J 38 -19.95 -39.31 -20.16
N SER J 39 -19.14 -39.55 -19.11
CA SER J 39 -19.56 -40.41 -18.01
C SER J 39 -20.89 -39.99 -17.42
N GLY J 40 -21.79 -40.95 -17.25
CA GLY J 40 -23.11 -40.67 -16.69
C GLY J 40 -23.95 -39.71 -17.51
N THR J 41 -23.77 -39.70 -18.83
CA THR J 41 -24.62 -38.91 -19.70
C THR J 41 -24.95 -39.74 -20.94
N SER J 42 -25.92 -39.25 -21.70
CA SER J 42 -26.30 -39.90 -22.93
C SER J 42 -25.36 -39.49 -24.06
N PRO J 43 -25.27 -40.29 -25.12
CA PRO J 43 -24.44 -39.91 -26.26
C PRO J 43 -24.93 -38.62 -26.90
N LYS J 44 -24.04 -38.00 -27.66
CA LYS J 44 -24.35 -36.80 -28.42
C LYS J 44 -23.65 -36.91 -29.76
N ARG J 45 -24.33 -36.51 -30.82
CA ARG J 45 -23.72 -36.57 -32.14
C ARG J 45 -22.55 -35.60 -32.22
N TRP J 46 -21.46 -36.05 -32.85
CA TRP J 46 -20.21 -35.31 -32.83
C TRP J 46 -19.68 -35.05 -34.23
N ILE J 47 -19.58 -36.12 -35.03
CA ILE J 47 -19.12 -36.02 -36.41
C ILE J 47 -20.06 -36.84 -37.28
N TYR J 48 -20.51 -36.25 -38.38
CA TYR J 48 -21.31 -36.96 -39.37
C TYR J 48 -20.72 -36.80 -40.76
N ASP J 49 -21.15 -37.68 -41.67
CA ASP J 49 -20.63 -37.75 -43.04
C ASP J 49 -19.10 -37.78 -43.04
N THR J 50 -18.54 -38.70 -42.26
CA THR J 50 -17.09 -38.90 -42.18
C THR J 50 -16.35 -37.71 -41.57
N SER J 51 -16.49 -36.53 -42.18
CA SER J 51 -15.64 -35.39 -41.81
C SER J 51 -16.40 -34.20 -41.24
N LYS J 52 -17.72 -34.14 -41.39
CA LYS J 52 -18.44 -32.91 -41.08
C LYS J 52 -18.74 -32.83 -39.58
N LEU J 53 -18.32 -31.73 -38.97
CA LEU J 53 -18.53 -31.53 -37.55
C LEU J 53 -19.94 -31.03 -37.27
N ALA J 54 -20.49 -31.45 -36.14
CA ALA J 54 -21.80 -31.02 -35.68
C ALA J 54 -21.73 -29.66 -34.99
N SER J 55 -22.91 -29.08 -34.78
CA SER J 55 -23.03 -27.78 -34.12
C SER J 55 -22.72 -27.90 -32.62
N GLY J 56 -21.84 -27.03 -32.13
CA GLY J 56 -21.43 -27.01 -30.74
C GLY J 56 -20.06 -27.60 -30.47
N VAL J 57 -19.52 -28.39 -31.39
CA VAL J 57 -18.25 -29.07 -31.17
C VAL J 57 -17.11 -28.12 -31.49
N PRO J 58 -16.11 -28.00 -30.61
CA PRO J 58 -14.97 -27.12 -30.90
C PRO J 58 -14.23 -27.58 -32.16
N ALA J 59 -13.58 -26.62 -32.82
CA ALA J 59 -12.99 -26.86 -34.14
C ALA J 59 -11.79 -27.80 -34.12
N ARG J 60 -11.19 -28.05 -32.95
CA ARG J 60 -10.08 -28.99 -32.88
C ARG J 60 -10.45 -30.40 -33.30
N PHE J 61 -11.73 -30.74 -33.29
CA PHE J 61 -12.15 -32.07 -33.73
C PHE J 61 -12.18 -32.14 -35.25
N SER J 62 -11.86 -33.33 -35.77
CA SER J 62 -11.92 -33.59 -37.21
C SER J 62 -11.85 -35.08 -37.45
N GLY J 63 -12.44 -35.52 -38.55
CA GLY J 63 -12.50 -36.93 -38.88
C GLY J 63 -12.12 -37.20 -40.32
N SER J 64 -11.38 -38.28 -40.53
CA SER J 64 -10.95 -38.67 -41.87
C SER J 64 -11.01 -40.18 -41.99
N GLY J 65 -10.85 -40.65 -43.22
CA GLY J 65 -10.84 -42.07 -43.54
C GLY J 65 -11.73 -42.36 -44.74
N SER J 66 -11.56 -43.56 -45.27
CA SER J 66 -12.38 -43.99 -46.39
C SER J 66 -12.35 -45.52 -46.48
N GLY J 67 -13.28 -46.05 -47.26
CA GLY J 67 -13.31 -47.48 -47.54
C GLY J 67 -13.57 -48.35 -46.33
N THR J 68 -12.53 -48.99 -45.81
CA THR J 68 -12.65 -49.89 -44.68
C THR J 68 -11.92 -49.41 -43.43
N SER J 69 -11.30 -48.23 -43.48
CA SER J 69 -10.58 -47.69 -42.33
C SER J 69 -10.89 -46.21 -42.22
N TYR J 70 -11.52 -45.83 -41.11
CA TYR J 70 -11.85 -44.44 -40.84
C TYR J 70 -11.25 -44.06 -39.49
N SER J 71 -11.11 -42.75 -39.27
CA SER J 71 -10.37 -42.30 -38.10
C SER J 71 -10.96 -41.00 -37.57
N LEU J 72 -10.88 -40.83 -36.26
CA LEU J 72 -11.21 -39.58 -35.59
C LEU J 72 -9.97 -39.05 -34.89
N THR J 73 -9.71 -37.75 -35.03
CA THR J 73 -8.52 -37.13 -34.49
C THR J 73 -8.87 -35.86 -33.73
N ILE J 74 -8.13 -35.60 -32.66
CA ILE J 74 -8.18 -34.34 -31.92
C ILE J 74 -6.77 -33.76 -31.98
N SER J 75 -6.65 -32.56 -32.55
CA SER J 75 -5.34 -31.96 -32.75
C SER J 75 -4.71 -31.51 -31.43
N SER J 76 -5.47 -30.78 -30.62
CA SER J 76 -5.00 -30.26 -29.33
C SER J 76 -5.92 -30.80 -28.25
N MET J 77 -5.56 -31.95 -27.68
CA MET J 77 -6.32 -32.58 -26.61
C MET J 77 -6.62 -31.58 -25.49
N GLU J 78 -7.83 -31.68 -24.94
CA GLU J 78 -8.29 -30.87 -23.82
C GLU J 78 -8.88 -31.77 -22.75
N ALA J 79 -9.06 -31.18 -21.55
CA ALA J 79 -9.71 -31.90 -20.46
C ALA J 79 -11.15 -32.24 -20.84
N GLU J 80 -11.87 -31.28 -21.43
CA GLU J 80 -13.25 -31.47 -21.86
C GLU J 80 -13.40 -32.55 -22.92
N ASP J 81 -12.30 -33.00 -23.52
CA ASP J 81 -12.35 -34.04 -24.53
C ASP J 81 -12.28 -35.44 -23.94
N ALA J 82 -12.03 -35.57 -22.63
CA ALA J 82 -12.08 -36.88 -21.99
C ALA J 82 -13.48 -37.45 -22.09
N ALA J 83 -13.63 -38.54 -22.85
CA ALA J 83 -14.93 -39.14 -23.11
C ALA J 83 -14.79 -40.43 -23.90
N THR J 84 -15.92 -41.08 -24.18
CA THR J 84 -15.95 -42.26 -25.03
C THR J 84 -16.51 -41.88 -26.40
N TYR J 85 -15.88 -42.39 -27.45
CA TYR J 85 -16.18 -42.01 -28.83
C TYR J 85 -16.57 -43.26 -29.62
N TYR J 86 -17.77 -43.25 -30.20
CA TYR J 86 -18.29 -44.38 -30.96
C TYR J 86 -18.40 -44.03 -32.43
N CYS J 87 -18.07 -44.99 -33.30
CA CYS J 87 -18.28 -44.84 -34.73
C CYS J 87 -19.52 -45.59 -35.17
N GLN J 88 -20.18 -45.07 -36.21
CA GLN J 88 -21.46 -45.58 -36.69
C GLN J 88 -21.50 -45.47 -38.21
N GLN J 89 -22.27 -46.38 -38.84
CA GLN J 89 -22.45 -46.37 -40.29
C GLN J 89 -23.88 -46.68 -40.67
N TRP J 90 -24.32 -46.14 -41.82
CA TRP J 90 -25.56 -46.55 -42.48
C TRP J 90 -25.35 -47.42 -43.71
N SER J 91 -24.16 -47.38 -44.31
CA SER J 91 -23.90 -47.92 -45.65
C SER J 91 -24.63 -49.23 -45.96
N SER J 92 -24.44 -50.25 -45.13
CA SER J 92 -25.13 -51.51 -45.24
C SER J 92 -26.08 -51.67 -44.07
N ASN J 93 -27.33 -51.96 -44.35
CA ASN J 93 -28.26 -52.19 -43.26
C ASN J 93 -28.02 -53.57 -42.66
N PRO J 94 -28.15 -53.71 -41.32
CA PRO J 94 -28.55 -52.75 -40.28
C PRO J 94 -27.50 -51.68 -39.94
N PRO J 95 -27.94 -50.50 -39.50
CA PRO J 95 -27.00 -49.56 -38.90
C PRO J 95 -26.26 -50.22 -37.75
N THR J 96 -24.96 -49.95 -37.66
CA THR J 96 -24.12 -50.55 -36.63
C THR J 96 -23.22 -49.50 -35.98
N PHE J 97 -22.81 -49.79 -34.76
CA PHE J 97 -21.93 -48.93 -33.99
C PHE J 97 -20.60 -49.65 -33.74
N GLY J 98 -19.61 -48.87 -33.29
CA GLY J 98 -18.35 -49.43 -32.84
C GLY J 98 -18.39 -49.75 -31.35
N ALA J 99 -17.35 -50.42 -30.89
CA ALA J 99 -17.28 -50.75 -29.47
C ALA J 99 -16.85 -49.58 -28.60
N GLY J 100 -16.34 -48.51 -29.18
CA GLY J 100 -15.96 -47.36 -28.39
C GLY J 100 -14.46 -47.30 -28.14
N THR J 101 -13.94 -46.08 -28.00
CA THR J 101 -12.61 -45.85 -27.46
C THR J 101 -12.75 -44.94 -26.25
N LYS J 102 -12.22 -45.39 -25.11
CA LYS J 102 -12.26 -44.59 -23.89
C LYS J 102 -11.04 -43.69 -23.88
N LEU J 103 -11.26 -42.38 -23.84
CA LEU J 103 -10.19 -41.39 -23.87
C LEU J 103 -10.11 -40.76 -22.49
N GLU J 104 -9.04 -41.05 -21.76
CA GLU J 104 -8.79 -40.50 -20.45
C GLU J 104 -7.66 -39.49 -20.54
N LEU J 105 -7.48 -38.72 -19.48
CA LEU J 105 -6.43 -37.71 -19.43
C LEU J 105 -5.21 -38.22 -18.68
N LYS J 106 -4.03 -37.85 -19.19
CA LYS J 106 -2.79 -38.08 -18.48
C LYS J 106 -2.55 -36.95 -17.49
N ARG J 107 -1.66 -37.22 -16.54
CA ARG J 107 -1.54 -36.32 -15.42
C ARG J 107 -0.28 -36.67 -14.63
N THR J 108 0.22 -35.70 -13.86
CA THR J 108 1.33 -36.03 -12.99
C THR J 108 0.85 -36.94 -11.88
N VAL J 109 1.80 -37.70 -11.32
CA VAL J 109 1.45 -38.59 -10.22
C VAL J 109 0.85 -37.78 -9.07
N ALA J 110 -0.08 -38.39 -8.35
CA ALA J 110 -0.70 -37.78 -7.19
C ALA J 110 -0.93 -38.84 -6.13
N ALA J 111 -0.54 -38.54 -4.91
CA ALA J 111 -0.71 -39.50 -3.84
C ALA J 111 -2.09 -39.38 -3.22
N PRO J 112 -2.66 -40.49 -2.76
CA PRO J 112 -4.00 -40.45 -2.18
C PRO J 112 -3.99 -40.03 -0.72
N SER J 113 -5.06 -39.33 -0.33
CA SER J 113 -5.39 -39.16 1.07
C SER J 113 -6.19 -40.37 1.53
N VAL J 114 -5.75 -41.02 2.59
CA VAL J 114 -6.34 -42.28 3.04
C VAL J 114 -7.18 -42.03 4.28
N PHE J 115 -8.39 -42.58 4.28
CA PHE J 115 -9.30 -42.53 5.41
C PHE J 115 -9.84 -43.92 5.68
N ILE J 116 -10.06 -44.22 6.96
CA ILE J 116 -10.69 -45.46 7.38
C ILE J 116 -11.90 -45.11 8.23
N PHE J 117 -12.98 -45.87 8.07
CA PHE J 117 -14.22 -45.62 8.77
C PHE J 117 -14.62 -46.85 9.57
N PRO J 118 -14.92 -46.72 10.85
CA PRO J 118 -15.39 -47.86 11.62
C PRO J 118 -16.82 -48.19 11.26
N PRO J 119 -17.27 -49.43 11.47
CA PRO J 119 -18.65 -49.75 11.16
C PRO J 119 -19.56 -49.05 12.17
N SER J 120 -20.70 -48.59 11.68
CA SER J 120 -21.61 -47.87 12.56
C SER J 120 -22.24 -48.85 13.55
N ASP J 121 -22.64 -48.32 14.72
CA ASP J 121 -23.30 -49.17 15.69
C ASP J 121 -24.68 -49.59 15.20
N GLU J 122 -25.34 -48.74 14.41
CA GLU J 122 -26.64 -49.11 13.84
C GLU J 122 -26.50 -50.31 12.92
N GLN J 123 -25.40 -50.38 12.16
CA GLN J 123 -25.18 -51.53 11.30
C GLN J 123 -24.93 -52.78 12.12
N LEU J 124 -24.16 -52.64 13.21
CA LEU J 124 -23.86 -53.79 14.07
C LEU J 124 -25.14 -54.41 14.63
N LYS J 125 -26.15 -53.59 14.93
CA LYS J 125 -27.43 -54.15 15.35
C LYS J 125 -28.03 -55.03 14.27
N SER J 126 -27.80 -54.71 12.99
CA SER J 126 -28.30 -55.55 11.91
C SER J 126 -27.56 -56.88 11.81
N GLY J 127 -26.41 -57.02 12.48
CA GLY J 127 -25.70 -58.28 12.56
C GLY J 127 -24.56 -58.46 11.57
N THR J 128 -24.16 -57.41 10.86
CA THR J 128 -23.04 -57.47 9.93
C THR J 128 -22.23 -56.19 10.11
N ALA J 129 -20.95 -56.24 9.72
CA ALA J 129 -20.04 -55.12 9.90
C ALA J 129 -19.32 -54.79 8.60
N SER J 130 -19.42 -53.54 8.18
CA SER J 130 -18.73 -53.03 6.98
C SER J 130 -17.66 -52.04 7.42
N VAL J 131 -16.41 -52.32 7.07
CA VAL J 131 -15.30 -51.41 7.30
C VAL J 131 -14.89 -50.83 5.94
N VAL J 132 -14.91 -49.50 5.84
CA VAL J 132 -14.66 -48.81 4.58
C VAL J 132 -13.31 -48.09 4.66
N CYS J 133 -12.55 -48.20 3.58
CA CYS J 133 -11.28 -47.50 3.42
C CYS J 133 -11.35 -46.62 2.18
N LEU J 134 -11.09 -45.33 2.35
CA LEU J 134 -11.25 -44.36 1.28
C LEU J 134 -9.89 -43.82 0.84
N LEU J 135 -9.61 -43.90 -0.46
CA LEU J 135 -8.45 -43.28 -1.09
C LEU J 135 -8.94 -42.14 -1.97
N ASN J 136 -8.50 -40.92 -1.70
CA ASN J 136 -9.03 -39.73 -2.36
C ASN J 136 -7.97 -39.03 -3.21
N ASN J 137 -8.36 -38.72 -4.46
CA ASN J 137 -7.64 -37.80 -5.34
C ASN J 137 -6.20 -38.24 -5.56
N PHE J 138 -6.07 -39.34 -6.29
CA PHE J 138 -4.77 -39.90 -6.65
C PHE J 138 -4.73 -40.18 -8.15
N TYR J 139 -3.51 -40.46 -8.62
CA TYR J 139 -3.24 -40.83 -10.00
C TYR J 139 -1.93 -41.58 -10.00
N PRO J 140 -1.82 -42.69 -10.75
CA PRO J 140 -2.84 -43.31 -11.60
C PRO J 140 -3.82 -44.21 -10.86
N ARG J 141 -4.77 -44.79 -11.61
CA ARG J 141 -5.81 -45.62 -11.01
C ARG J 141 -5.23 -46.84 -10.28
N GLU J 142 -4.07 -47.34 -10.73
CA GLU J 142 -3.53 -48.56 -10.14
C GLU J 142 -3.15 -48.34 -8.69
N ALA J 143 -3.90 -48.94 -7.76
CA ALA J 143 -3.62 -48.85 -6.34
C ALA J 143 -3.98 -50.17 -5.68
N LYS J 144 -3.14 -50.61 -4.75
CA LYS J 144 -3.31 -51.88 -4.07
C LYS J 144 -3.66 -51.61 -2.61
N VAL J 145 -4.81 -52.11 -2.17
CA VAL J 145 -5.27 -51.97 -0.80
C VAL J 145 -5.19 -53.33 -0.11
N GLN J 146 -4.58 -53.35 1.07
CA GLN J 146 -4.44 -54.56 1.87
C GLN J 146 -5.10 -54.32 3.22
N TRP J 147 -5.93 -55.27 3.64
CA TRP J 147 -6.57 -55.23 4.95
C TRP J 147 -5.78 -56.10 5.93
N LYS J 148 -5.70 -55.64 7.18
CA LYS J 148 -4.99 -56.36 8.22
C LYS J 148 -5.80 -56.26 9.50
N VAL J 149 -6.25 -57.40 9.99
CA VAL J 149 -7.04 -57.49 11.22
C VAL J 149 -6.16 -58.13 12.29
N ASP J 150 -5.84 -57.36 13.33
CA ASP J 150 -4.86 -57.77 14.34
C ASP J 150 -3.60 -58.32 13.66
N ASN J 151 -3.15 -57.59 12.64
CA ASN J 151 -1.99 -57.90 11.81
C ASN J 151 -2.17 -59.15 10.96
N ALA J 152 -3.38 -59.71 10.89
CA ALA J 152 -3.64 -60.87 10.05
C ALA J 152 -4.12 -60.38 8.68
N LEU J 153 -3.33 -60.66 7.65
CA LEU J 153 -3.61 -60.19 6.30
C LEU J 153 -4.85 -60.89 5.75
N GLN J 154 -5.93 -60.14 5.59
CA GLN J 154 -7.18 -60.66 5.07
C GLN J 154 -7.08 -60.99 3.58
N SER J 155 -8.01 -61.83 3.13
CA SER J 155 -8.04 -62.31 1.75
C SER J 155 -9.43 -62.80 1.41
N GLY J 156 -9.97 -62.35 0.27
CA GLY J 156 -11.23 -62.82 -0.25
C GLY J 156 -12.48 -62.23 0.37
N ASN J 157 -12.36 -61.27 1.28
CA ASN J 157 -13.52 -60.70 1.96
C ASN J 157 -13.67 -59.19 1.73
N SER J 158 -13.17 -58.66 0.62
CA SER J 158 -13.23 -57.21 0.40
C SER J 158 -13.46 -56.91 -1.07
N GLN J 159 -14.13 -55.78 -1.31
CA GLN J 159 -14.46 -55.32 -2.66
C GLN J 159 -14.07 -53.86 -2.83
N GLU J 160 -13.56 -53.53 -4.01
CA GLU J 160 -13.17 -52.18 -4.35
C GLU J 160 -14.14 -51.58 -5.37
N SER J 161 -14.27 -50.25 -5.32
CA SER J 161 -15.00 -49.50 -6.33
C SER J 161 -14.21 -48.22 -6.63
N VAL J 162 -14.12 -47.89 -7.91
CA VAL J 162 -13.30 -46.77 -8.38
C VAL J 162 -14.16 -45.79 -9.14
N THR J 163 -13.93 -44.50 -8.90
CA THR J 163 -14.65 -43.44 -9.61
C THR J 163 -14.09 -43.26 -11.02
N GLU J 164 -14.87 -42.59 -11.86
CA GLU J 164 -14.35 -42.08 -13.12
C GLU J 164 -13.49 -40.85 -12.89
N GLN J 165 -12.62 -40.58 -13.87
CA GLN J 165 -11.66 -39.50 -13.77
C GLN J 165 -12.35 -38.16 -13.59
N ASP J 166 -11.89 -37.40 -12.59
CA ASP J 166 -12.51 -36.12 -12.26
C ASP J 166 -12.24 -35.08 -13.35
N SER J 167 -13.30 -34.43 -13.83
CA SER J 167 -13.14 -33.44 -14.88
C SER J 167 -12.25 -32.27 -14.44
N LYS J 168 -12.23 -31.97 -13.14
CA LYS J 168 -11.39 -30.88 -12.64
C LYS J 168 -9.91 -31.26 -12.65
N ASP J 169 -9.50 -32.07 -11.68
CA ASP J 169 -8.10 -32.40 -11.45
C ASP J 169 -7.69 -33.76 -12.00
N SER J 170 -8.56 -34.42 -12.77
CA SER J 170 -8.21 -35.67 -13.44
C SER J 170 -7.79 -36.76 -12.47
N THR J 171 -8.31 -36.72 -11.25
CA THR J 171 -7.95 -37.69 -10.23
C THR J 171 -9.03 -38.75 -10.08
N TYR J 172 -8.68 -39.79 -9.34
CA TYR J 172 -9.57 -40.88 -9.01
C TYR J 172 -9.81 -40.92 -7.50
N SER J 173 -10.84 -41.65 -7.11
CA SER J 173 -11.04 -42.01 -5.72
C SER J 173 -11.43 -43.48 -5.68
N LEU J 174 -11.13 -44.13 -4.56
CA LEU J 174 -11.37 -45.55 -4.43
C LEU J 174 -11.88 -45.83 -3.03
N SER J 175 -12.87 -46.72 -2.93
CA SER J 175 -13.39 -47.19 -1.66
C SER J 175 -13.25 -48.71 -1.61
N SER J 176 -12.49 -49.20 -0.63
CA SER J 176 -12.47 -50.62 -0.32
C SER J 176 -13.40 -50.84 0.87
N THR J 177 -14.27 -51.85 0.74
CA THR J 177 -15.26 -52.17 1.77
C THR J 177 -14.99 -53.58 2.26
N LEU J 178 -14.68 -53.71 3.53
CA LEU J 178 -14.36 -54.98 4.18
C LEU J 178 -15.60 -55.50 4.91
N THR J 179 -16.09 -56.67 4.48
CA THR J 179 -17.30 -57.27 5.03
C THR J 179 -16.97 -58.44 5.93
N LEU J 180 -17.47 -58.38 7.16
CA LEU J 180 -17.32 -59.44 8.16
C LEU J 180 -18.67 -59.74 8.79
N SER J 181 -18.74 -60.88 9.49
CA SER J 181 -19.88 -61.12 10.36
C SER J 181 -19.67 -60.33 11.65
N LYS J 182 -20.78 -59.98 12.31
CA LYS J 182 -20.67 -59.21 13.55
C LYS J 182 -19.86 -59.96 14.58
N ALA J 183 -20.02 -61.29 14.64
CA ALA J 183 -19.21 -62.10 15.53
C ALA J 183 -17.72 -61.94 15.23
N ASP J 184 -17.35 -62.03 13.95
CA ASP J 184 -15.96 -61.92 13.57
C ASP J 184 -15.40 -60.55 13.89
N TYR J 185 -16.20 -59.50 13.70
CA TYR J 185 -15.73 -58.15 13.99
C TYR J 185 -15.30 -57.99 15.45
N GLU J 186 -16.09 -58.52 16.39
CA GLU J 186 -15.79 -58.30 17.80
C GLU J 186 -14.74 -59.24 18.35
N LYS J 187 -14.35 -60.29 17.62
CA LYS J 187 -13.25 -61.14 18.09
C LYS J 187 -11.92 -60.38 18.08
N HIS J 188 -11.67 -59.60 17.04
CA HIS J 188 -10.40 -58.92 16.86
C HIS J 188 -10.52 -57.44 17.22
N LYS J 189 -9.37 -56.79 17.40
CA LYS J 189 -9.34 -55.45 17.98
C LYS J 189 -8.90 -54.35 17.03
N VAL J 190 -7.76 -54.49 16.36
CA VAL J 190 -7.21 -53.42 15.53
C VAL J 190 -7.43 -53.77 14.06
N TYR J 191 -8.03 -52.83 13.33
CA TYR J 191 -8.38 -52.99 11.93
C TYR J 191 -7.60 -51.98 11.10
N ALA J 192 -6.90 -52.45 10.08
CA ALA J 192 -5.92 -51.64 9.39
C ALA J 192 -6.09 -51.74 7.88
N CYS J 193 -5.84 -50.62 7.21
CA CYS J 193 -5.94 -50.48 5.76
C CYS J 193 -4.60 -49.97 5.25
N GLU J 194 -3.90 -50.80 4.48
CA GLU J 194 -2.54 -50.49 4.04
C GLU J 194 -2.54 -50.25 2.52
N VAL J 195 -2.29 -49.00 2.13
CA VAL J 195 -2.33 -48.58 0.74
C VAL J 195 -0.91 -48.55 0.18
N THR J 196 -0.74 -49.14 -1.00
CA THR J 196 0.48 -49.04 -1.76
C THR J 196 0.17 -48.35 -3.09
N HIS J 197 1.04 -47.45 -3.52
CA HIS J 197 0.73 -46.60 -4.65
C HIS J 197 1.99 -45.93 -5.18
N GLN J 198 1.97 -45.60 -6.47
CA GLN J 198 3.14 -45.01 -7.12
C GLN J 198 3.50 -43.66 -6.54
N GLY J 199 2.51 -42.91 -6.06
CA GLY J 199 2.73 -41.61 -5.44
C GLY J 199 3.25 -41.66 -4.01
N LEU J 200 3.34 -42.84 -3.41
CA LEU J 200 3.77 -42.97 -2.02
C LEU J 200 5.18 -43.57 -2.00
N ARG J 201 6.08 -42.92 -1.25
CA ARG J 201 7.41 -43.48 -1.08
C ARG J 201 7.35 -44.81 -0.33
N SER J 202 6.53 -44.87 0.72
CA SER J 202 6.31 -46.05 1.53
C SER J 202 4.82 -46.18 1.79
N PRO J 203 4.32 -47.41 1.95
CA PRO J 203 2.87 -47.60 2.10
C PRO J 203 2.30 -46.91 3.32
N VAL J 204 1.17 -46.25 3.13
CA VAL J 204 0.46 -45.55 4.21
C VAL J 204 -0.60 -46.48 4.79
N THR J 205 -0.63 -46.56 6.12
CA THR J 205 -1.54 -47.43 6.85
C THR J 205 -2.43 -46.59 7.74
N LYS J 206 -3.75 -46.76 7.61
CA LYS J 206 -4.71 -46.18 8.53
C LYS J 206 -5.37 -47.30 9.34
N SER J 207 -5.66 -47.03 10.61
CA SER J 207 -6.21 -48.06 11.48
C SER J 207 -7.09 -47.43 12.54
N PHE J 208 -7.83 -48.28 13.25
CA PHE J 208 -8.61 -47.88 14.41
C PHE J 208 -8.78 -49.08 15.33
N ASN J 209 -9.10 -48.80 16.58
CA ASN J 209 -9.42 -49.82 17.56
C ASN J 209 -10.91 -49.87 17.80
N ARG J 210 -11.45 -51.08 17.99
CA ARG J 210 -12.88 -51.24 18.19
C ARG J 210 -13.38 -50.54 19.44
N GLY J 211 -12.49 -50.29 20.42
CA GLY J 211 -12.87 -49.69 21.68
C GLY J 211 -13.45 -48.30 21.57
N GLU J 212 -12.59 -47.30 21.37
CA GLU J 212 -13.00 -45.89 21.35
C GLU J 212 -14.07 -45.62 20.31
N GLU K 1 54.50 62.72 15.57
CA GLU K 1 54.71 63.09 16.96
C GLU K 1 53.38 63.24 17.68
N VAL K 2 52.42 63.86 16.99
CA VAL K 2 51.06 63.95 17.53
C VAL K 2 50.48 62.54 17.62
N GLN K 3 50.07 62.16 18.83
CA GLN K 3 49.45 60.86 19.06
C GLN K 3 48.19 61.03 19.89
N LEU K 4 47.15 60.31 19.51
CA LEU K 4 45.88 60.29 20.20
C LEU K 4 45.67 58.84 20.63
N GLN K 5 46.08 58.52 21.86
CA GLN K 5 46.02 57.16 22.37
C GLN K 5 44.68 56.98 23.09
N GLN K 6 43.75 56.31 22.44
CA GLN K 6 42.46 56.02 23.04
C GLN K 6 42.52 54.74 23.85
N SER K 7 41.51 54.56 24.71
CA SER K 7 41.44 53.41 25.58
C SER K 7 41.23 52.12 24.78
N GLY K 8 41.47 50.99 25.44
CA GLY K 8 41.25 49.72 24.80
C GLY K 8 39.77 49.42 24.61
N ALA K 9 39.52 48.50 23.67
CA ALA K 9 38.15 48.06 23.39
C ALA K 9 37.52 47.44 24.64
N GLU K 10 36.23 47.67 24.80
CA GLU K 10 35.53 47.24 26.00
C GLU K 10 34.21 46.54 25.68
N LEU K 11 33.82 45.65 26.61
CA LEU K 11 32.52 45.00 26.61
C LEU K 11 31.76 45.44 27.85
N ALA K 12 30.52 45.87 27.66
CA ALA K 12 29.71 46.38 28.75
C ALA K 12 28.33 45.74 28.71
N LYS K 13 27.71 45.62 29.88
CA LYS K 13 26.38 45.04 29.99
C LYS K 13 25.33 46.10 29.74
N PRO K 14 24.12 45.71 29.35
CA PRO K 14 23.07 46.71 29.09
C PRO K 14 22.67 47.41 30.37
N GLY K 15 22.40 48.71 30.25
CA GLY K 15 22.11 49.52 31.41
C GLY K 15 23.32 49.95 32.22
N ALA K 16 24.52 49.48 31.86
CA ALA K 16 25.71 49.88 32.59
C ALA K 16 26.25 51.20 32.03
N SER K 17 27.37 51.65 32.60
CA SER K 17 28.05 52.84 32.15
C SER K 17 29.50 52.48 31.85
N VAL K 18 30.12 53.25 30.97
CA VAL K 18 31.50 53.03 30.59
C VAL K 18 32.19 54.37 30.39
N LYS K 19 33.48 54.41 30.72
CA LYS K 19 34.30 55.61 30.56
C LYS K 19 35.50 55.26 29.70
N MET K 20 35.66 55.99 28.59
CA MET K 20 36.78 55.78 27.70
C MET K 20 37.63 57.04 27.64
N SER K 21 38.93 56.85 27.49
CA SER K 21 39.88 57.95 27.58
C SER K 21 40.57 58.16 26.24
N CYS K 22 41.26 59.29 26.16
CA CYS K 22 41.96 59.70 24.94
C CYS K 22 43.16 60.55 25.37
N LYS K 23 44.34 59.95 25.38
CA LYS K 23 45.52 60.66 25.83
C LYS K 23 46.16 61.38 24.66
N ALA K 24 46.38 62.68 24.81
CA ALA K 24 46.90 63.53 23.75
C ALA K 24 48.36 63.86 24.02
N SER K 25 49.20 63.71 23.00
CA SER K 25 50.61 64.04 23.09
C SER K 25 51.06 64.66 21.77
N GLY K 26 52.11 65.48 21.83
CA GLY K 26 52.70 66.06 20.65
C GLY K 26 52.13 67.41 20.24
N TYR K 27 51.05 67.85 20.88
CA TYR K 27 50.45 69.14 20.59
C TYR K 27 49.95 69.73 21.90
N THR K 28 49.68 71.03 21.89
CA THR K 28 49.24 71.70 23.11
C THR K 28 47.78 71.31 23.39
N PHE K 29 47.59 70.52 24.44
CA PHE K 29 46.28 69.95 24.75
C PHE K 29 45.23 71.04 24.94
N THR K 30 45.59 72.12 25.64
CA THR K 30 44.62 73.16 25.97
C THR K 30 44.27 74.02 24.77
N SER K 31 45.11 74.03 23.73
CA SER K 31 44.91 74.92 22.59
C SER K 31 43.84 74.43 21.63
N TYR K 32 43.46 73.17 21.69
CA TYR K 32 42.49 72.61 20.76
C TYR K 32 41.35 71.93 21.51
N TRP K 33 40.13 72.18 21.06
CA TRP K 33 38.97 71.46 21.58
C TRP K 33 39.09 69.98 21.26
N MET K 34 38.45 69.15 22.08
CA MET K 34 38.47 67.70 21.87
C MET K 34 37.05 67.21 21.59
N HIS K 35 36.82 66.78 20.36
CA HIS K 35 35.52 66.30 19.90
C HIS K 35 35.45 64.77 19.99
N TRP K 36 34.22 64.26 20.03
CA TRP K 36 33.96 62.83 20.07
C TRP K 36 32.93 62.49 19.01
N VAL K 37 33.23 61.49 18.18
CA VAL K 37 32.32 61.07 17.12
C VAL K 37 32.14 59.55 17.18
N LYS K 38 30.98 59.10 16.69
CA LYS K 38 30.55 57.72 16.75
C LYS K 38 30.44 57.16 15.34
N GLN K 39 31.01 55.98 15.11
CA GLN K 39 30.93 55.32 13.80
C GLN K 39 30.34 53.92 13.95
N ARG K 40 29.08 53.76 13.56
CA ARG K 40 28.48 52.46 13.32
C ARG K 40 28.52 52.12 11.83
N PRO K 41 28.77 50.87 11.46
CA PRO K 41 28.81 50.53 10.03
C PRO K 41 27.46 50.78 9.36
N GLY K 42 27.49 51.52 8.26
CA GLY K 42 26.28 51.83 7.53
C GLY K 42 25.70 53.18 7.89
N GLN K 43 25.79 53.55 9.16
CA GLN K 43 25.20 54.78 9.65
C GLN K 43 26.08 56.01 9.43
N GLY K 44 27.32 55.81 8.99
CA GLY K 44 28.25 56.92 8.87
C GLY K 44 28.78 57.39 10.22
N LEU K 45 29.16 58.67 10.26
CA LEU K 45 29.76 59.25 11.44
C LEU K 45 28.77 60.20 12.11
N GLU K 46 28.68 60.11 13.44
CA GLU K 46 27.82 60.99 14.21
C GLU K 46 28.65 61.75 15.23
N TRP K 47 28.38 63.05 15.33
CA TRP K 47 29.10 63.94 16.23
C TRP K 47 28.42 63.96 17.60
N ILE K 48 29.19 63.67 18.64
CA ILE K 48 28.64 63.62 19.99
C ILE K 48 28.72 64.99 20.66
N GLY K 49 29.90 65.58 20.65
CA GLY K 49 30.11 66.85 21.32
C GLY K 49 31.59 67.14 21.40
N TYR K 50 31.91 68.26 22.03
CA TYR K 50 33.29 68.63 22.27
C TYR K 50 33.43 69.14 23.70
N ILE K 51 34.67 69.13 24.18
CA ILE K 51 35.02 69.75 25.44
C ILE K 51 36.19 70.68 25.19
N ASN K 52 36.19 71.83 25.86
CA ASN K 52 37.30 72.76 25.79
C ASN K 52 38.19 72.49 26.99
N PRO K 53 39.31 71.79 26.83
CA PRO K 53 40.12 71.40 28.00
C PRO K 53 40.65 72.59 28.80
N SER K 54 40.69 73.78 28.22
CA SER K 54 41.13 74.95 28.95
C SER K 54 40.09 75.39 29.97
N THR K 55 38.85 75.53 29.54
CA THR K 55 37.77 76.04 30.39
C THR K 55 36.88 74.95 30.95
N GLY K 56 36.90 73.75 30.38
CA GLY K 56 35.97 72.72 30.76
C GLY K 56 34.57 72.87 30.20
N TYR K 57 34.35 73.88 29.35
CA TYR K 57 33.03 74.05 28.75
C TYR K 57 32.76 72.90 27.80
N THR K 58 31.51 72.44 27.78
CA THR K 58 31.11 71.33 26.93
C THR K 58 29.88 71.70 26.13
N GLU K 59 29.79 71.15 24.93
CA GLU K 59 28.54 71.10 24.20
C GLU K 59 28.30 69.68 23.73
N TYR K 60 27.03 69.35 23.59
CA TYR K 60 26.60 68.02 23.23
C TYR K 60 25.61 68.10 22.07
N ASN K 61 25.65 67.11 21.21
CA ASN K 61 24.55 66.93 20.28
C ASN K 61 23.30 66.59 21.10
N GLN K 62 22.16 67.21 20.76
CA GLN K 62 20.91 66.86 21.49
C GLN K 62 20.67 65.39 21.54
N LYS K 63 21.02 64.70 20.47
CA LYS K 63 20.85 63.26 20.37
C LYS K 63 21.54 62.53 21.51
N PHE K 64 22.69 63.03 21.92
CA PHE K 64 23.52 62.39 22.92
C PHE K 64 23.43 63.10 24.25
N LYS K 65 22.49 64.05 24.38
CA LYS K 65 22.38 64.89 25.56
C LYS K 65 22.42 64.07 26.85
N ASP K 66 21.58 63.05 26.94
CA ASP K 66 21.50 62.23 28.16
C ASP K 66 22.47 61.06 28.17
N LYS K 67 22.99 60.65 27.01
CA LYS K 67 23.87 59.49 26.98
C LYS K 67 25.30 59.84 27.39
N ALA K 68 25.87 60.89 26.80
CA ALA K 68 27.30 61.16 26.91
C ALA K 68 27.57 62.26 27.93
N THR K 69 28.75 62.18 28.54
CA THR K 69 29.23 63.19 29.48
C THR K 69 30.73 63.35 29.26
N LEU K 70 31.16 64.55 28.86
CA LEU K 70 32.55 64.79 28.50
C LEU K 70 33.28 65.50 29.63
N THR K 71 34.48 65.00 29.93
CA THR K 71 35.36 65.58 30.93
C THR K 71 36.77 65.55 30.39
N ALA K 72 37.64 66.37 31.00
CA ALA K 72 39.03 66.41 30.61
C ALA K 72 39.87 66.79 31.82
N ASP K 73 41.15 66.40 31.77
CA ASP K 73 42.10 66.75 32.82
C ASP K 73 43.39 67.17 32.12
N LYS K 74 43.63 68.48 32.06
CA LYS K 74 44.78 68.99 31.32
C LYS K 74 46.10 68.66 32.00
N SER K 75 46.09 68.36 33.30
CA SER K 75 47.32 67.94 33.97
C SER K 75 47.81 66.62 33.42
N SER K 76 46.95 65.60 33.39
CA SER K 76 47.28 64.33 32.75
C SER K 76 47.11 64.39 31.24
N SER K 77 46.62 65.50 30.69
CA SER K 77 46.45 65.70 29.25
C SER K 77 45.61 64.59 28.63
N THR K 78 44.55 64.20 29.34
CA THR K 78 43.69 63.09 28.92
C THR K 78 42.25 63.59 28.86
N ALA K 79 41.56 63.26 27.77
CA ALA K 79 40.14 63.56 27.62
C ALA K 79 39.33 62.29 27.88
N TYR K 80 38.14 62.47 28.43
CA TYR K 80 37.28 61.35 28.79
C TYR K 80 35.89 61.55 28.21
N MET K 81 35.25 60.43 27.89
CA MET K 81 33.83 60.40 27.58
C MET K 81 33.19 59.27 28.35
N GLN K 82 32.04 59.54 28.96
CA GLN K 82 31.31 58.54 29.72
C GLN K 82 29.95 58.35 29.07
N LEU K 83 29.68 57.12 28.63
CA LEU K 83 28.36 56.73 28.13
C LEU K 83 27.59 56.06 29.27
N SER K 84 26.29 56.33 29.32
CA SER K 84 25.45 55.85 30.40
C SER K 84 24.22 55.14 29.86
N SER K 85 23.57 54.36 30.74
CA SER K 85 22.33 53.66 30.44
C SER K 85 22.41 52.94 29.09
N LEU K 86 23.43 52.08 28.99
CA LEU K 86 23.81 51.54 27.70
C LEU K 86 22.73 50.64 27.10
N THR K 87 22.52 50.80 25.80
CA THR K 87 21.69 49.92 24.99
C THR K 87 22.58 49.36 23.89
N SER K 88 22.04 48.42 23.10
CA SER K 88 22.82 47.84 22.01
C SER K 88 23.06 48.84 20.88
N GLU K 89 22.23 49.89 20.79
CA GLU K 89 22.47 50.95 19.81
C GLU K 89 23.80 51.66 20.08
N ASP K 90 24.28 51.61 21.32
CA ASP K 90 25.54 52.26 21.69
C ASP K 90 26.76 51.45 21.31
N SER K 91 26.58 50.25 20.77
CA SER K 91 27.70 49.47 20.26
C SER K 91 28.22 50.12 18.99
N ALA K 92 29.47 50.57 19.02
CA ALA K 92 30.02 51.36 17.92
C ALA K 92 31.51 51.55 18.15
N VAL K 93 32.14 52.25 17.21
CA VAL K 93 33.50 52.76 17.35
C VAL K 93 33.41 54.23 17.71
N TYR K 94 34.09 54.62 18.77
CA TYR K 94 34.06 56.00 19.25
C TYR K 94 35.42 56.63 19.02
N TYR K 95 35.45 57.68 18.21
CA TYR K 95 36.68 58.39 17.91
C TYR K 95 36.79 59.64 18.76
N CYS K 96 38.04 60.05 18.96
CA CYS K 96 38.42 61.20 19.77
C CYS K 96 39.31 62.08 18.90
N ALA K 97 38.98 63.35 18.80
CA ALA K 97 39.72 64.12 17.81
C ALA K 97 39.68 65.61 18.06
N PRO K 98 40.83 66.27 18.07
CA PRO K 98 40.85 67.74 18.18
C PRO K 98 40.49 68.37 16.84
N LEU K 99 39.18 68.46 16.58
CA LEU K 99 38.68 68.91 15.30
C LEU K 99 38.66 70.42 15.15
N TRP K 100 38.79 71.16 16.24
CA TRP K 100 38.68 72.61 16.17
C TRP K 100 39.46 73.27 17.28
N PRO K 101 40.15 74.38 17.03
CA PRO K 101 40.48 75.05 15.75
C PRO K 101 41.35 74.17 14.86
N LEU K 102 41.65 74.69 13.68
CA LEU K 102 42.45 73.93 12.72
C LEU K 102 43.93 73.95 13.13
N GLY K 103 44.67 73.00 12.57
CA GLY K 103 46.11 72.88 12.80
C GLY K 103 46.53 71.56 13.39
N THR K 104 45.60 70.70 13.80
CA THR K 104 45.87 69.30 14.11
C THR K 104 44.89 68.48 13.30
N ASP K 105 45.40 67.58 12.47
CA ASP K 105 44.59 66.83 11.52
C ASP K 105 44.27 65.40 11.95
N TYR K 106 44.85 64.93 13.05
CA TYR K 106 44.78 63.52 13.41
C TYR K 106 43.61 63.23 14.34
N TRP K 107 43.14 61.99 14.26
CA TRP K 107 42.09 61.42 15.11
C TRP K 107 42.70 60.34 15.99
N GLY K 108 41.94 59.91 16.99
CA GLY K 108 42.33 58.75 17.76
C GLY K 108 42.05 57.47 17.01
N GLN K 109 42.68 56.37 17.45
CA GLN K 109 42.53 55.13 16.72
C GLN K 109 41.14 54.54 16.89
N GLY K 110 40.40 54.93 17.93
CA GLY K 110 39.05 54.47 18.11
C GLY K 110 38.95 53.37 19.15
N THR K 111 37.98 53.47 20.05
CA THR K 111 37.63 52.39 20.95
C THR K 111 36.34 51.75 20.49
N THR K 112 36.36 50.44 20.33
CA THR K 112 35.16 49.70 19.95
C THR K 112 34.45 49.27 21.24
N LEU K 113 33.22 49.72 21.42
CA LEU K 113 32.43 49.40 22.59
C LEU K 113 31.30 48.49 22.14
N THR K 114 31.17 47.34 22.81
CA THR K 114 30.11 46.38 22.54
C THR K 114 29.24 46.24 23.77
N VAL K 115 27.93 46.35 23.58
CA VAL K 115 26.94 46.20 24.65
C VAL K 115 26.26 44.85 24.45
N SER K 116 26.55 43.91 25.35
CA SER K 116 25.98 42.57 25.26
C SER K 116 25.78 41.99 26.65
N SER K 117 24.68 41.25 26.80
CA SER K 117 24.45 40.47 28.01
C SER K 117 25.40 39.28 28.12
N ALA K 118 26.05 38.90 27.02
CA ALA K 118 26.89 37.72 27.01
C ALA K 118 28.22 38.00 27.70
N SER K 119 28.85 36.96 28.22
CA SER K 119 30.17 37.09 28.82
C SER K 119 31.23 37.13 27.74
N THR K 120 32.40 37.68 28.09
CA THR K 120 33.52 37.67 27.17
C THR K 120 34.07 36.25 27.03
N LYS K 121 34.77 36.02 25.94
CA LYS K 121 35.43 34.75 25.71
C LYS K 121 36.69 35.02 24.91
N GLY K 122 37.80 34.45 25.37
CA GLY K 122 39.06 34.66 24.73
C GLY K 122 39.19 33.76 23.52
N PRO K 123 40.03 34.16 22.56
CA PRO K 123 40.17 33.36 21.35
C PRO K 123 41.10 32.19 21.58
N SER K 124 40.84 31.12 20.83
CA SER K 124 41.83 30.08 20.63
C SER K 124 42.58 30.39 19.35
N VAL K 125 43.89 30.19 19.38
CA VAL K 125 44.77 30.55 18.27
C VAL K 125 45.52 29.32 17.81
N PHE K 126 45.22 28.88 16.62
CA PHE K 126 45.83 27.74 15.97
C PHE K 126 46.63 28.19 14.77
N PRO K 127 47.69 27.46 14.41
CA PRO K 127 48.50 27.85 13.26
C PRO K 127 47.95 27.32 11.93
N LEU K 128 48.28 28.05 10.87
CA LEU K 128 48.09 27.62 9.50
C LEU K 128 49.49 27.40 8.93
N ALA K 129 49.94 26.15 8.98
CA ALA K 129 51.35 25.88 8.69
C ALA K 129 51.59 25.84 7.18
N PRO K 130 52.69 26.42 6.71
CA PRO K 130 52.99 26.40 5.27
C PRO K 130 53.40 25.00 4.83
N SER K 131 52.78 24.52 3.76
CA SER K 131 53.02 23.18 3.25
C SER K 131 53.53 23.25 1.82
N SER K 132 53.36 22.18 1.05
CA SER K 132 53.53 22.28 -0.39
C SER K 132 52.27 22.80 -1.06
N LYS K 133 51.13 22.65 -0.40
CA LYS K 133 49.86 23.18 -0.90
C LYS K 133 49.74 24.68 -0.70
N SER K 134 50.55 25.25 0.19
CA SER K 134 50.48 26.66 0.54
C SER K 134 51.53 27.50 -0.16
N THR K 135 52.30 26.93 -1.09
CA THR K 135 53.35 27.65 -1.79
C THR K 135 53.08 27.68 -3.29
N SER K 136 53.53 28.77 -3.90
CA SER K 136 53.56 28.90 -5.36
C SER K 136 54.49 30.04 -5.72
N GLY K 137 55.29 29.84 -6.77
CA GLY K 137 56.18 30.89 -7.24
C GLY K 137 57.30 31.26 -6.29
N GLY K 138 57.66 30.38 -5.36
CA GLY K 138 58.65 30.72 -4.36
C GLY K 138 58.13 31.56 -3.23
N THR K 139 56.81 31.63 -3.06
CA THR K 139 56.18 32.44 -2.03
C THR K 139 55.17 31.56 -1.31
N ALA K 140 55.28 31.50 0.01
CA ALA K 140 54.48 30.59 0.81
C ALA K 140 53.53 31.37 1.72
N ALA K 141 52.33 30.85 1.88
CA ALA K 141 51.34 31.45 2.76
C ALA K 141 51.32 30.69 4.08
N LEU K 142 51.17 31.44 5.16
CA LEU K 142 51.05 30.90 6.50
C LEU K 142 50.21 31.87 7.30
N GLY K 143 49.72 31.41 8.45
CA GLY K 143 48.84 32.28 9.18
C GLY K 143 48.47 31.74 10.54
N CYS K 144 47.53 32.44 11.16
CA CYS K 144 46.98 32.10 12.46
C CYS K 144 45.46 32.09 12.35
N LEU K 145 44.85 31.07 12.93
CA LEU K 145 43.41 30.99 13.02
C LEU K 145 43.01 31.40 14.43
N VAL K 146 42.25 32.48 14.53
CA VAL K 146 41.83 33.05 15.80
C VAL K 146 40.35 32.75 15.94
N LYS K 147 40.03 31.71 16.69
CA LYS K 147 38.70 31.11 16.64
C LYS K 147 37.94 31.28 17.96
N ASP K 148 36.63 31.51 17.83
CA ASP K 148 35.67 31.41 18.93
C ASP K 148 35.99 32.42 20.03
N TYR K 149 35.94 33.70 19.66
CA TYR K 149 36.12 34.78 20.61
C TYR K 149 34.92 35.71 20.58
N PHE K 150 34.79 36.50 21.65
CA PHE K 150 33.70 37.46 21.76
C PHE K 150 34.06 38.43 22.87
N PRO K 151 33.81 39.75 22.69
CA PRO K 151 33.31 40.40 21.48
C PRO K 151 34.44 40.81 20.55
N GLU K 152 34.08 41.53 19.48
CA GLU K 152 35.07 42.22 18.70
C GLU K 152 35.64 43.38 19.51
N PRO K 153 36.84 43.86 19.16
CA PRO K 153 37.75 43.36 18.13
C PRO K 153 38.93 42.58 18.66
N VAL K 154 39.68 42.03 17.71
CA VAL K 154 40.93 41.32 17.96
C VAL K 154 42.03 42.07 17.21
N THR K 155 43.22 42.08 17.81
CA THR K 155 44.38 42.73 17.25
C THR K 155 45.41 41.66 16.94
N VAL K 156 45.81 41.57 15.67
CA VAL K 156 46.79 40.58 15.23
C VAL K 156 47.98 41.33 14.65
N SER K 157 49.16 41.04 15.19
CA SER K 157 50.41 41.54 14.67
C SER K 157 51.32 40.35 14.44
N TRP K 158 52.42 40.57 13.72
CA TRP K 158 53.35 39.51 13.41
C TRP K 158 54.75 39.93 13.86
N ASN K 159 55.51 38.95 14.36
CA ASN K 159 56.83 39.16 14.92
C ASN K 159 56.93 40.50 15.65
N SER K 160 56.01 40.75 16.59
CA SER K 160 55.96 41.94 17.43
C SER K 160 55.66 43.21 16.65
N GLY K 161 55.38 43.11 15.35
CA GLY K 161 55.18 44.27 14.52
C GLY K 161 56.32 44.55 13.57
N ALA K 162 57.44 43.82 13.68
CA ALA K 162 58.51 43.97 12.72
C ALA K 162 58.22 43.25 11.41
N LEU K 163 57.06 42.58 11.32
CA LEU K 163 56.60 41.87 10.12
C LEU K 163 55.28 42.50 9.71
N THR K 164 55.37 43.62 9.02
CA THR K 164 54.16 44.30 8.55
C THR K 164 53.87 44.03 7.08
N SER K 165 54.88 43.75 6.28
CA SER K 165 54.71 43.63 4.83
C SER K 165 54.38 42.18 4.47
N GLY K 166 53.21 41.99 3.88
CA GLY K 166 52.77 40.68 3.41
C GLY K 166 51.57 40.15 4.15
N VAL K 167 51.01 40.94 5.05
CA VAL K 167 49.96 40.48 5.97
C VAL K 167 48.59 40.73 5.36
N HIS K 168 47.72 39.73 5.50
CA HIS K 168 46.32 39.82 5.12
C HIS K 168 45.52 39.47 6.36
N THR K 169 44.86 40.46 6.96
CA THR K 169 43.93 40.21 8.04
C THR K 169 42.52 40.20 7.46
N PHE K 170 41.85 39.08 7.60
CA PHE K 170 40.51 39.00 7.05
C PHE K 170 39.52 39.58 8.05
N PRO K 171 38.38 40.07 7.57
CA PRO K 171 37.34 40.51 8.51
C PRO K 171 36.86 39.36 9.37
N ALA K 172 36.43 39.69 10.59
CA ALA K 172 35.86 38.66 11.43
C ALA K 172 34.54 38.17 10.81
N VAL K 173 34.27 36.89 10.98
CA VAL K 173 33.05 36.28 10.47
C VAL K 173 32.36 35.54 11.60
N LEU K 174 31.05 35.72 11.70
CA LEU K 174 30.27 35.28 12.84
C LEU K 174 29.84 33.82 12.64
N GLN K 175 30.21 32.96 13.59
CA GLN K 175 29.93 31.53 13.50
C GLN K 175 28.54 31.18 14.03
N SER K 176 28.17 29.91 13.82
CA SER K 176 26.91 29.39 14.34
C SER K 176 26.91 29.31 15.86
N SER K 177 28.08 29.25 16.49
CA SER K 177 28.16 29.34 17.94
C SER K 177 27.77 30.73 18.44
N GLY K 178 27.66 31.71 17.54
CA GLY K 178 27.44 33.08 17.92
C GLY K 178 28.73 33.83 18.16
N LEU K 179 29.87 33.19 17.94
CA LEU K 179 31.18 33.71 18.27
C LEU K 179 31.93 34.05 16.99
N TYR K 180 32.79 35.07 17.09
CA TYR K 180 33.55 35.53 15.94
C TYR K 180 34.76 34.64 15.69
N SER K 181 35.26 34.73 14.46
CA SER K 181 36.47 34.04 14.04
C SER K 181 37.09 34.84 12.92
N LEU K 182 38.43 34.89 12.89
CA LEU K 182 39.11 35.50 11.77
C LEU K 182 40.42 34.76 11.53
N SER K 183 40.96 34.99 10.35
CA SER K 183 42.27 34.48 9.98
C SER K 183 43.15 35.66 9.61
N SER K 184 44.43 35.55 9.95
CA SER K 184 45.44 36.46 9.45
C SER K 184 46.47 35.62 8.72
N VAL K 185 46.77 36.00 7.49
CA VAL K 185 47.64 35.22 6.63
C VAL K 185 48.80 36.12 6.20
N VAL K 186 49.94 35.48 5.96
CA VAL K 186 51.14 36.18 5.52
C VAL K 186 51.73 35.42 4.34
N THR K 187 52.21 36.17 3.37
CA THR K 187 52.92 35.61 2.23
C THR K 187 54.37 36.06 2.34
N VAL K 188 55.29 35.10 2.27
CA VAL K 188 56.68 35.36 2.62
C VAL K 188 57.60 34.56 1.71
N PRO K 189 58.87 34.95 1.56
CA PRO K 189 59.79 34.14 0.77
C PRO K 189 59.92 32.73 1.34
N SER K 190 59.87 31.74 0.44
CA SER K 190 59.97 30.36 0.89
C SER K 190 61.39 30.02 1.34
N SER K 191 62.39 30.75 0.82
CA SER K 191 63.76 30.58 1.27
C SER K 191 63.88 30.85 2.76
N SER K 192 63.14 31.84 3.27
CA SER K 192 63.23 32.24 4.66
C SER K 192 62.39 31.36 5.59
N LEU K 193 61.89 30.22 5.11
CA LEU K 193 61.00 29.41 5.94
C LEU K 193 61.76 28.59 6.98
N GLY K 194 62.81 27.89 6.57
CA GLY K 194 63.57 27.11 7.54
C GLY K 194 64.33 27.95 8.54
N THR K 195 64.70 29.18 8.15
CA THR K 195 65.49 30.05 9.01
C THR K 195 64.62 30.98 9.86
N GLN K 196 63.72 31.73 9.23
CA GLN K 196 62.95 32.74 9.95
C GLN K 196 61.83 32.12 10.76
N THR K 197 61.60 32.69 11.94
CA THR K 197 60.51 32.29 12.82
C THR K 197 59.37 33.30 12.74
N TYR K 198 58.17 32.80 12.51
CA TYR K 198 56.99 33.63 12.34
C TYR K 198 56.09 33.40 13.54
N ILE K 199 55.80 34.46 14.28
CA ILE K 199 54.99 34.38 15.49
C ILE K 199 53.91 35.44 15.37
N CYS K 200 52.65 35.04 15.57
CA CYS K 200 51.54 35.98 15.52
C CYS K 200 51.12 36.33 16.94
N ASN K 201 50.89 37.62 17.17
CA ASN K 201 50.66 38.15 18.50
C ASN K 201 49.20 38.57 18.57
N VAL K 202 48.37 37.71 19.14
CA VAL K 202 46.95 37.97 19.27
C VAL K 202 46.70 38.64 20.62
N ASN K 203 45.90 39.70 20.61
CA ASN K 203 45.55 40.42 21.82
C ASN K 203 44.06 40.69 21.78
N HIS K 204 43.33 40.10 22.72
CA HIS K 204 41.89 40.30 22.84
C HIS K 204 41.69 41.07 24.15
N LYS K 205 41.43 42.38 24.01
CA LYS K 205 41.43 43.24 25.20
C LYS K 205 40.27 42.96 26.15
N PRO K 206 39.00 42.85 25.69
CA PRO K 206 37.91 42.66 26.66
C PRO K 206 38.07 41.44 27.54
N SER K 207 38.89 40.48 27.14
CA SER K 207 39.18 39.30 27.96
C SER K 207 40.57 39.33 28.59
N ASN K 208 41.30 40.45 28.46
CA ASN K 208 42.67 40.56 28.96
C ASN K 208 43.51 39.38 28.47
N THR K 209 43.41 39.10 27.18
CA THR K 209 44.08 37.97 26.57
C THR K 209 45.19 38.46 25.65
N LYS K 210 46.42 38.13 25.99
CA LYS K 210 47.56 38.23 25.08
C LYS K 210 48.07 36.82 24.85
N VAL K 211 48.15 36.42 23.59
CA VAL K 211 48.72 35.13 23.25
C VAL K 211 49.55 35.31 21.99
N ASP K 212 50.71 34.67 21.98
CA ASP K 212 51.61 34.65 20.84
C ASP K 212 51.78 33.19 20.45
N LYS K 213 51.52 32.87 19.19
CA LYS K 213 51.54 31.49 18.71
C LYS K 213 52.60 31.35 17.63
N LYS K 214 53.52 30.41 17.83
CA LYS K 214 54.59 30.19 16.87
C LYS K 214 54.08 29.33 15.72
N VAL K 215 54.36 29.78 14.49
CA VAL K 215 53.92 29.11 13.28
C VAL K 215 55.16 28.61 12.54
N GLU K 216 55.22 27.31 12.32
CA GLU K 216 56.38 26.69 11.69
C GLU K 216 55.92 25.57 10.76
N PRO K 217 56.72 25.25 9.73
CA PRO K 217 56.26 24.33 8.68
C PRO K 217 56.08 22.87 9.11
N LYS K 218 55.81 22.05 8.10
CA LYS K 218 56.03 20.61 8.11
C LYS K 218 55.66 20.05 6.74
N ASP L 1 21.23 68.35 12.08
CA ASP L 1 20.02 68.79 11.39
C ASP L 1 20.24 68.84 9.88
N ILE L 2 21.41 69.29 9.47
CA ILE L 2 21.70 69.36 8.03
C ILE L 2 22.21 68.00 7.58
N VAL L 3 21.51 67.42 6.59
CA VAL L 3 21.85 66.11 6.04
C VAL L 3 22.75 66.31 4.83
N LEU L 4 23.94 65.74 4.90
CA LEU L 4 24.89 65.75 3.81
C LEU L 4 24.72 64.42 3.08
N THR L 5 24.36 64.48 1.81
CA THR L 5 24.13 63.30 0.99
C THR L 5 25.24 63.23 -0.05
N GLN L 6 26.08 62.21 0.06
CA GLN L 6 27.20 62.03 -0.84
C GLN L 6 26.85 61.10 -1.99
N SER L 7 27.14 61.54 -3.21
CA SER L 7 27.02 60.72 -4.40
C SER L 7 28.34 60.71 -5.14
N PRO L 8 28.76 59.56 -5.68
CA PRO L 8 28.12 58.25 -5.47
C PRO L 8 28.50 57.63 -4.13
N ALA L 9 27.81 56.57 -3.73
CA ALA L 9 28.21 55.86 -2.52
C ALA L 9 29.40 54.95 -2.78
N ILE L 10 29.49 54.37 -3.96
CA ILE L 10 30.57 53.48 -4.34
C ILE L 10 31.02 53.84 -5.75
N MET L 11 32.34 53.84 -5.98
CA MET L 11 32.86 54.11 -7.31
C MET L 11 34.23 53.48 -7.44
N SER L 12 34.61 53.23 -8.69
CA SER L 12 35.91 52.66 -9.02
C SER L 12 36.55 53.53 -10.09
N ALA L 13 37.88 53.48 -10.14
CA ALA L 13 38.61 54.37 -11.03
C ALA L 13 39.94 53.75 -11.43
N SER L 14 40.28 53.88 -12.71
CA SER L 14 41.58 53.43 -13.15
C SER L 14 42.64 54.47 -12.78
N PRO L 15 43.85 54.02 -12.44
CA PRO L 15 44.91 54.97 -12.06
C PRO L 15 45.27 55.90 -13.22
N GLY L 16 45.11 57.20 -12.98
CA GLY L 16 45.25 58.19 -14.04
C GLY L 16 43.97 58.99 -14.24
N GLU L 17 42.84 58.31 -14.16
CA GLU L 17 41.54 58.92 -14.37
C GLU L 17 41.28 60.08 -13.42
N LYS L 18 40.36 60.96 -13.83
CA LYS L 18 39.83 61.99 -12.97
C LYS L 18 38.68 61.45 -12.13
N VAL L 19 38.70 61.78 -10.84
CA VAL L 19 37.69 61.34 -9.89
C VAL L 19 37.01 62.57 -9.29
N THR L 20 35.69 62.52 -9.19
CA THR L 20 34.92 63.60 -8.58
C THR L 20 33.78 62.99 -7.77
N MET L 21 33.59 63.49 -6.55
CA MET L 21 32.49 63.08 -5.69
C MET L 21 31.81 64.33 -5.13
N THR L 22 30.50 64.23 -4.94
CA THR L 22 29.69 65.37 -4.52
C THR L 22 29.17 65.17 -3.10
N CYS L 23 28.65 66.26 -2.54
CA CYS L 23 28.08 66.26 -1.19
C CYS L 23 26.98 67.30 -1.17
N SER L 24 25.73 66.86 -1.11
CA SER L 24 24.57 67.73 -1.25
C SER L 24 23.93 67.94 0.12
N ALA L 25 23.87 69.20 0.54
CA ALA L 25 23.39 69.56 1.87
C ALA L 25 21.90 69.91 1.85
N SER L 26 21.18 69.43 2.87
CA SER L 26 19.75 69.71 2.95
C SER L 26 19.46 71.20 3.06
N SER L 27 20.37 71.98 3.65
CA SER L 27 20.25 73.44 3.70
C SER L 27 21.60 74.05 3.38
N SER L 28 21.65 75.38 3.30
CA SER L 28 22.87 76.08 2.96
C SER L 28 23.94 75.89 4.03
N VAL L 29 25.19 75.92 3.60
CA VAL L 29 26.35 75.79 4.48
C VAL L 29 27.44 76.69 3.94
N SER L 30 28.17 77.37 4.83
CA SER L 30 29.20 78.28 4.38
C SER L 30 30.40 77.51 3.82
N TYR L 31 30.89 76.53 4.56
CA TYR L 31 32.06 75.75 4.19
C TYR L 31 31.76 74.27 4.30
N MET L 32 32.51 73.48 3.55
CA MET L 32 32.42 72.03 3.56
C MET L 32 33.81 71.46 3.82
N HIS L 33 33.88 70.41 4.63
CA HIS L 33 35.15 69.78 4.97
C HIS L 33 35.14 68.34 4.48
N TRP L 34 36.33 67.79 4.25
CA TRP L 34 36.47 66.42 3.76
C TRP L 34 37.50 65.67 4.58
N TYR L 35 37.15 64.46 4.99
CA TYR L 35 38.07 63.57 5.68
C TYR L 35 38.26 62.31 4.86
N GLN L 36 39.42 61.70 5.00
CA GLN L 36 39.77 60.47 4.29
C GLN L 36 39.97 59.37 5.32
N GLN L 37 39.34 58.23 5.08
CA GLN L 37 39.50 57.06 5.93
C GLN L 37 39.89 55.87 5.08
N LYS L 38 41.08 55.34 5.32
CA LYS L 38 41.52 54.10 4.70
C LYS L 38 41.16 52.93 5.61
N SER L 39 41.03 51.76 5.00
CA SER L 39 40.57 50.57 5.71
C SER L 39 41.40 50.32 6.96
N GLY L 40 40.71 50.07 8.08
CA GLY L 40 41.38 49.81 9.34
C GLY L 40 42.20 50.95 9.89
N THR L 41 41.80 52.20 9.59
CA THR L 41 42.41 53.36 10.21
C THR L 41 41.34 54.38 10.53
N SER L 42 41.71 55.37 11.33
CA SER L 42 40.80 56.45 11.66
C SER L 42 40.81 57.50 10.56
N PRO L 43 39.76 58.32 10.48
CA PRO L 43 39.74 59.39 9.47
C PRO L 43 40.88 60.37 9.71
N LYS L 44 41.19 61.12 8.65
CA LYS L 44 42.19 62.17 8.70
C LYS L 44 41.66 63.35 7.89
N ARG L 45 41.90 64.56 8.38
CA ARG L 45 41.42 65.74 7.67
C ARG L 45 42.14 65.86 6.34
N TRP L 46 41.37 66.24 5.31
CA TRP L 46 41.86 66.19 3.94
C TRP L 46 41.71 67.54 3.25
N ILE L 47 40.51 68.11 3.32
CA ILE L 47 40.23 69.42 2.76
C ILE L 47 39.45 70.22 3.80
N TYR L 48 39.85 71.47 4.01
CA TYR L 48 39.12 72.36 4.90
C TYR L 48 38.75 73.65 4.17
N ASP L 49 37.76 74.33 4.71
CA ASP L 49 37.20 75.55 4.12
C ASP L 49 36.94 75.36 2.63
N THR L 50 36.20 74.31 2.32
CA THR L 50 35.73 73.99 0.97
C THR L 50 36.87 73.62 0.01
N SER L 51 37.86 74.49 -0.15
CA SER L 51 38.85 74.31 -1.20
C SER L 51 40.27 74.09 -0.72
N LYS L 52 40.60 74.38 0.54
CA LYS L 52 41.98 74.36 1.00
C LYS L 52 42.38 72.97 1.48
N LEU L 53 43.50 72.47 0.97
CA LEU L 53 44.01 71.16 1.32
C LEU L 53 44.69 71.20 2.69
N ALA L 54 44.61 70.08 3.40
CA ALA L 54 45.29 69.98 4.68
C ALA L 54 46.78 69.74 4.44
N SER L 55 47.56 69.85 5.51
CA SER L 55 48.99 69.66 5.36
C SER L 55 49.29 68.20 5.08
N GLY L 56 50.01 67.95 3.98
CA GLY L 56 50.32 66.60 3.53
C GLY L 56 49.52 66.12 2.33
N VAL L 57 48.45 66.81 1.95
CA VAL L 57 47.56 66.32 0.89
C VAL L 57 48.17 66.61 -0.48
N PRO L 58 48.27 65.61 -1.35
CA PRO L 58 48.82 65.83 -2.70
C PRO L 58 47.97 66.79 -3.52
N ALA L 59 48.63 67.46 -4.48
CA ALA L 59 48.00 68.52 -5.26
C ALA L 59 46.95 68.00 -6.23
N ARG L 60 46.96 66.71 -6.55
CA ARG L 60 45.91 66.14 -7.40
C ARG L 60 44.52 66.29 -6.79
N PHE L 61 44.44 66.47 -5.47
CA PHE L 61 43.18 66.73 -4.80
C PHE L 61 42.82 68.21 -4.90
N SER L 62 41.51 68.47 -4.95
CA SER L 62 40.98 69.83 -4.94
C SER L 62 39.52 69.77 -4.56
N GLY L 63 39.04 70.85 -3.97
CA GLY L 63 37.67 70.90 -3.46
C GLY L 63 36.96 72.16 -3.93
N SER L 64 35.68 72.01 -4.26
CA SER L 64 34.88 73.11 -4.77
C SER L 64 33.46 73.00 -4.21
N GLY L 65 32.67 74.03 -4.47
CA GLY L 65 31.26 74.03 -4.14
C GLY L 65 30.83 75.33 -3.48
N SER L 66 29.51 75.49 -3.43
CA SER L 66 28.89 76.62 -2.75
C SER L 66 27.46 76.24 -2.43
N GLY L 67 26.86 76.99 -1.49
CA GLY L 67 25.46 76.80 -1.17
C GLY L 67 25.13 75.42 -0.63
N THR L 68 24.51 74.60 -1.47
CA THR L 68 24.09 73.25 -1.07
C THR L 68 24.79 72.16 -1.87
N SER L 69 25.76 72.50 -2.72
CA SER L 69 26.44 71.52 -3.56
C SER L 69 27.94 71.76 -3.50
N TYR L 70 28.66 70.78 -2.96
CA TYR L 70 30.11 70.83 -2.85
C TYR L 70 30.69 69.57 -3.50
N SER L 71 31.99 69.63 -3.80
CA SER L 71 32.63 68.56 -4.56
C SER L 71 34.07 68.37 -4.11
N LEU L 72 34.52 67.12 -4.19
CA LEU L 72 35.93 66.76 -4.03
C LEU L 72 36.40 66.07 -5.31
N THR L 73 37.58 66.44 -5.78
CA THR L 73 38.07 65.96 -7.08
C THR L 73 39.50 65.47 -6.99
N ILE L 74 39.80 64.41 -7.75
CA ILE L 74 41.16 63.92 -7.97
C ILE L 74 41.41 63.95 -9.48
N SER L 75 42.43 64.71 -9.90
CA SER L 75 42.71 64.82 -11.33
C SER L 75 43.33 63.55 -11.88
N SER L 76 44.36 63.04 -11.20
CA SER L 76 45.06 61.81 -11.61
C SER L 76 45.01 60.83 -10.45
N MET L 77 43.98 59.98 -10.44
CA MET L 77 43.83 58.93 -9.44
C MET L 77 45.10 58.10 -9.30
N GLU L 78 45.43 57.74 -8.06
CA GLU L 78 46.54 56.86 -7.74
C GLU L 78 46.05 55.77 -6.80
N ALA L 79 46.87 54.72 -6.63
CA ALA L 79 46.50 53.60 -5.77
C ALA L 79 46.29 54.05 -4.33
N GLU L 80 47.19 54.87 -3.82
CA GLU L 80 47.13 55.37 -2.44
C GLU L 80 45.89 56.20 -2.16
N ASP L 81 45.13 56.59 -3.18
CA ASP L 81 43.93 57.38 -2.98
C ASP L 81 42.69 56.54 -2.73
N ALA L 82 42.78 55.21 -2.86
CA ALA L 82 41.68 54.33 -2.52
C ALA L 82 41.37 54.43 -1.04
N ALA L 83 40.16 54.91 -0.72
CA ALA L 83 39.73 55.14 0.65
C ALA L 83 38.27 55.58 0.67
N THR L 84 37.73 55.82 1.87
CA THR L 84 36.40 56.37 2.02
C THR L 84 36.52 57.85 2.38
N TYR L 85 35.66 58.67 1.77
CA TYR L 85 35.75 60.12 1.87
C TYR L 85 34.44 60.66 2.43
N TYR L 86 34.51 61.36 3.55
CA TYR L 86 33.35 61.91 4.23
C TYR L 86 33.37 63.43 4.14
N CYS L 87 32.19 64.03 3.94
CA CYS L 87 32.04 65.47 4.01
C CYS L 87 31.43 65.86 5.35
N GLN L 88 31.78 67.05 5.84
CA GLN L 88 31.38 67.51 7.17
C GLN L 88 31.08 69.00 7.12
N GLN L 89 30.22 69.46 8.03
CA GLN L 89 29.90 70.89 8.13
C GLN L 89 29.84 71.35 9.58
N TRP L 90 30.20 72.62 9.79
CA TRP L 90 29.92 73.33 11.03
C TRP L 90 28.83 74.39 10.91
N SER L 91 28.52 74.86 9.69
CA SER L 91 27.66 76.02 9.49
C SER L 91 26.47 76.05 10.43
N SER L 92 25.69 74.97 10.48
CA SER L 92 24.61 74.81 11.44
C SER L 92 24.99 73.70 12.40
N ASN L 93 25.02 74.02 13.68
CA ASN L 93 25.24 72.97 14.66
C ASN L 93 23.92 72.23 14.92
N PRO L 94 23.98 70.92 15.21
CA PRO L 94 25.20 70.11 15.38
C PRO L 94 25.93 69.84 14.07
N PRO L 95 27.26 69.73 14.15
CA PRO L 95 28.03 69.25 13.00
C PRO L 95 27.50 67.90 12.53
N THR L 96 27.49 67.72 11.21
CA THR L 96 27.00 66.50 10.62
C THR L 96 27.98 66.01 9.57
N PHE L 97 27.96 64.70 9.35
CA PHE L 97 28.83 64.07 8.36
C PHE L 97 27.98 63.47 7.24
N GLY L 98 28.66 63.12 6.15
CA GLY L 98 28.02 62.39 5.08
C GLY L 98 28.10 60.90 5.31
N ALA L 99 27.39 60.14 4.47
CA ALA L 99 27.42 58.70 4.58
C ALA L 99 28.71 58.10 4.05
N GLY L 100 29.50 58.89 3.32
CA GLY L 100 30.77 58.44 2.79
C GLY L 100 30.68 58.14 1.31
N THR L 101 31.80 58.33 0.62
CA THR L 101 32.02 57.82 -0.73
C THR L 101 33.23 56.91 -0.68
N LYS L 102 33.03 55.64 -1.06
CA LYS L 102 34.11 54.67 -1.07
C LYS L 102 34.75 54.69 -2.45
N LEU L 103 36.04 54.96 -2.50
CA LEU L 103 36.78 55.06 -3.75
C LEU L 103 37.67 53.84 -3.85
N GLU L 104 37.35 52.96 -4.80
CA GLU L 104 38.09 51.73 -5.05
C GLU L 104 38.88 51.87 -6.34
N LEU L 105 39.77 50.91 -6.56
CA LEU L 105 40.60 50.89 -7.75
C LEU L 105 40.01 49.94 -8.79
N LYS L 106 40.04 50.36 -10.04
CA LYS L 106 39.71 49.47 -11.14
C LYS L 106 40.95 48.70 -11.58
N ARG L 107 40.72 47.58 -12.25
CA ARG L 107 41.83 46.68 -12.54
C ARG L 107 41.35 45.62 -13.52
N THR L 108 42.30 45.01 -14.22
CA THR L 108 42.01 43.90 -15.10
C THR L 108 41.69 42.64 -14.29
N VAL L 109 41.07 41.67 -14.96
CA VAL L 109 40.78 40.40 -14.31
C VAL L 109 42.07 39.79 -13.78
N ALA L 110 41.96 39.07 -12.68
CA ALA L 110 43.07 38.30 -12.14
C ALA L 110 42.53 36.99 -11.58
N ALA L 111 43.17 35.91 -11.94
CA ALA L 111 42.67 34.66 -11.40
C ALA L 111 43.29 34.41 -10.03
N PRO L 112 42.57 33.77 -9.11
CA PRO L 112 43.11 33.57 -7.76
C PRO L 112 44.06 32.39 -7.69
N SER L 113 45.07 32.54 -6.83
CA SER L 113 45.90 31.43 -6.39
C SER L 113 45.22 30.75 -5.21
N VAL L 114 45.03 29.43 -5.32
CA VAL L 114 44.28 28.69 -4.32
C VAL L 114 45.25 27.88 -3.48
N PHE L 115 45.08 27.96 -2.16
CA PHE L 115 45.85 27.22 -1.18
C PHE L 115 44.87 26.56 -0.21
N ILE L 116 45.24 25.39 0.28
CA ILE L 116 44.47 24.72 1.32
C ILE L 116 45.38 24.44 2.50
N PHE L 117 44.82 24.59 3.71
CA PHE L 117 45.53 24.35 4.95
C PHE L 117 44.80 23.24 5.68
N PRO L 118 45.49 22.16 6.06
CA PRO L 118 44.85 21.13 6.87
C PRO L 118 44.75 21.59 8.31
N PRO L 119 43.86 21.00 9.11
CA PRO L 119 43.72 21.44 10.49
C PRO L 119 44.95 21.09 11.32
N SER L 120 45.27 21.99 12.25
CA SER L 120 46.44 21.83 13.10
C SER L 120 46.23 20.70 14.10
N ASP L 121 47.34 20.14 14.57
CA ASP L 121 47.26 19.08 15.57
C ASP L 121 46.73 19.63 16.90
N GLU L 122 47.05 20.87 17.23
CA GLU L 122 46.52 21.48 18.45
C GLU L 122 45.01 21.61 18.41
N GLN L 123 44.46 21.96 17.25
CA GLN L 123 43.01 22.10 17.13
C GLN L 123 42.32 20.75 17.18
N LEU L 124 42.85 19.75 16.47
CA LEU L 124 42.24 18.42 16.47
C LEU L 124 42.18 17.83 17.87
N LYS L 125 43.20 18.11 18.68
CA LYS L 125 43.22 17.62 20.06
C LYS L 125 42.06 18.17 20.88
N SER L 126 41.68 19.43 20.64
CA SER L 126 40.55 20.01 21.37
C SER L 126 39.20 19.46 20.92
N GLY L 127 39.16 18.70 19.83
CA GLY L 127 37.94 18.07 19.37
C GLY L 127 37.21 18.76 18.24
N THR L 128 37.84 19.69 17.54
CA THR L 128 37.24 20.34 16.38
C THR L 128 38.29 20.44 15.29
N ALA L 129 37.84 20.55 14.04
CA ALA L 129 38.72 20.62 12.89
C ALA L 129 38.28 21.76 11.98
N SER L 130 39.22 22.67 11.69
CA SER L 130 39.00 23.76 10.75
C SER L 130 39.87 23.56 9.53
N VAL L 131 39.24 23.46 8.36
CA VAL L 131 39.93 23.40 7.09
C VAL L 131 39.75 24.74 6.40
N VAL L 132 40.87 25.38 6.06
CA VAL L 132 40.88 26.73 5.51
C VAL L 132 41.25 26.65 4.03
N CYS L 133 40.51 27.38 3.21
CA CYS L 133 40.79 27.51 1.78
C CYS L 133 41.05 28.98 1.49
N LEU L 134 42.23 29.28 0.95
CA LEU L 134 42.66 30.65 0.73
C LEU L 134 42.71 30.94 -0.77
N LEU L 135 42.03 31.99 -1.19
CA LEU L 135 42.10 32.51 -2.55
C LEU L 135 42.88 33.81 -2.52
N ASN L 136 44.00 33.87 -3.22
CA ASN L 136 44.94 34.98 -3.11
C ASN L 136 45.01 35.73 -4.43
N ASN L 137 44.89 37.07 -4.34
CA ASN L 137 45.23 38.00 -5.41
C ASN L 137 44.39 37.76 -6.67
N PHE L 138 43.10 38.07 -6.56
CA PHE L 138 42.20 37.97 -7.70
C PHE L 138 41.37 39.25 -7.82
N TYR L 139 40.73 39.39 -8.99
CA TYR L 139 39.83 40.49 -9.30
C TYR L 139 38.94 39.99 -10.43
N PRO L 140 37.62 40.23 -10.39
CA PRO L 140 36.87 40.96 -9.36
C PRO L 140 36.53 40.14 -8.10
N ARG L 141 35.88 40.80 -7.15
CA ARG L 141 35.61 40.21 -5.83
C ARG L 141 34.74 38.95 -5.92
N GLU L 142 33.86 38.85 -6.92
CA GLU L 142 32.92 37.74 -7.01
C GLU L 142 33.66 36.43 -7.28
N ALA L 143 33.68 35.54 -6.28
CA ALA L 143 34.32 34.24 -6.42
C ALA L 143 33.51 33.19 -5.66
N LYS L 144 33.38 32.01 -6.26
CA LYS L 144 32.57 30.92 -5.72
C LYS L 144 33.46 29.78 -5.24
N VAL L 145 33.34 29.45 -3.96
CA VAL L 145 34.07 28.34 -3.33
C VAL L 145 33.09 27.23 -2.99
N GLN L 146 33.41 26.00 -3.38
CA GLN L 146 32.63 24.81 -3.04
C GLN L 146 33.54 23.84 -2.30
N TRP L 147 33.04 23.29 -1.20
CA TRP L 147 33.76 22.27 -0.47
C TRP L 147 33.31 20.89 -0.89
N LYS L 148 34.26 19.96 -0.98
CA LYS L 148 33.99 18.59 -1.38
C LYS L 148 34.82 17.67 -0.49
N VAL L 149 34.15 16.87 0.32
CA VAL L 149 34.79 15.89 1.18
C VAL L 149 34.41 14.51 0.64
N ASP L 150 35.42 13.77 0.18
CA ASP L 150 35.18 12.51 -0.54
C ASP L 150 34.15 12.72 -1.64
N ASN L 151 34.29 13.84 -2.35
CA ASN L 151 33.41 14.29 -3.43
C ASN L 151 32.00 14.62 -2.95
N ALA L 152 31.75 14.66 -1.64
CA ALA L 152 30.44 14.99 -1.12
C ALA L 152 30.35 16.49 -0.95
N LEU L 153 29.50 17.13 -1.75
CA LEU L 153 29.37 18.59 -1.76
C LEU L 153 28.72 19.07 -0.46
N GLN L 154 29.53 19.63 0.44
CA GLN L 154 29.02 20.23 1.66
C GLN L 154 28.40 21.60 1.39
N SER L 155 27.53 22.02 2.31
CA SER L 155 26.80 23.27 2.18
C SER L 155 26.31 23.68 3.56
N GLY L 156 26.51 24.95 3.90
CA GLY L 156 26.02 25.50 5.15
C GLY L 156 26.88 25.29 6.36
N ASN L 157 28.06 24.68 6.22
CA ASN L 157 28.96 24.49 7.34
C ASN L 157 30.27 25.22 7.13
N SER L 158 30.26 26.27 6.31
CA SER L 158 31.47 27.00 5.98
C SER L 158 31.14 28.47 5.80
N GLN L 159 32.11 29.32 6.13
CA GLN L 159 31.93 30.76 6.05
C GLN L 159 33.10 31.40 5.32
N GLU L 160 32.79 32.42 4.53
CA GLU L 160 33.78 33.15 3.76
C GLU L 160 34.04 34.50 4.38
N SER L 161 35.26 34.99 4.19
CA SER L 161 35.64 36.34 4.55
C SER L 161 36.54 36.86 3.45
N VAL L 162 36.33 38.10 3.05
CA VAL L 162 37.06 38.69 1.93
C VAL L 162 37.78 39.93 2.42
N THR L 163 39.02 40.11 1.96
CA THR L 163 39.81 41.25 2.35
C THR L 163 39.34 42.51 1.65
N GLU L 164 39.81 43.64 2.16
CA GLU L 164 39.67 44.87 1.41
C GLU L 164 40.64 44.85 0.24
N GLN L 165 40.35 45.64 -0.78
CA GLN L 165 41.18 45.65 -1.97
C GLN L 165 42.60 46.04 -1.60
N ASP L 166 43.57 45.22 -2.01
CA ASP L 166 44.95 45.53 -1.67
C ASP L 166 45.38 46.73 -2.50
N SER L 167 45.77 47.82 -1.83
CA SER L 167 46.16 49.02 -2.54
C SER L 167 47.39 48.81 -3.42
N LYS L 168 48.21 47.81 -3.12
CA LYS L 168 49.40 47.55 -3.90
C LYS L 168 49.00 47.07 -5.31
N ASP L 169 48.50 45.84 -5.41
CA ASP L 169 48.17 45.26 -6.70
C ASP L 169 46.67 45.33 -7.02
N SER L 170 45.89 46.05 -6.23
CA SER L 170 44.47 46.33 -6.48
C SER L 170 43.63 45.05 -6.58
N THR L 171 44.08 43.99 -5.92
CA THR L 171 43.41 42.70 -5.92
C THR L 171 42.73 42.43 -4.59
N TYR L 172 41.93 41.37 -4.56
CA TYR L 172 41.26 40.92 -3.35
C TYR L 172 41.84 39.57 -2.92
N SER L 173 41.55 39.20 -1.67
CA SER L 173 41.84 37.87 -1.17
C SER L 173 40.65 37.37 -0.36
N LEU L 174 40.50 36.04 -0.31
CA LEU L 174 39.37 35.41 0.35
C LEU L 174 39.82 34.15 1.06
N SER L 175 39.27 33.91 2.25
CA SER L 175 39.47 32.67 2.99
C SER L 175 38.11 32.04 3.24
N SER L 176 37.93 30.82 2.75
CA SER L 176 36.79 29.99 3.11
C SER L 176 37.21 29.03 4.21
N THR L 177 36.40 28.95 5.26
CA THR L 177 36.70 28.13 6.42
C THR L 177 35.62 27.06 6.57
N LEU L 178 36.03 25.80 6.44
CA LEU L 178 35.15 24.65 6.60
C LEU L 178 35.36 24.08 8.00
N THR L 179 34.32 24.12 8.82
CA THR L 179 34.39 23.68 10.20
C THR L 179 33.69 22.34 10.37
N LEU L 180 34.40 21.36 10.91
CA LEU L 180 33.85 20.06 11.19
C LEU L 180 34.15 19.68 12.63
N SER L 181 33.44 18.68 13.11
CA SER L 181 33.81 18.06 14.36
C SER L 181 34.97 17.11 14.13
N LYS L 182 35.75 16.87 15.19
CA LYS L 182 36.90 15.99 15.07
C LYS L 182 36.48 14.61 14.58
N ALA L 183 35.32 14.13 15.02
CA ALA L 183 34.77 12.87 14.51
C ALA L 183 34.48 12.97 13.01
N ASP L 184 33.78 14.03 12.59
CA ASP L 184 33.43 14.17 11.18
C ASP L 184 34.67 14.29 10.32
N TYR L 185 35.68 15.00 10.82
CA TYR L 185 36.94 15.13 10.09
C TYR L 185 37.55 13.76 9.82
N GLU L 186 37.57 12.90 10.84
CA GLU L 186 38.21 11.59 10.73
C GLU L 186 37.34 10.55 10.05
N LYS L 187 36.04 10.81 9.88
CA LYS L 187 35.21 9.88 9.11
C LYS L 187 35.63 9.85 7.64
N HIS L 188 35.97 11.01 7.08
CA HIS L 188 36.24 11.14 5.66
C HIS L 188 37.74 11.27 5.40
N LYS L 189 38.12 11.09 4.14
CA LYS L 189 39.51 10.94 3.71
C LYS L 189 40.02 12.10 2.85
N VAL L 190 39.30 12.48 1.79
CA VAL L 190 39.77 13.47 0.84
C VAL L 190 39.04 14.78 1.08
N TYR L 191 39.80 15.87 1.23
CA TYR L 191 39.25 17.19 1.48
C TYR L 191 39.64 18.11 0.33
N ALA L 192 38.66 18.72 -0.31
CA ALA L 192 38.87 19.41 -1.57
C ALA L 192 38.14 20.76 -1.59
N CYS L 193 38.76 21.72 -2.27
CA CYS L 193 38.24 23.08 -2.40
C CYS L 193 38.18 23.45 -3.87
N GLU L 194 36.97 23.67 -4.40
CA GLU L 194 36.76 23.92 -5.83
C GLU L 194 36.35 25.37 -6.04
N VAL L 195 37.25 26.15 -6.66
CA VAL L 195 37.06 27.58 -6.87
C VAL L 195 36.61 27.84 -8.30
N THR L 196 35.56 28.65 -8.45
CA THR L 196 35.13 29.18 -9.74
C THR L 196 35.19 30.70 -9.69
N HIS L 197 35.61 31.30 -10.80
CA HIS L 197 35.85 32.73 -10.86
C HIS L 197 35.92 33.14 -12.32
N GLN L 198 35.58 34.40 -12.59
CA GLN L 198 35.50 34.86 -13.98
C GLN L 198 36.85 34.79 -14.68
N GLY L 199 37.94 34.89 -13.93
CA GLY L 199 39.27 34.75 -14.51
C GLY L 199 39.65 33.33 -14.84
N LEU L 200 38.84 32.35 -14.45
CA LEU L 200 39.12 30.95 -14.73
C LEU L 200 38.13 30.44 -15.77
N ARG L 201 38.65 29.83 -16.84
CA ARG L 201 37.76 29.16 -17.79
C ARG L 201 37.13 27.93 -17.15
N SER L 202 37.90 27.19 -16.36
CA SER L 202 37.42 26.00 -15.69
C SER L 202 37.84 26.05 -14.23
N PRO L 203 37.03 25.47 -13.33
CA PRO L 203 37.31 25.60 -11.90
C PRO L 203 38.61 24.92 -11.48
N VAL L 204 39.35 25.61 -10.62
CA VAL L 204 40.60 25.10 -10.04
C VAL L 204 40.28 24.49 -8.69
N THR L 205 40.79 23.28 -8.45
CA THR L 205 40.53 22.54 -7.23
C THR L 205 41.84 22.23 -6.51
N LYS L 206 41.91 22.62 -5.23
CA LYS L 206 42.99 22.19 -4.34
C LYS L 206 42.41 21.23 -3.31
N SER L 207 43.19 20.21 -2.95
CA SER L 207 42.72 19.17 -2.06
C SER L 207 43.90 18.62 -1.28
N PHE L 208 43.60 17.79 -0.29
CA PHE L 208 44.64 17.07 0.44
C PHE L 208 44.05 15.79 1.01
N ASN L 209 44.94 14.85 1.32
CA ASN L 209 44.58 13.63 2.01
C ASN L 209 44.99 13.74 3.47
N ARG L 210 44.14 13.22 4.37
CA ARG L 210 44.42 13.30 5.79
C ARG L 210 45.66 12.51 6.15
N GLY L 211 46.71 13.21 6.59
CA GLY L 211 47.96 12.57 6.95
C GLY L 211 48.89 12.39 5.76
#